data_4ADJ
#
_entry.id   4ADJ
#
_cell.length_a   121.875
_cell.length_b   126.899
_cell.length_c   130.946
_cell.angle_alpha   90.00
_cell.angle_beta   90.00
_cell.angle_gamma   90.00
#
_symmetry.space_group_name_H-M   'P 21 21 21'
#
loop_
_entity.id
_entity.type
_entity.pdbx_description
1 polymer 'E1 ENVELOPE GLYCOPROTEIN'
2 non-polymer 2-acetamido-2-deoxy-beta-D-glucopyranose
3 non-polymer GLYCEROL
4 non-polymer 'SODIUM ION'
5 non-polymer 'CALCIUM ION'
6 non-polymer 'ACETATE ION'
7 water water
#
_entity_poly.entity_id   1
_entity_poly.type   'polypeptide(L)'
_entity_poly.pdbx_seq_one_letter_code
;EEAFTYLCTAPGCATQTPVPVRLAGVRFESKIVDGGCFAPWDLEATGACICEIPTDVSCEGLGAWVPTAPCARIWNGTQR
ACTFWAVNAYSSGGYAQLASYFNPGGSYYKQYHPTACEVEPAFGHSDAACWGFPTDTVMSVFALASYVQHPHKTVRVKFH
TETRTVWQLSVAGVSCNVTTEHPFCNTPHGQLEVQVPPDPGDLVEYIMNYTGNQQSRWGLGSPNCHGPDWASPVCQRHSP
DCSRLVGATPERPRLRLVDADDPLLRTAPGPGEVWVTPVIGSQARKCGLHIRAGPYGHATVEMPEWIHAHTTSDPWHPPG
PLGLKFKTVRPVALPRALAPPRNVRVTGCYQCGTPALVEGLAPGGGNCHLTVNGEDVGAFPPGKFVTAALLNTPPPYQVS
CGGESDRASARVIDPAAQSFTGVVYGTHTTAVSETRFEDDDDKAGWSHPQFEKGGGSGGGSGGGSWSHPQFEK
;
_entity_poly.pdbx_strand_id   A,B,C
#
loop_
_chem_comp.id
_chem_comp.type
_chem_comp.name
_chem_comp.formula
ACT non-polymer 'ACETATE ION' 'C2 H3 O2 -1'
CA non-polymer 'CALCIUM ION' 'Ca 2'
GOL non-polymer GLYCEROL 'C3 H8 O3'
NA non-polymer 'SODIUM ION' 'Na 1'
NAG D-saccharide, beta linking 2-acetamido-2-deoxy-beta-D-glucopyranose 'C8 H15 N O6'
#
# COMPACT_ATOMS: atom_id res chain seq x y z
N GLU A 2 8.99 18.16 48.14
CA GLU A 2 8.85 17.35 46.94
C GLU A 2 8.64 15.87 47.28
N ALA A 3 7.66 15.22 46.62
CA ALA A 3 7.33 13.81 46.85
C ALA A 3 7.09 13.06 45.53
N PHE A 4 7.28 11.73 45.56
CA PHE A 4 7.09 10.87 44.39
C PHE A 4 6.42 9.54 44.72
N THR A 5 5.52 9.08 43.82
CA THR A 5 4.84 7.80 43.91
C THR A 5 4.42 7.29 42.53
N TYR A 6 4.36 5.96 42.35
CA TYR A 6 3.89 5.35 41.11
C TYR A 6 2.41 5.05 41.25
N LEU A 7 1.63 5.33 40.21
CA LEU A 7 0.20 5.03 40.21
C LEU A 7 -0.11 4.04 39.10
N CYS A 8 -0.64 2.85 39.44
CA CYS A 8 -1.00 1.87 38.41
C CYS A 8 -2.20 2.35 37.59
N THR A 9 -2.37 1.78 36.39
CA THR A 9 -3.37 2.23 35.43
C THR A 9 -4.67 1.39 35.33
N ALA A 10 -4.79 0.36 36.18
CA ALA A 10 -5.94 -0.53 36.21
C ALA A 10 -7.11 0.05 37.01
N PRO A 11 -8.39 -0.35 36.75
CA PRO A 11 -9.50 0.14 37.58
C PRO A 11 -9.31 -0.29 39.04
N GLY A 12 -9.48 0.66 39.96
CA GLY A 12 -9.30 0.43 41.39
C GLY A 12 -7.98 0.95 41.93
N CYS A 13 -7.05 1.31 41.02
CA CYS A 13 -5.72 1.84 41.36
C CYS A 13 -5.82 3.22 42.00
N ALA A 14 -5.15 3.40 43.14
CA ALA A 14 -5.14 4.64 43.91
C ALA A 14 -3.92 4.71 44.82
N THR A 15 -3.40 5.93 45.02
CA THR A 15 -2.30 6.24 45.94
C THR A 15 -2.89 7.14 47.01
N GLN A 16 -2.29 7.17 48.21
CA GLN A 16 -2.83 7.95 49.32
C GLN A 16 -2.00 9.14 49.77
N THR A 17 -0.66 9.05 49.64
CA THR A 17 0.25 10.09 50.10
C THR A 17 1.04 10.79 48.98
N PRO A 18 1.34 12.11 49.07
CA PRO A 18 0.95 13.07 50.13
C PRO A 18 -0.50 13.52 50.06
N VAL A 19 -1.10 13.40 48.85
CA VAL A 19 -2.49 13.73 48.53
C VAL A 19 -3.04 12.53 47.73
N PRO A 20 -4.26 12.02 48.03
CA PRO A 20 -4.77 10.86 47.29
C PRO A 20 -5.07 11.14 45.83
N VAL A 21 -4.62 10.24 44.96
CA VAL A 21 -4.82 10.31 43.52
C VAL A 21 -5.43 8.97 43.11
N ARG A 22 -6.61 9.01 42.50
CA ARG A 22 -7.35 7.84 42.06
C ARG A 22 -7.40 7.81 40.53
N LEU A 23 -7.16 6.63 39.93
CA LEU A 23 -7.27 6.44 38.48
C LEU A 23 -8.77 6.24 38.25
N ALA A 24 -9.46 7.29 37.76
CA ALA A 24 -10.90 7.28 37.53
C ALA A 24 -11.31 6.56 36.23
N GLY A 25 -10.43 6.58 35.25
CA GLY A 25 -10.67 5.95 33.95
C GLY A 25 -9.59 6.25 32.93
N VAL A 26 -9.66 5.56 31.78
CA VAL A 26 -8.72 5.72 30.68
C VAL A 26 -9.52 5.92 29.38
N ARG A 27 -9.25 7.02 28.67
CA ARG A 27 -9.88 7.31 27.38
C ARG A 27 -8.80 7.84 26.42
N PHE A 28 -9.20 8.43 25.29
CA PHE A 28 -8.24 8.96 24.34
C PHE A 28 -8.75 10.15 23.56
N GLU A 29 -7.83 10.98 23.08
CA GLU A 29 -8.08 12.12 22.21
C GLU A 29 -7.38 11.80 20.91
N SER A 30 -7.89 12.29 19.79
CA SER A 30 -7.28 12.07 18.47
C SER A 30 -7.77 13.08 17.46
N LYS A 31 -7.14 13.08 16.28
CA LYS A 31 -7.56 13.87 15.14
C LYS A 31 -8.08 12.83 14.15
N ILE A 32 -9.40 12.76 14.04
CA ILE A 32 -10.12 11.78 13.23
C ILE A 32 -9.96 12.03 11.73
N VAL A 33 -9.77 10.93 10.98
CA VAL A 33 -9.69 10.90 9.52
C VAL A 33 -10.74 9.87 9.09
N ASP A 34 -11.91 10.34 8.65
CA ASP A 34 -12.99 9.46 8.24
C ASP A 34 -12.77 8.98 6.80
N GLY A 35 -12.51 7.68 6.66
CA GLY A 35 -12.26 7.04 5.37
C GLY A 35 -13.51 6.62 4.63
N GLY A 36 -14.67 6.71 5.27
CA GLY A 36 -15.93 6.31 4.68
C GLY A 36 -16.19 4.83 4.83
N CYS A 37 -16.57 4.16 3.72
CA CYS A 37 -16.90 2.72 3.70
C CYS A 37 -15.80 1.86 3.11
N PHE A 38 -15.60 0.68 3.72
CA PHE A 38 -14.63 -0.32 3.28
C PHE A 38 -15.28 -1.69 3.28
N ALA A 39 -14.89 -2.54 2.33
CA ALA A 39 -15.43 -3.88 2.19
C ALA A 39 -14.43 -4.81 1.52
N PRO A 40 -14.51 -6.15 1.69
CA PRO A 40 -13.57 -7.02 0.96
C PRO A 40 -13.90 -7.04 -0.53
N TRP A 41 -12.93 -7.43 -1.37
CA TRP A 41 -13.17 -7.62 -2.79
C TRP A 41 -13.79 -9.00 -2.87
N ASP A 42 -15.13 -9.03 -3.02
CA ASP A 42 -15.92 -10.26 -3.00
C ASP A 42 -16.34 -10.73 -4.40
N LEU A 43 -15.53 -11.61 -5.00
CA LEU A 43 -15.82 -12.18 -6.31
C LEU A 43 -16.96 -13.17 -6.19
N GLU A 44 -18.04 -12.94 -6.94
CA GLU A 44 -19.20 -13.80 -6.98
C GLU A 44 -19.46 -14.18 -8.42
N ALA A 45 -19.77 -15.46 -8.66
CA ALA A 45 -20.03 -15.95 -10.02
C ALA A 45 -21.28 -16.80 -10.11
N THR A 46 -21.92 -16.75 -11.29
CA THR A 46 -23.10 -17.54 -11.63
C THR A 46 -23.04 -17.87 -13.12
N GLY A 47 -24.05 -18.59 -13.59
CA GLY A 47 -24.17 -18.94 -14.99
C GLY A 47 -25.16 -20.06 -15.19
N ALA A 48 -25.10 -20.67 -16.38
CA ALA A 48 -25.95 -21.79 -16.75
C ALA A 48 -25.39 -22.53 -17.93
N CYS A 49 -25.67 -23.83 -17.96
CA CYS A 49 -25.37 -24.71 -19.06
C CYS A 49 -26.74 -24.79 -19.76
N ILE A 50 -26.78 -24.42 -21.05
CA ILE A 50 -28.03 -24.30 -21.79
C ILE A 50 -28.07 -25.19 -23.04
N CYS A 51 -29.08 -26.08 -23.13
CA CYS A 51 -29.23 -26.95 -24.29
C CYS A 51 -30.11 -26.25 -25.34
N GLU A 52 -29.64 -25.08 -25.77
CA GLU A 52 -30.31 -24.16 -26.70
C GLU A 52 -29.29 -23.07 -27.09
N ILE A 53 -29.64 -22.25 -28.09
CA ILE A 53 -28.85 -21.08 -28.50
C ILE A 53 -29.73 -19.85 -28.21
N PRO A 54 -29.71 -19.33 -26.96
CA PRO A 54 -30.55 -18.15 -26.63
C PRO A 54 -30.25 -16.94 -27.50
N THR A 55 -31.29 -16.15 -27.79
CA THR A 55 -31.23 -14.96 -28.63
C THR A 55 -31.12 -13.66 -27.82
N ASP A 56 -31.21 -13.76 -26.47
CA ASP A 56 -31.10 -12.61 -25.59
C ASP A 56 -30.21 -12.96 -24.39
N VAL A 57 -28.93 -12.55 -24.47
CA VAL A 57 -27.93 -12.81 -23.43
C VAL A 57 -27.97 -11.66 -22.42
N SER A 58 -28.86 -11.80 -21.43
CA SER A 58 -29.12 -10.86 -20.32
C SER A 58 -29.81 -11.68 -19.22
N CYS A 59 -29.95 -11.12 -18.00
CA CYS A 59 -30.60 -11.82 -16.89
C CYS A 59 -32.04 -12.22 -17.22
N GLU A 60 -32.82 -11.31 -17.85
CA GLU A 60 -34.20 -11.58 -18.26
C GLU A 60 -34.28 -12.58 -19.41
N GLY A 61 -33.43 -12.38 -20.42
CA GLY A 61 -33.34 -13.24 -21.60
C GLY A 61 -32.90 -14.67 -21.32
N LEU A 62 -32.17 -14.87 -20.20
CA LEU A 62 -31.69 -16.18 -19.78
C LEU A 62 -32.38 -16.71 -18.52
N GLY A 63 -33.53 -16.10 -18.18
CA GLY A 63 -34.35 -16.42 -17.01
C GLY A 63 -34.78 -17.87 -16.88
N ALA A 64 -34.91 -18.58 -18.01
CA ALA A 64 -35.30 -20.00 -18.02
C ALA A 64 -34.18 -20.94 -17.56
N TRP A 65 -32.92 -20.44 -17.44
CA TRP A 65 -31.77 -21.27 -17.07
C TRP A 65 -30.90 -20.73 -15.92
N VAL A 66 -30.59 -19.42 -15.94
CA VAL A 66 -29.71 -18.76 -14.96
C VAL A 66 -30.48 -18.43 -13.65
N PRO A 67 -29.91 -18.74 -12.44
CA PRO A 67 -30.61 -18.38 -11.19
C PRO A 67 -30.89 -16.87 -11.13
N THR A 68 -32.17 -16.51 -10.93
CA THR A 68 -32.71 -15.14 -10.92
C THR A 68 -32.02 -14.13 -10.00
N ALA A 69 -32.07 -14.35 -8.66
CA ALA A 69 -31.47 -13.46 -7.68
C ALA A 69 -29.94 -13.34 -7.85
N PRO A 70 -29.13 -14.43 -7.99
CA PRO A 70 -27.69 -14.25 -8.22
C PRO A 70 -27.36 -13.47 -9.50
N CYS A 71 -28.09 -13.71 -10.63
CA CYS A 71 -27.85 -12.99 -11.89
C CYS A 71 -28.01 -11.48 -11.71
N ALA A 72 -29.15 -11.03 -11.16
CA ALA A 72 -29.46 -9.61 -10.93
C ALA A 72 -28.43 -8.93 -10.05
N ARG A 73 -28.03 -9.59 -8.94
CA ARG A 73 -27.04 -9.07 -8.00
C ARG A 73 -25.65 -8.96 -8.64
N ILE A 74 -25.19 -10.03 -9.32
CA ILE A 74 -23.87 -10.06 -9.97
C ILE A 74 -23.79 -9.09 -11.16
N TRP A 75 -24.87 -8.96 -11.94
CA TRP A 75 -24.94 -8.04 -13.09
C TRP A 75 -24.71 -6.58 -12.65
N ASN A 76 -25.18 -6.22 -11.45
CA ASN A 76 -25.04 -4.88 -10.89
C ASN A 76 -23.72 -4.67 -10.12
N GLY A 77 -22.89 -5.70 -10.04
CA GLY A 77 -21.61 -5.65 -9.33
C GLY A 77 -20.52 -4.84 -10.00
N THR A 78 -19.41 -4.65 -9.29
CA THR A 78 -18.24 -3.91 -9.76
C THR A 78 -17.39 -4.79 -10.68
N GLN A 79 -16.91 -4.20 -11.80
CA GLN A 79 -16.03 -4.84 -12.79
C GLN A 79 -16.65 -6.13 -13.36
N ARG A 80 -17.90 -6.05 -13.80
CA ARG A 80 -18.64 -7.18 -14.34
C ARG A 80 -18.01 -7.76 -15.60
N ALA A 81 -17.97 -9.08 -15.68
CA ALA A 81 -17.52 -9.83 -16.84
C ALA A 81 -18.52 -10.92 -17.11
N CYS A 82 -18.88 -11.12 -18.39
CA CYS A 82 -19.79 -12.17 -18.82
C CYS A 82 -19.48 -12.68 -20.21
N THR A 83 -19.55 -14.00 -20.37
CA THR A 83 -19.27 -14.67 -21.63
C THR A 83 -20.35 -15.67 -21.95
N PHE A 84 -20.72 -15.72 -23.22
CA PHE A 84 -21.68 -16.66 -23.78
C PHE A 84 -20.93 -17.48 -24.82
N TRP A 85 -20.78 -18.79 -24.55
CA TRP A 85 -20.07 -19.69 -25.46
C TRP A 85 -21.05 -20.55 -26.22
N ALA A 86 -20.86 -20.70 -27.54
CA ALA A 86 -21.67 -21.60 -28.34
C ALA A 86 -20.88 -22.90 -28.49
N VAL A 87 -21.30 -23.97 -27.80
CA VAL A 87 -20.63 -25.27 -27.81
C VAL A 87 -21.05 -26.08 -29.04
N ASN A 88 -22.35 -26.10 -29.34
CA ASN A 88 -22.91 -26.76 -30.51
C ASN A 88 -24.09 -25.92 -30.97
N ALA A 89 -23.92 -25.25 -32.11
CA ALA A 89 -24.93 -24.35 -32.67
C ALA A 89 -25.99 -25.09 -33.50
N TYR A 90 -26.94 -24.35 -34.08
CA TYR A 90 -27.99 -24.89 -34.95
C TYR A 90 -27.35 -25.42 -36.23
N SER A 91 -27.77 -26.62 -36.69
CA SER A 91 -27.25 -27.19 -37.92
C SER A 91 -27.96 -26.59 -39.14
N SER A 92 -29.23 -26.18 -38.94
CA SER A 92 -30.09 -25.56 -39.96
C SER A 92 -31.16 -24.68 -39.28
N GLY A 93 -31.78 -23.80 -40.07
CA GLY A 93 -32.83 -22.90 -39.61
C GLY A 93 -32.38 -21.89 -38.58
N GLY A 94 -33.30 -21.53 -37.70
CA GLY A 94 -33.06 -20.55 -36.64
C GLY A 94 -32.92 -19.12 -37.16
N TYR A 95 -32.51 -18.21 -36.27
CA TYR A 95 -32.32 -16.80 -36.58
C TYR A 95 -31.00 -16.35 -35.96
N ALA A 96 -29.94 -16.28 -36.79
CA ALA A 96 -28.55 -15.96 -36.41
C ALA A 96 -28.05 -16.92 -35.30
N GLN A 97 -28.37 -18.23 -35.46
CA GLN A 97 -28.05 -19.28 -34.50
C GLN A 97 -27.15 -20.38 -35.08
N LEU A 98 -26.74 -20.28 -36.36
CA LEU A 98 -25.85 -21.24 -37.01
C LEU A 98 -24.41 -21.03 -36.48
N ALA A 99 -23.52 -22.03 -36.69
CA ALA A 99 -22.12 -21.95 -36.24
C ALA A 99 -21.36 -20.77 -36.86
N SER A 100 -21.71 -20.38 -38.10
CA SER A 100 -21.13 -19.26 -38.86
C SER A 100 -21.32 -17.89 -38.19
N TYR A 101 -22.34 -17.75 -37.32
CA TYR A 101 -22.61 -16.51 -36.58
C TYR A 101 -21.70 -16.38 -35.36
N PHE A 102 -21.03 -17.48 -34.98
CA PHE A 102 -20.12 -17.51 -33.85
C PHE A 102 -18.66 -17.46 -34.28
N ASN A 103 -18.27 -16.34 -34.89
CA ASN A 103 -16.90 -16.04 -35.29
C ASN A 103 -16.20 -15.58 -34.00
N PRO A 104 -14.84 -15.58 -33.87
CA PRO A 104 -14.24 -15.09 -32.61
C PRO A 104 -14.70 -13.67 -32.30
N GLY A 105 -15.26 -13.48 -31.10
CA GLY A 105 -15.82 -12.21 -30.67
C GLY A 105 -17.32 -12.10 -30.89
N GLY A 106 -17.87 -13.03 -31.67
CA GLY A 106 -19.29 -13.16 -31.99
C GLY A 106 -20.00 -11.95 -32.56
N SER A 107 -19.30 -11.16 -33.40
CA SER A 107 -19.86 -9.95 -34.03
C SER A 107 -21.08 -10.24 -34.91
N TYR A 108 -21.07 -11.38 -35.64
CA TYR A 108 -22.18 -11.77 -36.52
C TYR A 108 -23.45 -12.08 -35.72
N TYR A 109 -23.31 -12.80 -34.58
CA TYR A 109 -24.42 -13.12 -33.69
C TYR A 109 -24.96 -11.82 -33.05
N LYS A 110 -24.04 -11.00 -32.48
CA LYS A 110 -24.36 -9.74 -31.79
C LYS A 110 -25.06 -8.69 -32.67
N GLN A 111 -24.87 -8.78 -34.01
CA GLN A 111 -25.48 -7.92 -35.02
C GLN A 111 -27.02 -8.05 -34.97
N TYR A 112 -27.52 -9.30 -34.81
CA TYR A 112 -28.94 -9.63 -34.73
C TYR A 112 -29.40 -9.78 -33.29
N HIS A 113 -28.49 -10.21 -32.40
CA HIS A 113 -28.80 -10.43 -30.98
C HIS A 113 -27.87 -9.64 -30.06
N PRO A 114 -28.11 -8.31 -29.89
CA PRO A 114 -27.23 -7.50 -29.04
C PRO A 114 -27.17 -7.95 -27.58
N THR A 115 -25.99 -7.82 -26.98
CA THR A 115 -25.69 -8.19 -25.59
C THR A 115 -24.47 -7.44 -25.08
N ALA A 116 -24.46 -7.13 -23.77
CA ALA A 116 -23.33 -6.46 -23.10
C ALA A 116 -22.22 -7.47 -22.78
N CYS A 117 -22.49 -8.77 -23.02
CA CYS A 117 -21.58 -9.88 -22.77
C CYS A 117 -20.72 -10.22 -23.96
N GLU A 118 -19.58 -10.88 -23.69
CA GLU A 118 -18.70 -11.37 -24.73
C GLU A 118 -19.33 -12.64 -25.31
N VAL A 119 -19.21 -12.84 -26.62
CA VAL A 119 -19.77 -14.00 -27.33
C VAL A 119 -18.60 -14.70 -28.00
N GLU A 120 -18.43 -16.00 -27.74
CA GLU A 120 -17.30 -16.74 -28.31
C GLU A 120 -17.67 -18.12 -28.82
N PRO A 121 -17.02 -18.61 -29.90
CA PRO A 121 -17.27 -20.00 -30.31
C PRO A 121 -16.60 -20.95 -29.32
N ALA A 122 -17.19 -22.12 -29.08
CA ALA A 122 -16.63 -23.12 -28.19
C ALA A 122 -16.75 -24.52 -28.81
N PHE A 123 -16.76 -24.57 -30.17
CA PHE A 123 -16.84 -25.80 -30.93
C PHE A 123 -15.53 -26.55 -30.70
N GLY A 124 -15.65 -27.83 -30.34
CA GLY A 124 -14.51 -28.66 -29.97
C GLY A 124 -14.60 -29.07 -28.52
N HIS A 125 -15.33 -28.27 -27.70
CA HIS A 125 -15.58 -28.57 -26.30
C HIS A 125 -16.65 -29.67 -26.26
N SER A 126 -16.64 -30.50 -25.21
CA SER A 126 -17.59 -31.61 -25.06
C SER A 126 -19.03 -31.11 -24.92
N ASP A 127 -19.95 -31.68 -25.73
CA ASP A 127 -21.37 -31.35 -25.71
C ASP A 127 -22.20 -32.49 -25.08
N ALA A 128 -21.50 -33.45 -24.42
CA ALA A 128 -22.06 -34.64 -23.77
C ALA A 128 -23.12 -34.33 -22.71
N ALA A 129 -23.00 -33.16 -22.04
CA ALA A 129 -23.94 -32.69 -21.01
C ALA A 129 -25.37 -32.51 -21.54
N CYS A 130 -25.51 -32.20 -22.85
CA CYS A 130 -26.79 -32.01 -23.52
C CYS A 130 -27.12 -33.23 -24.36
N TRP A 131 -28.13 -33.99 -23.93
CA TRP A 131 -28.57 -35.20 -24.62
C TRP A 131 -30.08 -35.21 -24.81
N GLY A 132 -30.58 -36.17 -25.59
CA GLY A 132 -32.00 -36.32 -25.86
C GLY A 132 -32.53 -35.56 -27.06
N PHE A 133 -31.63 -35.14 -27.97
N PHE A 133 -31.64 -35.18 -27.99
CA PHE A 133 -31.99 -34.44 -29.20
CA PHE A 133 -32.01 -34.47 -29.22
C PHE A 133 -32.21 -35.45 -30.34
C PHE A 133 -32.31 -35.47 -30.36
N PRO A 134 -33.33 -35.35 -31.09
N PRO A 134 -33.34 -35.22 -31.21
CA PRO A 134 -33.58 -36.34 -32.16
CA PRO A 134 -33.64 -36.17 -32.30
C PRO A 134 -32.72 -36.22 -33.40
C PRO A 134 -32.51 -36.30 -33.34
N THR A 135 -32.36 -34.98 -33.82
N THR A 135 -31.87 -35.17 -33.70
CA THR A 135 -31.55 -34.77 -35.03
CA THR A 135 -30.76 -35.15 -34.66
C THR A 135 -30.47 -33.70 -34.93
C THR A 135 -29.48 -34.68 -33.94
N ASP A 136 -30.69 -32.63 -34.12
N ASP A 136 -28.96 -33.49 -34.30
CA ASP A 136 -29.74 -31.54 -33.98
CA ASP A 136 -27.75 -32.92 -33.71
C ASP A 136 -29.47 -31.19 -32.51
C ASP A 136 -28.04 -32.25 -32.36
N THR A 137 -28.29 -31.58 -32.02
N THR A 137 -27.02 -32.23 -31.49
CA THR A 137 -27.84 -31.29 -30.65
CA THR A 137 -27.06 -31.60 -30.17
C THR A 137 -27.43 -29.82 -30.58
C THR A 137 -27.00 -30.07 -30.34
N VAL A 138 -28.03 -29.10 -29.64
N VAL A 138 -27.67 -29.33 -29.45
CA VAL A 138 -27.72 -27.68 -29.42
CA VAL A 138 -27.66 -27.86 -29.41
C VAL A 138 -27.25 -27.44 -27.99
C VAL A 138 -27.22 -27.51 -27.98
N MET A 139 -26.14 -26.70 -27.83
CA MET A 139 -25.56 -26.39 -26.52
C MET A 139 -24.82 -25.06 -26.47
N SER A 140 -25.03 -24.33 -25.38
CA SER A 140 -24.35 -23.08 -25.07
C SER A 140 -24.10 -23.00 -23.56
N VAL A 141 -23.14 -22.16 -23.16
CA VAL A 141 -22.77 -21.97 -21.76
C VAL A 141 -22.67 -20.48 -21.49
N PHE A 142 -23.25 -20.04 -20.37
CA PHE A 142 -23.19 -18.66 -19.92
C PHE A 142 -22.50 -18.59 -18.57
N ALA A 143 -21.57 -17.63 -18.42
CA ALA A 143 -20.85 -17.38 -17.17
C ALA A 143 -20.90 -15.89 -16.90
N LEU A 144 -21.12 -15.51 -15.64
CA LEU A 144 -21.22 -14.13 -15.22
C LEU A 144 -20.56 -13.97 -13.86
N ALA A 145 -19.65 -13.00 -13.75
CA ALA A 145 -18.93 -12.73 -12.50
C ALA A 145 -18.61 -11.25 -12.32
N SER A 146 -18.58 -10.81 -11.05
CA SER A 146 -18.26 -9.43 -10.67
C SER A 146 -17.89 -9.38 -9.18
N TYR A 147 -17.46 -8.21 -8.72
CA TYR A 147 -17.14 -7.97 -7.32
C TYR A 147 -18.36 -7.33 -6.69
N VAL A 148 -19.07 -8.14 -5.91
CA VAL A 148 -20.35 -7.80 -5.26
C VAL A 148 -20.14 -7.14 -3.89
N GLN A 149 -21.08 -6.27 -3.50
CA GLN A 149 -21.08 -5.57 -2.23
C GLN A 149 -22.20 -6.08 -1.32
N HIS A 150 -21.86 -7.01 -0.42
CA HIS A 150 -22.85 -7.52 0.53
C HIS A 150 -22.89 -6.55 1.72
N PRO A 151 -24.08 -6.00 2.08
CA PRO A 151 -24.15 -5.01 3.18
C PRO A 151 -23.51 -5.44 4.51
N HIS A 152 -23.60 -6.74 4.86
CA HIS A 152 -23.03 -7.27 6.11
C HIS A 152 -21.49 -7.27 6.14
N LYS A 153 -20.85 -7.15 4.96
CA LYS A 153 -19.40 -7.15 4.81
C LYS A 153 -18.82 -5.72 4.77
N THR A 154 -19.69 -4.69 4.66
CA THR A 154 -19.27 -3.29 4.61
C THR A 154 -19.09 -2.75 6.03
N VAL A 155 -17.97 -2.05 6.25
CA VAL A 155 -17.67 -1.43 7.55
C VAL A 155 -17.30 0.04 7.35
N ARG A 156 -17.72 0.89 8.29
CA ARG A 156 -17.36 2.30 8.29
C ARG A 156 -16.04 2.38 9.04
N VAL A 157 -15.04 3.10 8.50
CA VAL A 157 -13.73 3.16 9.16
C VAL A 157 -13.27 4.60 9.39
N LYS A 158 -12.88 4.88 10.63
CA LYS A 158 -12.29 6.16 11.02
C LYS A 158 -10.87 5.89 11.50
N PHE A 159 -9.91 6.59 10.91
CA PHE A 159 -8.51 6.49 11.29
C PHE A 159 -8.29 7.54 12.36
N HIS A 160 -7.60 7.17 13.44
CA HIS A 160 -7.32 8.07 14.54
C HIS A 160 -5.85 8.44 14.53
N THR A 161 -5.55 9.71 14.28
CA THR A 161 -4.17 10.21 14.20
C THR A 161 -3.92 11.12 15.40
N GLU A 162 -2.64 11.47 15.66
CA GLU A 162 -2.22 12.34 16.78
C GLU A 162 -2.89 11.87 18.09
N THR A 163 -2.97 10.52 18.26
CA THR A 163 -3.61 9.88 19.40
CA THR A 163 -3.63 9.91 19.42
C THR A 163 -2.95 10.27 20.72
N ARG A 164 -3.74 10.63 21.71
CA ARG A 164 -3.26 11.00 23.04
C ARG A 164 -4.05 10.20 24.05
N THR A 165 -3.38 9.31 24.82
CA THR A 165 -4.07 8.56 25.86
C THR A 165 -4.44 9.56 26.96
N VAL A 166 -5.69 9.50 27.43
CA VAL A 166 -6.18 10.40 28.48
C VAL A 166 -6.29 9.58 29.76
N TRP A 167 -5.45 9.91 30.76
CA TRP A 167 -5.48 9.25 32.05
C TRP A 167 -6.35 10.13 32.94
N GLN A 168 -7.60 9.71 33.18
CA GLN A 168 -8.56 10.46 33.98
C GLN A 168 -8.28 10.21 35.45
N LEU A 169 -7.81 11.26 36.13
CA LEU A 169 -7.47 11.18 37.55
C LEU A 169 -8.41 12.00 38.41
N SER A 170 -8.46 11.67 39.70
CA SER A 170 -9.21 12.41 40.70
C SER A 170 -8.21 12.70 41.81
N VAL A 171 -7.79 13.96 41.91
CA VAL A 171 -6.80 14.43 42.88
C VAL A 171 -7.57 15.04 44.04
N ALA A 172 -7.70 14.27 45.15
CA ALA A 172 -8.46 14.62 46.34
C ALA A 172 -9.89 15.10 45.97
N GLY A 173 -10.52 14.37 45.06
CA GLY A 173 -11.87 14.65 44.57
C GLY A 173 -11.96 15.58 43.37
N VAL A 174 -10.83 16.22 43.00
CA VAL A 174 -10.79 17.16 41.88
C VAL A 174 -10.35 16.45 40.60
N SER A 175 -11.19 16.49 39.57
CA SER A 175 -10.95 15.87 38.27
C SER A 175 -9.76 16.51 37.52
N CYS A 176 -8.84 15.68 37.02
CA CYS A 176 -7.69 16.10 36.22
C CYS A 176 -7.46 15.08 35.11
N ASN A 177 -7.52 15.53 33.86
CA ASN A 177 -7.33 14.66 32.69
C ASN A 177 -5.92 14.88 32.14
N VAL A 178 -5.01 13.94 32.43
CA VAL A 178 -3.61 14.04 32.00
C VAL A 178 -3.31 13.34 30.68
N THR A 179 -2.52 14.03 29.84
CA THR A 179 -2.03 13.54 28.55
C THR A 179 -0.58 14.00 28.44
N THR A 180 0.12 13.53 27.40
CA THR A 180 1.48 13.94 27.05
C THR A 180 1.51 15.45 26.73
N GLU A 181 0.37 16.00 26.26
CA GLU A 181 0.22 17.43 25.94
C GLU A 181 -0.03 18.26 27.19
N HIS A 182 -0.85 17.75 28.12
CA HIS A 182 -1.25 18.44 29.35
C HIS A 182 -1.02 17.54 30.59
N PRO A 183 0.24 17.43 31.07
CA PRO A 183 0.51 16.51 32.17
C PRO A 183 0.45 17.09 33.59
N PHE A 184 -0.02 18.34 33.75
CA PHE A 184 -0.07 19.00 35.05
C PHE A 184 -1.46 19.04 35.70
N CYS A 185 -1.49 18.86 37.03
CA CYS A 185 -2.70 18.89 37.87
C CYS A 185 -2.48 19.84 39.03
N ASN A 186 -3.55 20.44 39.51
CA ASN A 186 -3.51 21.26 40.72
C ASN A 186 -3.80 20.35 41.92
N THR A 187 -3.04 20.52 43.00
CA THR A 187 -3.23 19.80 44.27
C THR A 187 -3.64 20.85 45.32
N PRO A 188 -4.25 20.48 46.48
CA PRO A 188 -4.66 21.51 47.45
C PRO A 188 -3.70 22.68 47.64
N HIS A 189 -2.41 22.40 47.92
CA HIS A 189 -1.39 23.42 48.15
C HIS A 189 -0.11 23.16 47.31
N GLY A 190 -0.29 23.02 45.99
CA GLY A 190 0.83 22.80 45.08
C GLY A 190 0.43 22.35 43.68
N GLN A 191 1.39 21.72 42.98
CA GLN A 191 1.20 21.21 41.62
C GLN A 191 1.69 19.79 41.49
N LEU A 192 0.94 18.98 40.75
CA LEU A 192 1.26 17.60 40.43
C LEU A 192 1.67 17.54 38.96
N GLU A 193 2.86 16.99 38.69
CA GLU A 193 3.33 16.77 37.33
C GLU A 193 3.28 15.26 37.12
N VAL A 194 2.55 14.80 36.10
CA VAL A 194 2.41 13.37 35.86
C VAL A 194 3.31 12.92 34.72
N GLN A 195 4.24 11.98 35.02
CA GLN A 195 5.10 11.36 34.01
C GLN A 195 4.22 10.26 33.40
N VAL A 196 4.01 10.34 32.09
CA VAL A 196 3.15 9.40 31.37
C VAL A 196 3.92 8.61 30.31
N PRO A 197 3.51 7.36 29.97
CA PRO A 197 4.21 6.64 28.90
C PRO A 197 3.91 7.28 27.53
N PRO A 198 4.65 6.96 26.45
CA PRO A 198 4.31 7.56 25.14
C PRO A 198 2.92 7.14 24.68
N ASP A 199 2.37 7.93 23.75
CA ASP A 199 1.06 7.65 23.14
C ASP A 199 1.16 6.40 22.24
N PRO A 200 0.04 5.68 21.97
CA PRO A 200 0.16 4.41 21.22
C PRO A 200 0.32 4.50 19.71
N GLY A 201 0.33 5.70 19.15
CA GLY A 201 0.41 5.87 17.71
C GLY A 201 -0.99 5.80 17.12
N ASP A 202 -1.10 5.70 15.80
CA ASP A 202 -2.39 5.67 15.10
C ASP A 202 -3.27 4.47 15.47
N LEU A 203 -4.60 4.69 15.48
CA LEU A 203 -5.59 3.65 15.74
C LEU A 203 -6.53 3.54 14.55
N VAL A 204 -7.19 2.38 14.43
CA VAL A 204 -8.19 2.14 13.38
C VAL A 204 -9.50 1.81 14.10
N GLU A 205 -10.55 2.59 13.82
CA GLU A 205 -11.87 2.37 14.41
C GLU A 205 -12.77 1.73 13.36
N TYR A 206 -13.14 0.47 13.57
CA TYR A 206 -14.03 -0.27 12.68
C TYR A 206 -15.44 -0.12 13.25
N ILE A 207 -16.33 0.55 12.49
CA ILE A 207 -17.70 0.83 12.91
C ILE A 207 -18.66 -0.17 12.26
N MET A 208 -19.26 -1.03 13.10
CA MET A 208 -20.21 -2.07 12.72
C MET A 208 -21.64 -1.52 12.82
N ASN A 209 -22.53 -1.93 11.89
CA ASN A 209 -23.93 -1.51 11.75
C ASN A 209 -24.04 -0.07 11.24
N GLN A 214 -25.13 0.19 16.60
CA GLN A 214 -23.80 0.65 16.19
C GLN A 214 -22.75 0.32 17.25
N GLN A 215 -21.69 -0.39 16.84
CA GLN A 215 -20.60 -0.81 17.71
C GLN A 215 -19.25 -0.52 17.09
N SER A 216 -18.29 -0.05 17.91
CA SER A 216 -16.93 0.24 17.46
C SER A 216 -15.96 -0.83 17.94
N ARG A 217 -15.09 -1.26 17.03
CA ARG A 217 -14.02 -2.24 17.28
C ARG A 217 -12.71 -1.56 16.92
N TRP A 218 -11.63 -1.92 17.64
CA TRP A 218 -10.36 -1.23 17.51
C TRP A 218 -9.16 -2.00 17.02
N GLY A 219 -8.43 -1.36 16.11
CA GLY A 219 -7.17 -1.84 15.56
C GLY A 219 -6.08 -0.88 15.98
N LEU A 220 -4.86 -1.40 16.17
CA LEU A 220 -3.70 -0.60 16.55
C LEU A 220 -2.77 -0.55 15.33
N GLY A 221 -2.56 0.65 14.79
CA GLY A 221 -1.73 0.85 13.60
C GLY A 221 -2.38 1.62 12.47
N SER A 222 -1.82 1.46 11.25
CA SER A 222 -2.22 2.17 10.02
C SER A 222 -3.48 1.76 9.21
N PRO A 223 -3.85 0.48 8.99
CA PRO A 223 -3.24 -0.78 9.46
C PRO A 223 -2.07 -1.24 8.60
N ASN A 224 -1.45 -2.35 9.01
CA ASN A 224 -0.35 -2.95 8.26
C ASN A 224 -0.94 -4.01 7.33
N CYS A 225 -1.07 -3.66 6.03
CA CYS A 225 -1.61 -4.55 5.01
C CYS A 225 -0.63 -5.67 4.60
N HIS A 226 0.61 -5.63 5.12
CA HIS A 226 1.66 -6.61 4.84
C HIS A 226 1.86 -7.64 5.97
N GLY A 227 1.06 -7.55 7.04
CA GLY A 227 1.17 -8.48 8.16
C GLY A 227 -0.04 -9.36 8.37
N PRO A 228 -0.29 -9.83 9.63
CA PRO A 228 -1.47 -10.68 9.88
C PRO A 228 -2.83 -10.05 9.62
N ASP A 229 -2.90 -8.71 9.53
CA ASP A 229 -4.14 -7.98 9.25
C ASP A 229 -4.32 -7.67 7.75
N TRP A 230 -3.61 -8.41 6.87
CA TRP A 230 -3.64 -8.24 5.40
C TRP A 230 -5.05 -8.26 4.79
N ALA A 231 -5.98 -9.06 5.38
CA ALA A 231 -7.34 -9.22 4.89
C ALA A 231 -8.33 -8.17 5.39
N SER A 232 -7.84 -7.12 6.07
CA SER A 232 -8.67 -6.01 6.55
C SER A 232 -9.41 -5.39 5.37
N PRO A 233 -10.71 -5.05 5.52
CA PRO A 233 -11.42 -4.37 4.41
C PRO A 233 -10.76 -3.04 4.03
N VAL A 234 -9.99 -2.43 4.95
CA VAL A 234 -9.21 -1.19 4.72
C VAL A 234 -8.19 -1.42 3.59
N CYS A 235 -7.62 -2.64 3.52
CA CYS A 235 -6.64 -3.04 2.51
C CYS A 235 -7.32 -3.36 1.17
N GLN A 236 -8.66 -3.32 1.13
CA GLN A 236 -9.41 -3.70 -0.06
C GLN A 236 -10.26 -2.60 -0.72
N ARG A 237 -11.59 -2.79 -0.82
CA ARG A 237 -12.51 -1.88 -1.51
C ARG A 237 -12.81 -0.61 -0.71
N HIS A 238 -12.44 0.57 -1.26
CA HIS A 238 -12.63 1.87 -0.62
C HIS A 238 -13.70 2.73 -1.30
N SER A 239 -14.75 3.11 -0.53
CA SER A 239 -15.81 4.00 -0.97
C SER A 239 -15.94 5.16 0.02
N PRO A 240 -15.34 6.33 -0.29
CA PRO A 240 -15.37 7.46 0.66
C PRO A 240 -16.73 7.99 1.04
N ASP A 241 -17.69 7.95 0.11
CA ASP A 241 -19.06 8.44 0.31
C ASP A 241 -20.08 7.29 0.46
N CYS A 242 -19.59 6.04 0.65
CA CYS A 242 -20.40 4.82 0.79
C CYS A 242 -21.35 4.63 -0.42
N SER A 243 -20.86 4.99 -1.62
CA SER A 243 -21.62 4.92 -2.87
C SER A 243 -20.69 4.73 -4.08
N ARG A 244 -19.64 5.58 -4.20
CA ARG A 244 -18.70 5.53 -5.32
C ARG A 244 -17.35 4.96 -4.92
N LEU A 245 -16.81 4.09 -5.77
CA LEU A 245 -15.51 3.44 -5.59
C LEU A 245 -14.37 4.33 -6.05
N VAL A 246 -13.24 4.31 -5.31
CA VAL A 246 -12.01 5.06 -5.66
C VAL A 246 -10.78 4.14 -5.52
N GLY A 247 -9.68 4.55 -6.13
CA GLY A 247 -8.38 3.89 -6.03
C GLY A 247 -8.24 2.52 -6.64
N ALA A 248 -7.31 1.72 -6.09
CA ALA A 248 -6.96 0.35 -6.50
C ALA A 248 -8.19 -0.54 -6.66
N THR A 249 -8.31 -1.17 -7.83
CA THR A 249 -9.44 -2.01 -8.20
C THR A 249 -8.94 -3.25 -8.97
N PRO A 250 -9.46 -4.47 -8.69
CA PRO A 250 -9.04 -5.65 -9.48
C PRO A 250 -9.50 -5.52 -10.93
N GLU A 251 -8.87 -6.29 -11.83
CA GLU A 251 -9.26 -6.33 -13.24
C GLU A 251 -10.60 -7.04 -13.35
N ARG A 252 -11.27 -6.95 -14.51
CA ARG A 252 -12.52 -7.66 -14.72
C ARG A 252 -12.21 -9.16 -14.63
N PRO A 253 -13.06 -9.99 -13.99
CA PRO A 253 -12.78 -11.43 -13.90
C PRO A 253 -12.50 -12.10 -15.24
N ARG A 254 -11.60 -13.10 -15.26
CA ARG A 254 -11.24 -13.84 -16.46
C ARG A 254 -12.05 -15.13 -16.45
N LEU A 255 -13.07 -15.20 -17.32
CA LEU A 255 -13.97 -16.35 -17.43
C LEU A 255 -13.47 -17.34 -18.45
N ARG A 256 -13.50 -18.63 -18.09
CA ARG A 256 -13.03 -19.69 -18.96
C ARG A 256 -13.96 -20.90 -18.93
N LEU A 257 -14.24 -21.47 -20.10
CA LEU A 257 -15.03 -22.70 -20.22
C LEU A 257 -14.01 -23.82 -20.15
N VAL A 258 -14.12 -24.67 -19.12
CA VAL A 258 -13.16 -25.75 -18.90
C VAL A 258 -13.90 -27.09 -18.85
N ASP A 259 -13.59 -28.01 -19.78
CA ASP A 259 -14.21 -29.34 -19.81
C ASP A 259 -13.79 -30.16 -18.59
N ALA A 260 -14.68 -31.07 -18.14
CA ALA A 260 -14.48 -31.93 -16.97
C ALA A 260 -13.15 -32.69 -16.94
N ASP A 261 -12.64 -33.13 -18.11
CA ASP A 261 -11.39 -33.87 -18.20
C ASP A 261 -10.17 -33.04 -18.63
N ASP A 262 -10.28 -31.69 -18.63
CA ASP A 262 -9.17 -30.81 -19.01
C ASP A 262 -8.08 -30.86 -17.91
N PRO A 263 -6.78 -31.09 -18.28
CA PRO A 263 -5.72 -31.13 -17.25
C PRO A 263 -5.57 -29.85 -16.42
N LEU A 264 -6.15 -28.72 -16.88
CA LEU A 264 -6.12 -27.44 -16.17
C LEU A 264 -6.80 -27.56 -14.80
N LEU A 265 -7.81 -28.45 -14.68
CA LEU A 265 -8.54 -28.70 -13.43
C LEU A 265 -7.70 -29.34 -12.31
N ARG A 266 -6.46 -29.77 -12.63
CA ARG A 266 -5.52 -30.31 -11.65
C ARG A 266 -4.86 -29.16 -10.85
N THR A 267 -5.06 -27.92 -11.33
CA THR A 267 -4.55 -26.70 -10.70
C THR A 267 -5.74 -25.86 -10.22
N ALA A 268 -5.48 -24.89 -9.33
CA ALA A 268 -6.53 -24.01 -8.79
C ALA A 268 -6.60 -22.73 -9.63
N PRO A 269 -7.81 -22.13 -9.82
CA PRO A 269 -7.86 -20.85 -10.55
C PRO A 269 -7.15 -19.74 -9.76
N GLY A 270 -6.53 -18.81 -10.47
CA GLY A 270 -5.84 -17.67 -9.85
C GLY A 270 -6.82 -16.61 -9.40
N PRO A 271 -6.35 -15.54 -8.69
CA PRO A 271 -7.29 -14.50 -8.23
C PRO A 271 -8.02 -13.84 -9.40
N GLY A 272 -9.35 -13.77 -9.29
CA GLY A 272 -10.20 -13.20 -10.32
C GLY A 272 -10.54 -14.13 -11.46
N GLU A 273 -10.03 -15.37 -11.45
CA GLU A 273 -10.32 -16.33 -12.51
C GLU A 273 -11.55 -17.16 -12.15
N VAL A 274 -12.42 -17.38 -13.13
CA VAL A 274 -13.66 -18.14 -12.97
C VAL A 274 -13.69 -19.23 -14.04
N TRP A 275 -13.63 -20.50 -13.60
CA TRP A 275 -13.67 -21.64 -14.50
C TRP A 275 -15.01 -22.33 -14.41
N VAL A 276 -15.72 -22.48 -15.54
CA VAL A 276 -17.03 -23.12 -15.57
C VAL A 276 -16.99 -24.45 -16.29
N THR A 277 -17.63 -25.46 -15.69
CA THR A 277 -17.64 -26.82 -16.23
C THR A 277 -19.06 -27.37 -16.35
N PRO A 278 -19.51 -27.74 -17.58
CA PRO A 278 -20.86 -28.30 -17.72
C PRO A 278 -20.96 -29.66 -17.04
N VAL A 279 -22.11 -29.90 -16.39
CA VAL A 279 -22.41 -31.14 -15.67
C VAL A 279 -23.57 -31.82 -16.42
N ILE A 280 -23.37 -33.09 -16.83
CA ILE A 280 -24.36 -33.88 -17.56
C ILE A 280 -25.72 -33.91 -16.83
N GLY A 281 -26.78 -33.63 -17.58
CA GLY A 281 -28.14 -33.60 -17.07
C GLY A 281 -28.72 -34.96 -16.79
N SER A 282 -29.56 -35.05 -15.74
CA SER A 282 -30.29 -36.26 -15.38
C SER A 282 -31.56 -36.32 -16.24
N GLN A 283 -31.94 -35.15 -16.79
CA GLN A 283 -33.10 -34.92 -17.66
C GLN A 283 -32.59 -34.64 -19.08
N ALA A 284 -33.38 -35.00 -20.10
CA ALA A 284 -33.05 -34.74 -21.50
C ALA A 284 -33.13 -33.23 -21.77
N ARG A 285 -32.22 -32.71 -22.63
CA ARG A 285 -32.11 -31.30 -23.05
C ARG A 285 -31.91 -30.32 -21.87
N LYS A 286 -31.23 -30.78 -20.83
CA LYS A 286 -30.92 -29.99 -19.63
C LYS A 286 -29.53 -30.35 -19.13
N CYS A 287 -28.85 -29.39 -18.49
CA CYS A 287 -27.52 -29.58 -17.91
C CYS A 287 -27.23 -28.62 -16.75
N GLY A 288 -26.27 -29.01 -15.92
CA GLY A 288 -25.85 -28.21 -14.77
C GLY A 288 -24.50 -27.55 -15.03
N LEU A 289 -24.05 -26.71 -14.09
CA LEU A 289 -22.78 -26.02 -14.25
C LEU A 289 -22.01 -25.98 -12.94
N HIS A 290 -20.74 -26.42 -12.97
CA HIS A 290 -19.85 -26.40 -11.82
C HIS A 290 -18.94 -25.18 -11.99
N ILE A 291 -18.88 -24.32 -10.97
CA ILE A 291 -18.11 -23.08 -11.02
C ILE A 291 -16.98 -23.08 -9.99
N ARG A 292 -15.75 -22.82 -10.44
CA ARG A 292 -14.55 -22.72 -9.61
C ARG A 292 -14.04 -21.29 -9.73
N ALA A 293 -14.01 -20.56 -8.61
CA ALA A 293 -13.57 -19.16 -8.62
C ALA A 293 -12.40 -18.92 -7.67
N GLY A 294 -11.40 -18.18 -8.17
CA GLY A 294 -10.22 -17.81 -7.40
C GLY A 294 -10.47 -16.47 -6.73
N PRO A 295 -10.70 -16.44 -5.39
CA PRO A 295 -10.99 -15.16 -4.74
C PRO A 295 -9.81 -14.18 -4.75
N TYR A 296 -10.11 -12.87 -4.68
CA TYR A 296 -9.08 -11.84 -4.59
C TYR A 296 -8.33 -12.06 -3.28
N GLY A 297 -7.01 -11.97 -3.34
CA GLY A 297 -6.16 -12.14 -2.16
C GLY A 297 -6.01 -13.57 -1.69
N HIS A 298 -6.48 -14.55 -2.50
CA HIS A 298 -6.39 -16.01 -2.29
C HIS A 298 -7.30 -16.59 -1.19
N ALA A 299 -8.17 -15.76 -0.59
CA ALA A 299 -9.08 -16.20 0.47
C ALA A 299 -10.35 -15.36 0.52
N THR A 300 -11.46 -15.97 0.99
CA THR A 300 -12.76 -15.32 1.15
C THR A 300 -12.83 -14.79 2.58
N VAL A 301 -13.07 -13.49 2.74
CA VAL A 301 -13.16 -12.84 4.05
C VAL A 301 -14.52 -13.14 4.71
N GLU A 302 -14.49 -13.62 5.97
CA GLU A 302 -15.67 -13.86 6.80
C GLU A 302 -15.69 -12.68 7.77
N MET A 303 -16.54 -11.68 7.48
CA MET A 303 -16.58 -10.43 8.26
C MET A 303 -16.74 -10.50 9.79
N PRO A 304 -17.78 -11.11 10.39
CA PRO A 304 -17.85 -11.15 11.86
C PRO A 304 -16.64 -11.84 12.48
N GLU A 305 -16.16 -12.92 11.83
CA GLU A 305 -15.02 -13.71 12.26
C GLU A 305 -13.71 -12.92 12.19
N TRP A 306 -13.49 -12.16 11.10
CA TRP A 306 -12.27 -11.34 10.95
C TRP A 306 -12.21 -10.27 12.04
N ILE A 307 -13.32 -9.51 12.20
CA ILE A 307 -13.45 -8.46 13.20
C ILE A 307 -13.21 -8.98 14.63
N HIS A 308 -13.82 -10.12 15.00
CA HIS A 308 -13.68 -10.73 16.33
C HIS A 308 -12.22 -11.05 16.70
N ALA A 309 -11.43 -11.55 15.74
CA ALA A 309 -10.05 -11.94 15.97
C ALA A 309 -9.00 -10.84 15.75
N HIS A 310 -9.27 -9.90 14.84
CA HIS A 310 -8.31 -8.85 14.48
C HIS A 310 -8.53 -7.48 15.12
N THR A 311 -9.50 -7.37 16.04
CA THR A 311 -9.80 -6.11 16.74
C THR A 311 -10.06 -6.35 18.22
N THR A 312 -10.09 -5.26 19.01
CA THR A 312 -10.40 -5.30 20.43
C THR A 312 -11.64 -4.44 20.69
N SER A 313 -12.29 -4.64 21.85
CA SER A 313 -13.47 -3.88 22.25
C SER A 313 -13.11 -2.43 22.60
N ASP A 314 -11.87 -2.19 23.05
CA ASP A 314 -11.40 -0.87 23.46
C ASP A 314 -10.04 -0.52 22.83
N PRO A 315 -9.71 0.79 22.65
CA PRO A 315 -8.38 1.14 22.12
C PRO A 315 -7.27 0.73 23.08
N TRP A 316 -6.12 0.33 22.55
CA TRP A 316 -4.99 -0.11 23.36
C TRP A 316 -4.24 1.09 23.97
N HIS A 317 -3.72 0.88 25.18
CA HIS A 317 -2.89 1.86 25.89
C HIS A 317 -1.75 1.12 26.62
N PRO A 318 -0.56 1.75 26.81
CA PRO A 318 0.54 1.06 27.52
C PRO A 318 0.19 0.67 28.96
N PRO A 319 0.89 -0.32 29.57
CA PRO A 319 0.52 -0.75 30.93
C PRO A 319 0.80 0.21 32.08
N GLY A 320 1.62 1.23 31.84
CA GLY A 320 2.02 2.17 32.89
C GLY A 320 3.16 1.62 33.71
N PRO A 321 3.34 2.01 35.00
CA PRO A 321 2.51 2.96 35.77
C PRO A 321 2.79 4.42 35.42
N LEU A 322 2.05 5.33 36.07
CA LEU A 322 2.25 6.77 35.89
C LEU A 322 3.14 7.24 37.04
N GLY A 323 4.04 8.17 36.74
CA GLY A 323 4.95 8.75 37.73
C GLY A 323 4.37 10.03 38.29
N LEU A 324 3.94 10.00 39.57
CA LEU A 324 3.35 11.18 40.21
C LEU A 324 4.42 12.01 40.91
N LYS A 325 4.72 13.20 40.35
CA LYS A 325 5.71 14.12 40.90
C LYS A 325 4.99 15.27 41.60
N PHE A 326 5.00 15.23 42.95
CA PHE A 326 4.34 16.23 43.79
C PHE A 326 5.29 17.37 44.10
N LYS A 327 4.86 18.60 43.75
CA LYS A 327 5.65 19.83 43.94
C LYS A 327 4.86 20.86 44.75
N THR A 328 5.58 21.72 45.49
CA THR A 328 5.00 22.80 46.30
C THR A 328 4.79 24.07 45.45
N VAL A 329 5.21 24.00 44.16
CA VAL A 329 5.13 25.07 43.16
C VAL A 329 3.65 25.35 42.81
N ARG A 330 3.33 26.62 42.56
CA ARG A 330 2.00 27.07 42.15
C ARG A 330 2.13 27.87 40.84
N PRO A 331 1.39 27.52 39.76
CA PRO A 331 1.54 28.26 38.49
C PRO A 331 1.18 29.75 38.59
N VAL A 332 1.92 30.60 37.86
CA VAL A 332 1.74 32.05 37.83
C VAL A 332 0.42 32.40 37.13
N ALA A 333 -0.44 33.17 37.81
CA ALA A 333 -1.75 33.60 37.30
C ALA A 333 -1.60 34.61 36.16
N LEU A 334 -1.96 34.19 34.94
CA LEU A 334 -1.89 35.00 33.73
C LEU A 334 -3.26 35.54 33.34
N PRO A 335 -3.37 36.83 32.88
CA PRO A 335 -4.70 37.37 32.52
C PRO A 335 -5.31 36.70 31.29
N ARG A 336 -6.59 36.32 31.40
CA ARG A 336 -7.37 35.65 30.36
C ARG A 336 -8.53 36.51 29.87
N ALA A 337 -8.73 36.54 28.54
CA ALA A 337 -9.84 37.26 27.91
C ALA A 337 -11.04 36.32 27.85
N LEU A 338 -12.18 36.75 28.39
CA LEU A 338 -13.40 35.94 28.44
C LEU A 338 -14.44 36.30 27.36
N ALA A 339 -14.29 37.47 26.72
CA ALA A 339 -15.18 37.94 25.65
C ALA A 339 -15.06 37.05 24.41
N PRO A 340 -16.14 36.81 23.62
CA PRO A 340 -16.00 35.93 22.44
C PRO A 340 -15.11 36.50 21.34
N PRO A 341 -14.47 35.65 20.49
CA PRO A 341 -13.64 36.21 19.40
C PRO A 341 -14.51 36.80 18.29
N ARG A 342 -13.96 37.79 17.56
CA ARG A 342 -14.69 38.49 16.50
C ARG A 342 -14.26 38.12 15.09
N ASN A 343 -15.21 38.20 14.14
CA ASN A 343 -15.04 37.94 12.69
C ASN A 343 -14.33 36.61 12.39
N VAL A 344 -14.66 35.55 13.15
CA VAL A 344 -14.05 34.23 12.97
C VAL A 344 -14.51 33.55 11.68
N ARG A 345 -13.53 33.14 10.86
CA ARG A 345 -13.73 32.43 9.59
C ARG A 345 -13.03 31.08 9.67
N VAL A 346 -13.76 30.00 9.29
CA VAL A 346 -13.24 28.63 9.28
C VAL A 346 -13.32 28.13 7.83
N THR A 347 -12.17 27.69 7.27
CA THR A 347 -12.09 27.24 5.87
C THR A 347 -11.32 25.90 5.76
N GLY A 348 -11.86 24.99 4.94
CA GLY A 348 -11.24 23.69 4.69
C GLY A 348 -12.19 22.53 4.84
N CYS A 349 -11.79 21.54 5.64
CA CYS A 349 -12.57 20.33 5.91
C CYS A 349 -12.42 19.89 7.37
N TYR A 350 -13.30 18.98 7.82
CA TYR A 350 -13.26 18.40 9.16
C TYR A 350 -13.16 16.88 9.01
N GLN A 351 -12.57 16.18 10.01
CA GLN A 351 -12.37 14.72 10.02
C GLN A 351 -11.74 14.21 8.70
N CYS A 352 -10.81 15.00 8.13
CA CYS A 352 -10.19 14.76 6.82
C CYS A 352 -8.68 14.54 6.84
N GLY A 353 -7.99 15.02 7.86
CA GLY A 353 -6.54 14.89 7.94
C GLY A 353 -5.77 16.09 7.44
N THR A 354 -6.47 17.09 6.87
CA THR A 354 -5.87 18.34 6.41
C THR A 354 -6.31 19.44 7.38
N PRO A 355 -5.37 20.11 8.09
CA PRO A 355 -5.76 21.18 9.01
C PRO A 355 -6.56 22.28 8.32
N ALA A 356 -7.65 22.71 8.95
CA ALA A 356 -8.52 23.77 8.46
C ALA A 356 -7.94 25.12 8.92
N LEU A 357 -8.18 26.18 8.14
CA LEU A 357 -7.70 27.50 8.50
C LEU A 357 -8.73 28.20 9.39
N VAL A 358 -8.30 28.67 10.58
CA VAL A 358 -9.14 29.39 11.53
C VAL A 358 -8.51 30.77 11.71
N GLU A 359 -9.26 31.82 11.36
CA GLU A 359 -8.80 33.21 11.45
C GLU A 359 -9.86 34.12 12.06
N GLY A 360 -9.42 35.14 12.78
CA GLY A 360 -10.31 36.10 13.41
C GLY A 360 -9.59 37.14 14.25
N LEU A 361 -10.33 37.75 15.18
CA LEU A 361 -9.80 38.78 16.07
C LEU A 361 -10.01 38.38 17.53
N ALA A 362 -8.91 38.27 18.28
CA ALA A 362 -8.95 37.94 19.70
C ALA A 362 -9.22 39.24 20.48
N PRO A 363 -10.14 39.25 21.46
CA PRO A 363 -10.44 40.51 22.18
C PRO A 363 -9.38 40.88 23.22
N GLY A 364 -9.45 42.12 23.71
CA GLY A 364 -8.52 42.64 24.73
C GLY A 364 -8.73 42.06 26.11
N GLY A 365 -7.79 42.38 27.01
CA GLY A 365 -7.84 41.94 28.40
C GLY A 365 -7.06 40.68 28.74
N GLY A 366 -6.33 40.14 27.76
CA GLY A 366 -5.52 38.94 27.93
C GLY A 366 -5.61 37.98 26.76
N ASN A 367 -4.97 36.80 26.90
CA ASN A 367 -4.97 35.77 25.86
C ASN A 367 -6.32 35.09 25.73
N CYS A 368 -6.73 34.81 24.48
CA CYS A 368 -7.98 34.11 24.18
C CYS A 368 -7.69 32.62 24.03
N HIS A 369 -8.17 31.81 24.98
CA HIS A 369 -8.03 30.36 24.94
C HIS A 369 -9.15 29.87 24.03
N LEU A 370 -8.87 29.90 22.72
CA LEU A 370 -9.80 29.60 21.65
C LEU A 370 -10.30 28.17 21.56
N THR A 371 -11.63 28.02 21.49
CA THR A 371 -12.31 26.74 21.30
C THR A 371 -13.22 26.84 20.08
N VAL A 372 -13.24 25.79 19.27
CA VAL A 372 -14.07 25.68 18.05
C VAL A 372 -14.96 24.47 18.35
N ASN A 373 -16.25 24.71 18.67
CA ASN A 373 -17.21 23.67 19.08
C ASN A 373 -16.66 22.85 20.28
N GLY A 374 -16.05 23.55 21.22
CA GLY A 374 -15.45 22.97 22.41
C GLY A 374 -14.05 22.40 22.23
N GLU A 375 -13.54 22.34 20.97
CA GLU A 375 -12.21 21.80 20.67
C GLU A 375 -11.15 22.88 20.87
N ASP A 376 -10.13 22.58 21.68
N ASP A 376 -10.12 22.57 21.68
CA ASP A 376 -9.02 23.50 21.95
CA ASP A 376 -9.01 23.46 21.96
C ASP A 376 -8.10 23.62 20.75
C ASP A 376 -8.13 23.61 20.72
N VAL A 377 -7.93 24.86 20.25
CA VAL A 377 -7.10 25.15 19.07
C VAL A 377 -5.90 26.06 19.40
N GLY A 378 -5.70 26.32 20.70
CA GLY A 378 -4.61 27.15 21.21
C GLY A 378 -5.05 28.47 21.81
N ALA A 379 -4.09 29.18 22.43
CA ALA A 379 -4.32 30.50 23.03
C ALA A 379 -3.67 31.58 22.16
N PHE A 380 -4.36 32.73 22.00
CA PHE A 380 -3.90 33.82 21.13
C PHE A 380 -3.91 35.17 21.83
N PRO A 381 -2.85 36.00 21.63
CA PRO A 381 -2.86 37.34 22.22
C PRO A 381 -3.92 38.23 21.55
N PRO A 382 -4.40 39.33 22.18
CA PRO A 382 -5.41 40.18 21.53
C PRO A 382 -4.97 40.69 20.15
N GLY A 383 -5.94 40.78 19.24
CA GLY A 383 -5.71 41.21 17.87
C GLY A 383 -5.93 40.09 16.86
N LYS A 384 -5.45 40.30 15.63
CA LYS A 384 -5.61 39.34 14.53
C LYS A 384 -4.82 38.05 14.78
N PHE A 385 -5.47 36.91 14.54
CA PHE A 385 -4.88 35.60 14.69
C PHE A 385 -5.20 34.72 13.49
N VAL A 386 -4.34 33.73 13.23
CA VAL A 386 -4.48 32.75 12.16
C VAL A 386 -3.86 31.43 12.63
N THR A 387 -4.63 30.33 12.52
CA THR A 387 -4.16 29.00 12.94
C THR A 387 -4.65 27.90 12.01
N ALA A 388 -3.86 26.82 11.91
CA ALA A 388 -4.19 25.64 11.12
C ALA A 388 -4.55 24.55 12.13
N ALA A 389 -5.85 24.23 12.22
CA ALA A 389 -6.35 23.26 13.18
C ALA A 389 -7.03 22.07 12.56
N LEU A 390 -6.77 20.87 13.11
CA LEU A 390 -7.42 19.64 12.65
C LEU A 390 -8.74 19.56 13.41
N LEU A 391 -9.86 19.75 12.69
CA LEU A 391 -11.18 19.75 13.30
C LEU A 391 -11.88 18.41 13.25
N ASN A 392 -12.51 18.02 14.38
CA ASN A 392 -13.24 16.77 14.52
C ASN A 392 -14.76 16.95 14.43
N THR A 393 -15.24 18.19 14.52
CA THR A 393 -16.68 18.49 14.50
C THR A 393 -17.13 19.12 13.19
N PRO A 394 -18.39 18.88 12.75
CA PRO A 394 -18.87 19.51 11.51
C PRO A 394 -19.34 20.96 11.72
N PRO A 395 -19.58 21.77 10.65
CA PRO A 395 -20.17 23.10 10.85
C PRO A 395 -21.65 22.97 11.28
N PRO A 396 -22.29 23.99 11.90
CA PRO A 396 -21.80 25.33 12.25
C PRO A 396 -20.80 25.32 13.40
N TYR A 397 -19.93 26.34 13.44
CA TYR A 397 -18.89 26.45 14.47
C TYR A 397 -19.15 27.55 15.47
N GLN A 398 -19.25 27.14 16.76
CA GLN A 398 -19.42 28.05 17.88
C GLN A 398 -18.02 28.32 18.42
N VAL A 399 -17.61 29.59 18.42
CA VAL A 399 -16.28 30.02 18.86
C VAL A 399 -16.32 30.77 20.19
N SER A 400 -15.39 30.44 21.10
CA SER A 400 -15.33 31.05 22.44
C SER A 400 -13.89 31.20 22.94
N CYS A 401 -13.67 32.15 23.87
CA CYS A 401 -12.38 32.39 24.51
C CYS A 401 -12.42 31.86 25.97
N GLY A 402 -13.51 31.19 26.31
CA GLY A 402 -13.71 30.62 27.65
C GLY A 402 -14.99 31.09 28.34
N GLY A 403 -15.63 32.09 27.77
CA GLY A 403 -16.88 32.65 28.28
C GLY A 403 -18.03 32.39 27.33
N GLU A 404 -18.68 33.47 26.85
CA GLU A 404 -19.79 33.39 25.91
C GLU A 404 -19.30 32.99 24.51
N SER A 405 -20.16 32.29 23.75
CA SER A 405 -19.83 31.83 22.40
C SER A 405 -20.49 32.67 21.31
N ASP A 406 -19.87 32.69 20.13
CA ASP A 406 -20.37 33.39 18.94
C ASP A 406 -20.31 32.45 17.74
N ARG A 407 -21.18 32.70 16.74
CA ARG A 407 -21.24 31.90 15.52
C ARG A 407 -20.19 32.39 14.52
N ALA A 408 -19.28 31.49 14.13
CA ALA A 408 -18.24 31.78 13.14
C ALA A 408 -18.80 31.58 11.73
N SER A 409 -18.19 32.21 10.72
CA SER A 409 -18.58 32.02 9.33
C SER A 409 -17.77 30.82 8.83
N ALA A 410 -18.40 29.89 8.11
CA ALA A 410 -17.68 28.69 7.67
C ALA A 410 -17.90 28.27 6.23
N ARG A 411 -16.81 27.78 5.62
CA ARG A 411 -16.74 27.19 4.29
C ARG A 411 -15.96 25.90 4.50
N VAL A 412 -16.62 24.95 5.19
CA VAL A 412 -16.04 23.67 5.59
C VAL A 412 -16.82 22.51 4.98
N ILE A 413 -16.11 21.60 4.30
CA ILE A 413 -16.69 20.42 3.65
C ILE A 413 -16.47 19.15 4.48
N ASP A 414 -17.29 18.12 4.26
CA ASP A 414 -17.19 16.86 5.00
C ASP A 414 -16.10 15.91 4.45
N PRO A 415 -15.71 14.83 5.18
CA PRO A 415 -14.66 13.93 4.67
C PRO A 415 -14.93 13.31 3.30
N ALA A 416 -16.21 12.96 3.01
CA ALA A 416 -16.58 12.39 1.71
C ALA A 416 -16.37 13.42 0.59
N ALA A 417 -16.76 14.68 0.82
CA ALA A 417 -16.58 15.78 -0.14
C ALA A 417 -15.08 16.05 -0.38
N GLN A 418 -14.25 16.00 0.69
CA GLN A 418 -12.79 16.18 0.61
C GLN A 418 -12.15 15.10 -0.26
N SER A 419 -12.61 13.85 -0.11
CA SER A 419 -12.13 12.70 -0.88
C SER A 419 -12.36 12.87 -2.39
N PHE A 420 -13.37 13.66 -2.77
CA PHE A 420 -13.69 13.93 -4.18
C PHE A 420 -13.25 15.33 -4.65
N THR A 421 -12.57 16.09 -3.76
CA THR A 421 -12.05 17.42 -4.10
C THR A 421 -10.68 17.25 -4.74
N GLY A 422 -10.48 17.94 -5.86
CA GLY A 422 -9.24 17.87 -6.63
C GLY A 422 -9.22 16.76 -7.66
N VAL A 423 -10.39 16.11 -7.87
CA VAL A 423 -10.58 15.05 -8.86
C VAL A 423 -11.90 15.25 -9.63
N VAL A 424 -11.95 14.74 -10.87
CA VAL A 424 -13.15 14.74 -11.71
C VAL A 424 -13.51 13.25 -11.82
N TYR A 425 -14.61 12.86 -11.15
CA TYR A 425 -15.04 11.46 -11.10
C TYR A 425 -15.64 10.93 -12.40
N GLY A 426 -15.39 9.64 -12.66
CA GLY A 426 -15.99 8.88 -13.73
C GLY A 426 -15.32 8.90 -15.09
N THR A 427 -16.05 8.36 -16.07
CA THR A 427 -15.67 8.24 -17.48
C THR A 427 -15.18 9.55 -18.07
N HIS A 428 -14.03 9.50 -18.76
CA HIS A 428 -13.49 10.65 -19.46
C HIS A 428 -13.85 10.45 -20.92
N THR A 429 -14.66 11.39 -21.45
CA THR A 429 -15.14 11.34 -22.83
CA THR A 429 -15.19 11.35 -22.81
C THR A 429 -14.46 12.34 -23.73
N THR A 430 -14.14 11.91 -24.96
CA THR A 430 -13.51 12.74 -25.98
C THR A 430 -14.06 12.38 -27.37
N ALA A 431 -14.15 13.37 -28.23
CA ALA A 431 -14.66 13.18 -29.58
C ALA A 431 -13.58 13.51 -30.60
N VAL A 432 -13.42 12.61 -31.59
CA VAL A 432 -12.50 12.81 -32.70
C VAL A 432 -13.40 13.14 -33.88
N SER A 433 -13.31 14.36 -34.40
CA SER A 433 -14.16 14.78 -35.51
C SER A 433 -13.55 14.37 -36.85
N GLU A 434 -14.39 14.30 -37.89
CA GLU A 434 -13.96 14.02 -39.27
C GLU A 434 -13.16 15.23 -39.74
N THR A 435 -12.22 15.05 -40.67
CA THR A 435 -11.42 16.18 -41.19
C THR A 435 -12.27 17.11 -42.06
N ARG A 436 -11.92 18.40 -42.11
N GLU B 2 11.58 26.85 42.99
CA GLU B 2 11.11 26.56 41.64
C GLU B 2 9.87 27.39 41.27
N ALA B 3 9.76 27.75 39.98
CA ALA B 3 8.65 28.54 39.42
C ALA B 3 8.08 27.88 38.17
N PHE B 4 6.78 28.12 37.89
CA PHE B 4 6.08 27.55 36.73
C PHE B 4 5.10 28.52 36.07
N THR B 5 5.06 28.49 34.72
CA THR B 5 4.14 29.27 33.88
C THR B 5 3.89 28.60 32.53
N TYR B 6 2.70 28.82 31.96
CA TYR B 6 2.34 28.30 30.64
C TYR B 6 2.65 29.36 29.60
N LEU B 7 3.24 28.96 28.48
CA LEU B 7 3.53 29.87 27.37
C LEU B 7 2.77 29.42 26.13
N CYS B 8 1.87 30.28 25.60
CA CYS B 8 1.14 29.94 24.38
C CYS B 8 2.09 29.91 23.16
N THR B 9 1.68 29.23 22.10
CA THR B 9 2.52 28.96 20.93
C THR B 9 2.27 29.85 19.70
N ALA B 10 1.35 30.81 19.81
CA ALA B 10 0.98 31.72 18.73
C ALA B 10 1.96 32.90 18.60
N PRO B 11 2.09 33.54 17.40
CA PRO B 11 2.98 34.72 17.32
C PRO B 11 2.47 35.85 18.22
N GLY B 12 3.37 36.43 19.01
CA GLY B 12 3.03 37.49 19.96
C GLY B 12 2.96 37.00 21.39
N CYS B 13 2.96 35.65 21.59
CA CYS B 13 2.90 35.02 22.92
C CYS B 13 4.19 35.27 23.70
N ALA B 14 4.04 35.70 24.97
CA ALA B 14 5.15 36.00 25.87
C ALA B 14 4.75 35.96 27.33
N THR B 15 5.70 35.60 28.20
CA THR B 15 5.54 35.58 29.66
C THR B 15 6.53 36.57 30.25
N GLN B 16 6.16 37.26 31.34
CA GLN B 16 6.99 38.29 31.97
C GLN B 16 7.80 37.83 33.17
N THR B 17 7.22 36.98 34.04
CA THR B 17 7.85 36.51 35.28
C THR B 17 8.08 34.99 35.35
N PRO B 18 9.15 34.48 36.02
CA PRO B 18 10.24 35.22 36.72
C PRO B 18 11.28 35.82 35.78
N VAL B 19 11.55 35.15 34.65
CA VAL B 19 12.48 35.54 33.60
C VAL B 19 11.63 35.72 32.33
N PRO B 20 11.69 36.88 31.63
CA PRO B 20 10.86 37.06 30.42
C PRO B 20 11.17 36.06 29.31
N VAL B 21 10.13 35.36 28.83
CA VAL B 21 10.24 34.37 27.76
C VAL B 21 9.28 34.77 26.64
N ARG B 22 9.79 34.82 25.40
CA ARG B 22 9.02 35.18 24.22
C ARG B 22 9.06 34.05 23.18
N LEU B 23 7.91 33.78 22.53
CA LEU B 23 7.81 32.79 21.47
C LEU B 23 8.27 33.48 20.18
N ALA B 24 9.51 33.21 19.75
CA ALA B 24 10.11 33.83 18.56
C ALA B 24 9.61 33.22 17.26
N GLY B 25 9.30 31.93 17.27
CA GLY B 25 8.83 31.23 16.08
C GLY B 25 8.71 29.72 16.27
N VAL B 26 8.16 29.05 15.26
CA VAL B 26 7.96 27.60 15.28
C VAL B 26 8.50 27.02 13.96
N ARG B 27 9.41 26.06 14.06
CA ARG B 27 9.97 25.36 12.90
C ARG B 27 10.04 23.87 13.19
N PHE B 28 10.77 23.08 12.38
CA PHE B 28 10.88 21.65 12.63
C PHE B 28 12.19 21.08 12.13
N GLU B 29 12.60 19.96 12.75
CA GLU B 29 13.77 19.18 12.38
C GLU B 29 13.22 17.82 11.93
N SER B 30 13.92 17.14 11.02
CA SER B 30 13.49 15.82 10.54
C SER B 30 14.63 15.09 9.87
N LYS B 31 14.41 13.81 9.57
CA LYS B 31 15.32 12.98 8.80
C LYS B 31 14.59 12.78 7.47
N ILE B 32 15.08 13.48 6.44
CA ILE B 32 14.49 13.52 5.11
C ILE B 32 14.67 12.21 4.35
N VAL B 33 13.61 11.79 3.65
CA VAL B 33 13.59 10.62 2.77
C VAL B 33 13.07 11.16 1.42
N ASP B 34 13.99 11.40 0.47
CA ASP B 34 13.62 11.93 -0.84
C ASP B 34 13.12 10.82 -1.76
N GLY B 35 11.84 10.87 -2.09
CA GLY B 35 11.19 9.89 -2.95
C GLY B 35 11.31 10.14 -4.43
N GLY B 36 11.84 11.30 -4.81
CA GLY B 36 12.00 11.68 -6.20
C GLY B 36 10.75 12.32 -6.76
N CYS B 37 10.30 11.86 -7.94
CA CYS B 37 9.12 12.38 -8.65
C CYS B 37 7.90 11.48 -8.53
N PHE B 38 6.73 12.12 -8.40
CA PHE B 38 5.43 11.45 -8.31
C PHE B 38 4.45 12.17 -9.20
N ALA B 39 3.53 11.41 -9.81
CA ALA B 39 2.52 11.96 -10.71
C ALA B 39 1.28 11.06 -10.73
N PRO B 40 0.09 11.57 -11.13
CA PRO B 40 -1.06 10.66 -11.23
C PRO B 40 -0.92 9.74 -12.44
N TRP B 41 -1.64 8.60 -12.42
CA TRP B 41 -1.70 7.70 -13.55
C TRP B 41 -2.71 8.34 -14.48
N ASP B 42 -2.23 9.03 -15.52
CA ASP B 42 -3.06 9.80 -16.44
C ASP B 42 -3.32 9.09 -17.78
N LEU B 43 -4.43 8.34 -17.86
CA LEU B 43 -4.82 7.63 -19.08
C LEU B 43 -5.31 8.63 -20.11
N GLU B 44 -4.68 8.63 -21.30
CA GLU B 44 -5.05 9.49 -22.42
C GLU B 44 -5.28 8.62 -23.65
N ALA B 45 -6.38 8.88 -24.37
CA ALA B 45 -6.71 8.10 -25.56
C ALA B 45 -7.04 8.95 -26.76
N THR B 46 -6.73 8.42 -27.95
CA THR B 46 -7.03 9.02 -29.24
C THR B 46 -7.33 7.91 -30.24
N GLY B 47 -7.63 8.30 -31.47
CA GLY B 47 -7.90 7.39 -32.55
C GLY B 47 -8.58 8.06 -33.70
N ALA B 48 -9.14 7.25 -34.60
CA ALA B 48 -9.87 7.71 -35.77
C ALA B 48 -10.72 6.62 -36.36
N CYS B 49 -11.83 7.04 -36.97
CA CYS B 49 -12.72 6.19 -37.73
C CYS B 49 -12.28 6.49 -39.16
N ILE B 50 -11.89 5.46 -39.91
CA ILE B 50 -11.29 5.61 -41.23
C ILE B 50 -12.07 4.87 -42.32
N CYS B 51 -12.51 5.60 -43.36
CA CYS B 51 -13.22 4.98 -44.48
C CYS B 51 -12.22 4.59 -45.56
N GLU B 52 -11.27 3.72 -45.16
CA GLU B 52 -10.14 3.24 -45.94
C GLU B 52 -9.47 2.10 -45.15
N ILE B 53 -8.53 1.37 -45.79
CA ILE B 53 -7.72 0.34 -45.14
C ILE B 53 -6.27 0.84 -45.22
N PRO B 54 -5.82 1.68 -44.24
CA PRO B 54 -4.44 2.19 -44.27
C PRO B 54 -3.39 1.08 -44.26
N THR B 55 -2.26 1.33 -44.95
CA THR B 55 -1.14 0.39 -45.09
C THR B 55 -0.01 0.68 -44.10
N ASP B 56 -0.11 1.78 -43.35
CA ASP B 56 0.89 2.16 -42.36
C ASP B 56 0.20 2.60 -41.06
N VAL B 57 0.11 1.68 -40.09
CA VAL B 57 -0.52 1.93 -38.79
C VAL B 57 0.53 2.49 -37.81
N SER B 58 0.69 3.81 -37.87
CA SER B 58 1.60 4.64 -37.07
C SER B 58 1.04 6.07 -37.09
N CYS B 59 1.58 6.98 -36.25
CA CYS B 59 1.10 8.38 -36.22
C CYS B 59 1.25 9.08 -37.57
N GLU B 60 2.40 8.89 -38.25
CA GLU B 60 2.64 9.47 -39.58
C GLU B 60 1.78 8.81 -40.66
N GLY B 61 1.68 7.49 -40.63
CA GLY B 61 0.89 6.71 -41.58
C GLY B 61 -0.60 6.96 -41.50
N LEU B 62 -1.08 7.43 -40.34
CA LEU B 62 -2.50 7.72 -40.11
C LEU B 62 -2.78 9.23 -39.96
N GLY B 63 -1.81 10.05 -40.38
CA GLY B 63 -1.86 11.51 -40.33
C GLY B 63 -3.06 12.18 -40.97
N ALA B 64 -3.64 11.54 -42.00
CA ALA B 64 -4.82 12.05 -42.69
C ALA B 64 -6.12 11.91 -41.89
N TRP B 65 -6.11 11.13 -40.77
CA TRP B 65 -7.30 10.90 -39.96
C TRP B 65 -7.13 11.14 -38.45
N VAL B 66 -6.02 10.66 -37.85
CA VAL B 66 -5.74 10.75 -36.41
C VAL B 66 -5.21 12.14 -36.03
N PRO B 67 -5.75 12.79 -34.94
CA PRO B 67 -5.19 14.10 -34.53
C PRO B 67 -3.69 14.00 -34.24
N THR B 68 -2.90 14.86 -34.92
CA THR B 68 -1.42 14.89 -34.89
C THR B 68 -0.77 14.99 -33.50
N ALA B 69 -1.00 16.09 -32.77
CA ALA B 69 -0.40 16.30 -31.43
C ALA B 69 -0.83 15.22 -30.41
N PRO B 70 -2.14 14.86 -30.27
CA PRO B 70 -2.48 13.77 -29.34
C PRO B 70 -1.83 12.42 -29.69
N CYS B 71 -1.74 12.05 -31.00
CA CYS B 71 -1.11 10.79 -31.41
C CYS B 71 0.34 10.71 -30.97
N ALA B 72 1.16 11.74 -31.29
CA ALA B 72 2.58 11.80 -30.94
C ALA B 72 2.80 11.71 -29.42
N ARG B 73 2.01 12.47 -28.64
CA ARG B 73 2.09 12.49 -27.18
C ARG B 73 1.72 11.12 -26.57
N ILE B 74 0.58 10.53 -27.01
CA ILE B 74 0.11 9.24 -26.50
C ILE B 74 1.02 8.08 -26.91
N TRP B 75 1.60 8.14 -28.14
CA TRP B 75 2.53 7.13 -28.66
C TRP B 75 3.78 7.01 -27.75
N ASN B 76 4.23 8.15 -27.19
CA ASN B 76 5.41 8.23 -26.32
C ASN B 76 5.12 7.97 -24.82
N GLY B 77 3.87 7.65 -24.50
CA GLY B 77 3.43 7.38 -23.13
C GLY B 77 3.83 6.04 -22.56
N THR B 78 3.50 5.82 -21.27
CA THR B 78 3.80 4.60 -20.52
C THR B 78 2.69 3.56 -20.76
N GLN B 79 3.09 2.27 -20.91
CA GLN B 79 2.20 1.12 -21.13
C GLN B 79 1.26 1.34 -22.31
N ARG B 80 1.82 1.78 -23.45
CA ARG B 80 1.07 2.05 -24.68
C ARG B 80 0.33 0.82 -25.21
N ALA B 81 -0.91 1.03 -25.64
CA ALA B 81 -1.75 0.02 -26.30
C ALA B 81 -2.39 0.66 -27.51
N CYS B 82 -2.40 -0.06 -28.64
CA CYS B 82 -3.03 0.38 -29.88
C CYS B 82 -3.57 -0.77 -30.71
N THR B 83 -4.77 -0.58 -31.25
CA THR B 83 -5.46 -1.57 -32.06
C THR B 83 -5.99 -0.95 -33.34
N PHE B 84 -5.86 -1.69 -34.43
CA PHE B 84 -6.37 -1.34 -35.74
C PHE B 84 -7.37 -2.42 -36.12
N TRP B 85 -8.65 -2.04 -36.24
CA TRP B 85 -9.72 -2.96 -36.60
C TRP B 85 -10.15 -2.77 -38.04
N ALA B 86 -10.28 -3.87 -38.80
CA ALA B 86 -10.80 -3.81 -40.17
C ALA B 86 -12.30 -4.15 -40.09
N VAL B 87 -13.16 -3.13 -40.28
CA VAL B 87 -14.62 -3.27 -40.22
C VAL B 87 -15.16 -3.82 -41.55
N ASN B 88 -14.70 -3.24 -42.66
CA ASN B 88 -15.07 -3.65 -44.01
C ASN B 88 -13.84 -3.46 -44.87
N ALA B 89 -13.24 -4.57 -45.31
CA ALA B 89 -12.02 -4.57 -46.10
C ALA B 89 -12.29 -4.41 -47.59
N TYR B 90 -11.22 -4.41 -48.41
CA TYR B 90 -11.30 -4.30 -49.86
C TYR B 90 -11.97 -5.56 -50.42
N SER B 91 -12.91 -5.41 -51.37
CA SER B 91 -13.59 -6.55 -51.99
C SER B 91 -12.70 -7.16 -53.09
N SER B 92 -11.88 -6.30 -53.74
CA SER B 92 -10.95 -6.68 -54.80
C SER B 92 -9.77 -5.68 -54.84
N GLY B 93 -8.70 -6.06 -55.55
CA GLY B 93 -7.51 -5.24 -55.71
C GLY B 93 -6.77 -4.96 -54.41
N GLY B 94 -6.14 -3.80 -54.34
CA GLY B 94 -5.36 -3.37 -53.18
C GLY B 94 -4.08 -4.14 -52.98
N TYR B 95 -3.43 -3.93 -51.83
CA TYR B 95 -2.16 -4.56 -51.47
C TYR B 95 -2.26 -5.01 -50.03
N ALA B 96 -2.53 -6.32 -49.82
CA ALA B 96 -2.76 -6.95 -48.52
C ALA B 96 -3.87 -6.21 -47.74
N GLN B 97 -4.96 -5.86 -48.47
CA GLN B 97 -6.11 -5.11 -47.96
C GLN B 97 -7.45 -5.87 -48.02
N LEU B 98 -7.45 -7.10 -48.58
CA LEU B 98 -8.65 -7.95 -48.65
C LEU B 98 -8.96 -8.48 -47.23
N ALA B 99 -10.20 -8.97 -47.00
CA ALA B 99 -10.67 -9.51 -45.71
C ALA B 99 -9.81 -10.68 -45.21
N SER B 100 -9.28 -11.50 -46.15
CA SER B 100 -8.43 -12.67 -45.88
C SER B 100 -7.11 -12.33 -45.17
N TYR B 101 -6.64 -11.07 -45.28
CA TYR B 101 -5.42 -10.60 -44.63
C TYR B 101 -5.67 -10.24 -43.16
N PHE B 102 -6.95 -10.14 -42.77
CA PHE B 102 -7.36 -9.82 -41.41
C PHE B 102 -7.83 -11.05 -40.65
N ASN B 103 -6.90 -11.99 -40.43
CA ASN B 103 -7.11 -13.19 -39.62
C ASN B 103 -6.98 -12.72 -38.16
N PRO B 104 -7.49 -13.45 -37.13
CA PRO B 104 -7.29 -12.96 -35.74
C PRO B 104 -5.81 -12.73 -35.45
N GLY B 105 -5.48 -11.52 -35.01
CA GLY B 105 -4.10 -11.11 -34.74
C GLY B 105 -3.43 -10.40 -35.91
N GLY B 106 -4.08 -10.46 -37.09
CA GLY B 106 -3.67 -9.81 -38.33
C GLY B 106 -2.26 -10.08 -38.83
N SER B 107 -1.74 -11.32 -38.64
CA SER B 107 -0.40 -11.72 -39.09
C SER B 107 -0.20 -11.60 -40.60
N TYR B 108 -1.23 -11.92 -41.40
CA TYR B 108 -1.17 -11.83 -42.86
C TYR B 108 -1.02 -10.37 -43.34
N TYR B 109 -1.77 -9.45 -42.71
CA TYR B 109 -1.69 -8.01 -43.02
C TYR B 109 -0.32 -7.47 -42.59
N LYS B 110 0.12 -7.80 -41.35
CA LYS B 110 1.39 -7.36 -40.75
C LYS B 110 2.62 -7.79 -41.54
N GLN B 111 2.53 -8.92 -42.25
CA GLN B 111 3.58 -9.48 -43.09
C GLN B 111 4.00 -8.47 -44.18
N TYR B 112 3.02 -7.78 -44.78
CA TYR B 112 3.24 -6.77 -45.82
C TYR B 112 3.20 -5.35 -45.25
N HIS B 113 2.45 -5.14 -44.17
CA HIS B 113 2.28 -3.83 -43.53
C HIS B 113 2.65 -3.87 -42.04
N PRO B 114 3.97 -3.88 -41.70
CA PRO B 114 4.36 -3.93 -40.28
C PRO B 114 3.87 -2.75 -39.45
N THR B 115 3.53 -3.04 -38.18
CA THR B 115 3.03 -2.06 -37.20
C THR B 115 3.27 -2.56 -35.78
N ALA B 116 3.52 -1.63 -34.85
CA ALA B 116 3.71 -1.93 -33.42
C ALA B 116 2.35 -2.15 -32.73
N CYS B 117 1.25 -1.90 -33.47
CA CYS B 117 -0.12 -2.03 -32.99
C CYS B 117 -0.72 -3.39 -33.25
N GLU B 118 -1.74 -3.75 -32.46
CA GLU B 118 -2.50 -4.98 -32.67
C GLU B 118 -3.42 -4.78 -33.87
N VAL B 119 -3.60 -5.81 -34.69
CA VAL B 119 -4.45 -5.78 -35.89
C VAL B 119 -5.50 -6.87 -35.71
N GLU B 120 -6.78 -6.50 -35.81
CA GLU B 120 -7.86 -7.46 -35.62
C GLU B 120 -8.99 -7.34 -36.62
N PRO B 121 -9.65 -8.45 -37.01
CA PRO B 121 -10.83 -8.32 -37.87
C PRO B 121 -12.00 -7.79 -37.03
N ALA B 122 -12.90 -7.03 -37.66
CA ALA B 122 -14.08 -6.48 -36.97
C ALA B 122 -15.30 -6.59 -37.89
N PHE B 123 -15.28 -7.58 -38.81
CA PHE B 123 -16.37 -7.85 -39.74
C PHE B 123 -17.57 -8.31 -38.93
N GLY B 124 -18.71 -7.67 -39.16
CA GLY B 124 -19.92 -7.92 -38.39
C GLY B 124 -20.33 -6.68 -37.62
N HIS B 125 -19.36 -5.77 -37.34
CA HIS B 125 -19.61 -4.49 -36.68
C HIS B 125 -20.25 -3.57 -37.73
N SER B 126 -21.10 -2.63 -37.29
CA SER B 126 -21.79 -1.70 -38.19
C SER B 126 -20.80 -0.82 -38.97
N ASP B 127 -20.95 -0.79 -40.30
CA ASP B 127 -20.13 0.02 -41.21
C ASP B 127 -20.91 1.23 -41.73
N ALA B 128 -22.09 1.51 -41.12
CA ALA B 128 -23.01 2.60 -41.47
C ALA B 128 -22.37 3.98 -41.46
N ALA B 129 -21.34 4.18 -40.61
CA ALA B 129 -20.59 5.43 -40.51
C ALA B 129 -19.83 5.80 -41.79
N CYS B 130 -19.47 4.78 -42.60
CA CYS B 130 -18.78 4.95 -43.88
C CYS B 130 -19.71 4.72 -45.06
N TRP B 131 -20.18 5.82 -45.65
CA TRP B 131 -21.11 5.82 -46.78
C TRP B 131 -20.60 6.69 -47.94
N GLY B 132 -21.25 6.59 -49.09
CA GLY B 132 -20.90 7.35 -50.28
C GLY B 132 -19.88 6.69 -51.16
N PHE B 133 -19.81 5.35 -51.13
CA PHE B 133 -18.90 4.55 -51.95
C PHE B 133 -19.64 4.06 -53.20
N PRO B 134 -19.05 4.17 -54.42
CA PRO B 134 -19.77 3.72 -55.63
C PRO B 134 -20.04 2.22 -55.70
N THR B 135 -19.04 1.39 -55.32
CA THR B 135 -19.18 -0.07 -55.35
C THR B 135 -18.68 -0.76 -54.09
N ASP B 136 -17.42 -0.49 -53.68
CA ASP B 136 -16.80 -1.13 -52.53
C ASP B 136 -16.67 -0.24 -51.28
N THR B 137 -17.51 -0.50 -50.27
CA THR B 137 -17.48 0.18 -48.98
C THR B 137 -16.26 -0.32 -48.20
N VAL B 138 -15.42 0.62 -47.70
CA VAL B 138 -14.23 0.31 -46.92
C VAL B 138 -14.25 1.06 -45.58
N MET B 139 -13.94 0.35 -44.49
CA MET B 139 -13.93 0.94 -43.16
C MET B 139 -12.97 0.24 -42.21
N SER B 140 -12.26 1.05 -41.42
CA SER B 140 -11.34 0.62 -40.39
C SER B 140 -11.42 1.60 -39.21
N VAL B 141 -10.99 1.15 -38.03
CA VAL B 141 -11.00 1.96 -36.80
C VAL B 141 -9.65 1.80 -36.12
N PHE B 142 -9.08 2.93 -35.66
CA PHE B 142 -7.82 2.95 -34.93
C PHE B 142 -8.06 3.54 -33.55
N ALA B 143 -7.50 2.91 -32.51
CA ALA B 143 -7.56 3.38 -31.13
C ALA B 143 -6.15 3.30 -30.56
N LEU B 144 -5.78 4.31 -29.78
CA LEU B 144 -4.45 4.41 -29.17
C LEU B 144 -4.59 5.01 -27.79
N ALA B 145 -3.99 4.37 -26.78
CA ALA B 145 -4.03 4.84 -25.39
C ALA B 145 -2.78 4.46 -24.61
N SER B 146 -2.40 5.32 -23.65
CA SER B 146 -1.26 5.13 -22.76
C SER B 146 -1.38 6.03 -21.53
N TYR B 147 -0.47 5.87 -20.57
CA TYR B 147 -0.39 6.70 -19.38
C TYR B 147 0.65 7.78 -19.65
N VAL B 148 0.16 9.00 -19.90
CA VAL B 148 0.96 10.17 -20.27
C VAL B 148 1.45 10.95 -19.03
N GLN B 149 2.66 11.54 -19.13
CA GLN B 149 3.27 12.34 -18.07
C GLN B 149 3.22 13.82 -18.41
N HIS B 150 2.24 14.54 -17.86
CA HIS B 150 2.14 15.98 -18.08
C HIS B 150 3.05 16.66 -17.06
N PRO B 151 4.03 17.51 -17.49
CA PRO B 151 4.94 18.16 -16.52
C PRO B 151 4.28 18.90 -15.36
N HIS B 152 3.13 19.57 -15.60
CA HIS B 152 2.39 20.32 -14.58
C HIS B 152 1.77 19.41 -13.48
N LYS B 153 1.63 18.11 -13.76
CA LYS B 153 1.07 17.13 -12.82
C LYS B 153 2.14 16.41 -11.99
N THR B 154 3.43 16.57 -12.35
CA THR B 154 4.55 15.96 -11.64
C THR B 154 4.96 16.80 -10.44
N VAL B 155 5.11 16.14 -9.27
CA VAL B 155 5.49 16.77 -8.00
CA VAL B 155 5.53 16.79 -8.04
C VAL B 155 6.74 16.07 -7.45
N ARG B 156 7.67 16.84 -6.84
CA ARG B 156 8.83 16.27 -6.17
C ARG B 156 8.34 16.05 -4.74
N VAL B 157 8.61 14.87 -4.15
CA VAL B 157 8.13 14.59 -2.80
C VAL B 157 9.25 14.16 -1.87
N LYS B 158 9.32 14.80 -0.70
CA LYS B 158 10.25 14.46 0.36
C LYS B 158 9.43 14.05 1.58
N PHE B 159 9.70 12.86 2.10
CA PHE B 159 9.05 12.34 3.30
C PHE B 159 9.89 12.80 4.48
N HIS B 160 9.24 13.31 5.52
CA HIS B 160 9.95 13.78 6.71
C HIS B 160 9.68 12.82 7.85
N THR B 161 10.73 12.14 8.32
CA THR B 161 10.63 11.14 9.39
C THR B 161 11.34 11.69 10.63
N GLU B 162 11.13 11.06 11.81
CA GLU B 162 11.73 11.46 13.09
C GLU B 162 11.55 12.98 13.30
N THR B 163 10.36 13.49 12.92
CA THR B 163 9.99 14.91 12.99
CA THR B 163 10.03 14.92 13.00
C THR B 163 10.05 15.42 14.42
N ARG B 164 10.68 16.58 14.62
CA ARG B 164 10.79 17.22 15.92
C ARG B 164 10.36 18.66 15.75
N THR B 165 9.26 19.07 16.43
CA THR B 165 8.84 20.47 16.38
C THR B 165 9.87 21.29 17.14
N VAL B 166 10.31 22.40 16.55
CA VAL B 166 11.28 23.30 17.16
C VAL B 166 10.55 24.54 17.64
N TRP B 167 10.51 24.75 18.97
CA TRP B 167 9.87 25.92 19.56
C TRP B 167 11.00 26.91 19.81
N GLN B 168 11.08 27.95 18.96
CA GLN B 168 12.13 28.96 19.06
C GLN B 168 11.76 29.98 20.11
N LEU B 169 12.52 30.00 21.20
CA LEU B 169 12.28 30.90 22.32
C LEU B 169 13.36 31.96 22.45
N SER B 170 13.01 33.05 23.13
CA SER B 170 13.90 34.14 23.48
C SER B 170 13.77 34.27 25.01
N VAL B 171 14.75 33.74 25.74
CA VAL B 171 14.79 33.75 27.21
C VAL B 171 15.64 34.94 27.63
N ALA B 172 14.95 36.07 27.96
CA ALA B 172 15.55 37.36 28.31
C ALA B 172 16.55 37.82 27.23
N GLY B 173 16.10 37.79 25.98
CA GLY B 173 16.88 38.17 24.81
C GLY B 173 17.84 37.11 24.28
N VAL B 174 17.96 35.97 24.99
CA VAL B 174 18.86 34.87 24.61
C VAL B 174 18.09 33.78 23.88
N SER B 175 18.54 33.44 22.66
CA SER B 175 17.93 32.42 21.81
C SER B 175 18.10 31.01 22.39
N CYS B 176 17.00 30.25 22.42
CA CYS B 176 16.95 28.85 22.87
C CYS B 176 15.93 28.11 22.01
N ASN B 177 16.37 27.04 21.33
CA ASN B 177 15.53 26.22 20.45
C ASN B 177 15.21 24.90 21.13
N VAL B 178 13.98 24.79 21.66
CA VAL B 178 13.56 23.59 22.38
C VAL B 178 12.82 22.59 21.53
N THR B 179 13.13 21.31 21.76
CA THR B 179 12.51 20.15 21.12
C THR B 179 12.34 19.08 22.21
N THR B 180 11.65 17.98 21.87
CA THR B 180 11.49 16.81 22.72
C THR B 180 12.88 16.19 23.03
N GLU B 181 13.84 16.36 22.12
CA GLU B 181 15.21 15.86 22.27
C GLU B 181 16.06 16.76 23.17
N HIS B 182 15.89 18.10 23.01
CA HIS B 182 16.67 19.11 23.75
C HIS B 182 15.72 20.14 24.40
N PRO B 183 15.10 19.80 25.56
CA PRO B 183 14.12 20.72 26.15
C PRO B 183 14.66 21.71 27.20
N PHE B 184 15.99 21.78 27.39
CA PHE B 184 16.60 22.65 28.40
C PHE B 184 17.22 23.93 27.85
N CYS B 185 17.08 25.03 28.63
CA CYS B 185 17.63 26.37 28.36
C CYS B 185 18.42 26.84 29.58
N ASN B 186 19.64 27.34 29.37
CA ASN B 186 20.44 27.89 30.46
C ASN B 186 19.98 29.30 30.77
N THR B 187 19.84 29.60 32.06
CA THR B 187 19.42 30.89 32.60
C THR B 187 20.41 31.32 33.70
N PRO B 188 20.65 32.64 33.94
CA PRO B 188 21.59 33.02 35.01
C PRO B 188 21.12 32.58 36.41
N HIS B 189 19.79 32.37 36.57
CA HIS B 189 19.15 31.85 37.78
C HIS B 189 19.58 30.40 37.98
N GLY B 190 19.58 29.64 36.88
CA GLY B 190 19.95 28.24 36.87
C GLY B 190 19.64 27.54 35.56
N GLN B 191 18.42 26.98 35.45
CA GLN B 191 17.99 26.23 34.26
C GLN B 191 16.49 26.29 34.04
N LEU B 192 16.09 26.39 32.76
CA LEU B 192 14.69 26.37 32.33
C LEU B 192 14.44 25.06 31.58
N GLU B 193 13.52 24.23 32.12
CA GLU B 193 13.13 22.97 31.49
C GLU B 193 11.77 23.21 30.84
N VAL B 194 11.67 22.98 29.53
CA VAL B 194 10.42 23.22 28.82
C VAL B 194 9.66 21.93 28.58
N GLN B 195 8.43 21.84 29.12
CA GLN B 195 7.54 20.70 28.87
C GLN B 195 6.90 21.00 27.52
N VAL B 196 7.09 20.09 26.57
CA VAL B 196 6.59 20.26 25.21
C VAL B 196 5.58 19.18 24.82
N PRO B 197 4.62 19.44 23.91
CA PRO B 197 3.70 18.38 23.48
C PRO B 197 4.43 17.35 22.61
N PRO B 198 3.86 16.14 22.32
CA PRO B 198 4.58 15.21 21.45
C PRO B 198 4.76 15.76 20.04
N ASP B 199 5.71 15.19 19.32
CA ASP B 199 5.99 15.55 17.93
C ASP B 199 4.83 15.11 17.02
N PRO B 200 4.63 15.73 15.83
CA PRO B 200 3.43 15.38 15.03
C PRO B 200 3.48 14.11 14.21
N GLY B 201 4.60 13.38 14.25
CA GLY B 201 4.75 12.18 13.42
C GLY B 201 5.27 12.57 12.06
N ASP B 202 5.24 11.63 11.11
CA ASP B 202 5.75 11.88 9.75
C ASP B 202 5.00 12.97 8.97
N LEU B 203 5.75 13.72 8.13
CA LEU B 203 5.19 14.76 7.27
C LEU B 203 5.48 14.41 5.81
N VAL B 204 4.69 14.98 4.90
CA VAL B 204 4.88 14.82 3.46
C VAL B 204 5.09 16.23 2.89
N GLU B 205 6.23 16.44 2.21
CA GLU B 205 6.54 17.73 1.61
C GLU B 205 6.35 17.60 0.10
N TYR B 206 5.33 18.29 -0.44
CA TYR B 206 5.02 18.31 -1.86
C TYR B 206 5.70 19.54 -2.44
N ILE B 207 6.68 19.33 -3.32
CA ILE B 207 7.45 20.42 -3.91
C ILE B 207 6.92 20.72 -5.31
N MET B 208 6.31 21.91 -5.45
CA MET B 208 5.71 22.42 -6.68
C MET B 208 6.75 23.24 -7.43
N ASN B 209 6.75 23.11 -8.78
CA ASN B 209 7.68 23.80 -9.70
C ASN B 209 9.14 23.42 -9.44
N ASN B 213 9.08 30.85 -7.55
CA ASN B 213 9.24 29.65 -8.37
C ASN B 213 8.92 28.37 -7.56
N GLN B 214 9.93 27.81 -6.85
CA GLN B 214 9.80 26.59 -6.06
C GLN B 214 9.02 26.85 -4.77
N GLN B 215 7.93 26.11 -4.56
CA GLN B 215 7.07 26.23 -3.38
C GLN B 215 6.78 24.88 -2.76
N SER B 216 6.83 24.81 -1.42
CA SER B 216 6.55 23.59 -0.66
C SER B 216 5.17 23.63 -0.03
N ARG B 217 4.44 22.52 -0.14
CA ARG B 217 3.12 22.32 0.44
C ARG B 217 3.22 21.11 1.36
N TRP B 218 2.45 21.10 2.46
CA TRP B 218 2.58 20.09 3.49
C TRP B 218 1.40 19.18 3.77
N GLY B 219 1.72 17.90 3.90
CA GLY B 219 0.78 16.86 4.28
C GLY B 219 1.21 16.30 5.62
N LEU B 220 0.25 15.85 6.42
CA LEU B 220 0.50 15.26 7.73
C LEU B 220 0.21 13.76 7.62
N GLY B 221 1.24 12.93 7.81
CA GLY B 221 1.11 11.48 7.70
C GLY B 221 2.10 10.79 6.77
N SER B 222 1.77 9.56 6.33
CA SER B 222 2.60 8.69 5.50
C SER B 222 2.75 8.91 3.97
N PRO B 223 1.74 9.25 3.15
CA PRO B 223 0.34 9.57 3.47
C PRO B 223 -0.53 8.32 3.58
N ASN B 224 -1.80 8.51 3.92
CA ASN B 224 -2.76 7.43 4.03
C ASN B 224 -3.48 7.31 2.68
N CYS B 225 -3.08 6.31 1.88
CA CYS B 225 -3.67 6.06 0.55
C CYS B 225 -5.07 5.44 0.63
N HIS B 226 -5.54 5.10 1.86
CA HIS B 226 -6.85 4.50 2.09
C HIS B 226 -7.90 5.50 2.62
N GLY B 227 -7.52 6.77 2.77
CA GLY B 227 -8.44 7.78 3.27
C GLY B 227 -8.76 8.89 2.28
N PRO B 228 -9.13 10.10 2.76
CA PRO B 228 -9.45 11.21 1.83
C PRO B 228 -8.32 11.66 0.91
N ASP B 229 -7.06 11.31 1.23
CA ASP B 229 -5.89 11.66 0.41
C ASP B 229 -5.50 10.54 -0.56
N TRP B 230 -6.43 9.62 -0.87
CA TRP B 230 -6.24 8.47 -1.77
C TRP B 230 -5.69 8.84 -3.15
N ALA B 231 -6.07 10.04 -3.68
CA ALA B 231 -5.66 10.51 -5.01
C ALA B 231 -4.31 11.22 -5.05
N SER B 232 -3.57 11.20 -3.93
CA SER B 232 -2.23 11.79 -3.86
C SER B 232 -1.34 11.18 -4.94
N PRO B 233 -0.51 11.98 -5.65
CA PRO B 233 0.41 11.38 -6.64
C PRO B 233 1.37 10.38 -6.00
N VAL B 234 1.61 10.48 -4.66
CA VAL B 234 2.44 9.55 -3.88
C VAL B 234 1.85 8.13 -3.95
N CYS B 235 0.50 8.03 -3.99
CA CYS B 235 -0.23 6.77 -4.09
C CYS B 235 -0.23 6.23 -5.54
N GLN B 236 0.34 7.00 -6.49
CA GLN B 236 0.32 6.64 -7.91
C GLN B 236 1.67 6.34 -8.59
N ARG B 237 2.05 7.11 -9.63
CA ARG B 237 3.26 6.90 -10.42
C ARG B 237 4.54 7.38 -9.70
N HIS B 238 5.47 6.45 -9.43
CA HIS B 238 6.73 6.75 -8.73
C HIS B 238 7.95 6.65 -9.63
N SER B 239 8.70 7.78 -9.75
CA SER B 239 9.95 7.84 -10.50
C SER B 239 11.05 8.40 -9.56
N PRO B 240 11.89 7.51 -8.97
CA PRO B 240 12.91 7.98 -8.01
C PRO B 240 13.94 8.96 -8.56
N ASP B 241 14.31 8.83 -9.84
CA ASP B 241 15.30 9.66 -10.50
C ASP B 241 14.66 10.67 -11.48
N CYS B 242 13.30 10.82 -11.43
CA CYS B 242 12.51 11.70 -12.29
C CYS B 242 12.75 11.39 -13.79
N SER B 243 12.91 10.08 -14.10
CA SER B 243 13.18 9.58 -15.45
C SER B 243 12.65 8.16 -15.64
N ARG B 244 13.01 7.24 -14.72
CA ARG B 244 12.61 5.84 -14.79
C ARG B 244 11.55 5.47 -13.78
N LEU B 245 10.54 4.72 -14.23
CA LEU B 245 9.42 4.26 -13.43
C LEU B 245 9.78 3.00 -12.64
N VAL B 246 9.29 2.90 -11.39
CA VAL B 246 9.50 1.74 -10.52
C VAL B 246 8.16 1.33 -9.86
N GLY B 247 8.10 0.11 -9.34
CA GLY B 247 6.97 -0.41 -8.58
C GLY B 247 5.68 -0.62 -9.32
N ALA B 248 4.55 -0.52 -8.57
CA ALA B 248 3.18 -0.72 -9.04
C ALA B 248 2.87 0.09 -10.28
N THR B 249 2.38 -0.60 -11.32
CA THR B 249 2.08 -0.01 -12.63
C THR B 249 0.78 -0.59 -13.18
N PRO B 250 -0.15 0.21 -13.75
CA PRO B 250 -1.36 -0.37 -14.35
C PRO B 250 -1.01 -1.22 -15.56
N GLU B 251 -1.92 -2.12 -15.94
CA GLU B 251 -1.76 -2.97 -17.12
C GLU B 251 -1.88 -2.07 -18.35
N ARG B 252 -1.51 -2.59 -19.54
CA ARG B 252 -1.68 -1.83 -20.77
C ARG B 252 -3.20 -1.61 -20.96
N PRO B 253 -3.66 -0.42 -21.39
CA PRO B 253 -5.10 -0.20 -21.57
C PRO B 253 -5.79 -1.26 -22.42
N ARG B 254 -7.05 -1.58 -22.09
CA ARG B 254 -7.84 -2.57 -22.81
C ARG B 254 -8.74 -1.84 -23.79
N LEU B 255 -8.37 -1.86 -25.09
CA LEU B 255 -9.11 -1.17 -26.13
C LEU B 255 -10.19 -2.04 -26.73
N ARG B 256 -11.39 -1.48 -26.89
CA ARG B 256 -12.52 -2.21 -27.42
C ARG B 256 -13.30 -1.36 -28.42
N LEU B 257 -13.70 -1.99 -29.54
CA LEU B 257 -14.53 -1.35 -30.55
C LEU B 257 -15.97 -1.66 -30.13
N VAL B 258 -16.73 -0.62 -29.80
CA VAL B 258 -18.11 -0.78 -29.31
C VAL B 258 -19.07 -0.01 -30.22
N ASP B 259 -20.02 -0.73 -30.87
CA ASP B 259 -21.01 -0.09 -31.74
C ASP B 259 -21.94 0.82 -30.93
N ALA B 260 -22.47 1.88 -31.58
CA ALA B 260 -23.37 2.87 -30.96
C ALA B 260 -24.59 2.32 -30.23
N ASP B 261 -25.17 1.22 -30.74
CA ASP B 261 -26.34 0.60 -30.11
C ASP B 261 -26.04 -0.64 -29.26
N ASP B 262 -24.75 -0.89 -28.94
CA ASP B 262 -24.35 -2.02 -28.11
C ASP B 262 -24.83 -1.81 -26.65
N PRO B 263 -25.54 -2.79 -26.04
CA PRO B 263 -25.98 -2.63 -24.63
C PRO B 263 -24.86 -2.37 -23.61
N LEU B 264 -23.60 -2.66 -23.97
CA LEU B 264 -22.43 -2.42 -23.12
C LEU B 264 -22.30 -0.91 -22.76
N LEU B 265 -22.74 -0.02 -23.68
CA LEU B 265 -22.70 1.43 -23.48
C LEU B 265 -23.64 1.95 -22.36
N ARG B 266 -24.50 1.08 -21.81
CA ARG B 266 -25.38 1.39 -20.69
C ARG B 266 -24.58 1.35 -19.38
N THR B 267 -23.34 0.81 -19.44
CA THR B 267 -22.42 0.71 -18.30
C THR B 267 -21.20 1.59 -18.58
N ALA B 268 -20.42 1.90 -17.54
CA ALA B 268 -19.23 2.72 -17.67
C ALA B 268 -17.98 1.85 -17.86
N PRO B 269 -16.98 2.28 -18.66
CA PRO B 269 -15.75 1.46 -18.78
C PRO B 269 -15.01 1.42 -17.44
N GLY B 270 -14.35 0.29 -17.16
CA GLY B 270 -13.58 0.11 -15.95
C GLY B 270 -12.24 0.83 -16.02
N PRO B 271 -11.45 0.87 -14.91
CA PRO B 271 -10.14 1.56 -14.97
C PRO B 271 -9.22 0.95 -16.03
N GLY B 272 -8.67 1.81 -16.88
CA GLY B 272 -7.78 1.40 -17.96
C GLY B 272 -8.48 0.92 -19.22
N GLU B 273 -9.83 0.88 -19.21
CA GLU B 273 -10.58 0.46 -20.39
C GLU B 273 -10.90 1.64 -21.29
N VAL B 274 -10.75 1.44 -22.60
CA VAL B 274 -11.02 2.47 -23.59
C VAL B 274 -11.98 1.90 -24.63
N TRP B 275 -13.20 2.47 -24.70
CA TRP B 275 -14.22 2.03 -25.64
C TRP B 275 -14.36 3.07 -26.74
N VAL B 276 -14.20 2.64 -28.01
CA VAL B 276 -14.31 3.54 -29.16
C VAL B 276 -15.54 3.24 -30.00
N THR B 277 -16.25 4.30 -30.40
CA THR B 277 -17.50 4.18 -31.13
C THR B 277 -17.50 5.05 -32.38
N PRO B 278 -17.67 4.44 -33.59
CA PRO B 278 -17.73 5.25 -34.82
C PRO B 278 -18.97 6.14 -34.83
N VAL B 279 -18.81 7.38 -35.29
CA VAL B 279 -19.91 8.34 -35.36
C VAL B 279 -20.21 8.58 -36.84
N ILE B 280 -21.47 8.30 -37.24
CA ILE B 280 -21.95 8.46 -38.62
C ILE B 280 -21.64 9.88 -39.10
N GLY B 281 -20.94 9.96 -40.22
CA GLY B 281 -20.49 11.23 -40.78
C GLY B 281 -21.53 12.01 -41.56
N SER B 282 -21.32 13.33 -41.64
CA SER B 282 -22.13 14.27 -42.38
C SER B 282 -21.58 14.37 -43.82
N GLN B 283 -20.28 14.05 -43.98
CA GLN B 283 -19.55 14.05 -45.23
C GLN B 283 -19.40 12.61 -45.73
N ALA B 284 -19.40 12.42 -47.05
CA ALA B 284 -19.23 11.11 -47.68
C ALA B 284 -17.80 10.59 -47.44
N ARG B 285 -17.65 9.27 -47.22
CA ARG B 285 -16.38 8.57 -46.99
C ARG B 285 -15.56 9.14 -45.80
N LYS B 286 -16.25 9.62 -44.77
CA LYS B 286 -15.66 10.18 -43.56
C LYS B 286 -16.52 9.80 -42.35
N CYS B 287 -15.89 9.67 -41.18
CA CYS B 287 -16.58 9.36 -39.93
C CYS B 287 -15.83 9.86 -38.71
N GLY B 288 -16.60 10.12 -37.65
CA GLY B 288 -16.07 10.57 -36.38
C GLY B 288 -15.87 9.41 -35.42
N LEU B 289 -15.22 9.68 -34.29
CA LEU B 289 -14.99 8.66 -33.28
C LEU B 289 -15.27 9.19 -31.90
N HIS B 290 -16.11 8.47 -31.16
CA HIS B 290 -16.43 8.83 -29.78
C HIS B 290 -15.64 7.89 -28.86
N ILE B 291 -14.89 8.46 -27.92
CA ILE B 291 -14.02 7.70 -27.02
C ILE B 291 -14.46 7.83 -25.57
N ARG B 292 -14.65 6.68 -24.91
CA ARG B 292 -15.03 6.58 -23.49
C ARG B 292 -13.89 5.87 -22.77
N ALA B 293 -13.24 6.56 -21.82
CA ALA B 293 -12.12 6.00 -21.09
C ALA B 293 -12.35 5.98 -19.59
N GLY B 294 -12.02 4.85 -18.96
CA GLY B 294 -12.14 4.67 -17.53
C GLY B 294 -10.82 5.06 -16.88
N PRO B 295 -10.74 6.21 -16.19
CA PRO B 295 -9.46 6.61 -15.59
C PRO B 295 -9.00 5.69 -14.47
N TYR B 296 -7.69 5.63 -14.23
CA TYR B 296 -7.12 4.85 -13.13
C TYR B 296 -7.65 5.47 -11.83
N GLY B 297 -8.07 4.62 -10.90
CA GLY B 297 -8.58 5.06 -9.61
C GLY B 297 -9.98 5.66 -9.65
N HIS B 298 -10.68 5.55 -10.80
CA HIS B 298 -12.06 6.00 -11.06
C HIS B 298 -12.26 7.51 -11.18
N ALA B 299 -11.18 8.30 -11.16
CA ALA B 299 -11.25 9.75 -11.27
C ALA B 299 -9.98 10.36 -11.86
N THR B 300 -10.11 11.51 -12.54
CA THR B 300 -9.00 12.25 -13.14
C THR B 300 -8.52 13.29 -12.12
N VAL B 301 -7.23 13.25 -11.77
CA VAL B 301 -6.65 14.17 -10.78
C VAL B 301 -6.39 15.54 -11.41
N GLU B 302 -6.86 16.61 -10.73
CA GLU B 302 -6.63 18.00 -11.11
C GLU B 302 -5.56 18.47 -10.12
N MET B 303 -4.30 18.52 -10.58
CA MET B 303 -3.16 18.84 -9.71
C MET B 303 -3.20 20.12 -8.87
N PRO B 304 -3.35 21.36 -9.43
CA PRO B 304 -3.38 22.54 -8.55
C PRO B 304 -4.52 22.47 -7.52
N GLU B 305 -5.68 21.95 -7.94
CA GLU B 305 -6.88 21.79 -7.12
C GLU B 305 -6.67 20.77 -5.99
N TRP B 306 -6.04 19.61 -6.29
CA TRP B 306 -5.78 18.59 -5.27
C TRP B 306 -4.84 19.13 -4.20
N ILE B 307 -3.71 19.73 -4.62
CA ILE B 307 -2.71 20.33 -3.74
C ILE B 307 -3.32 21.42 -2.83
N HIS B 308 -4.13 22.33 -3.39
CA HIS B 308 -4.77 23.41 -2.64
C HIS B 308 -5.66 22.92 -1.48
N ALA B 309 -6.42 21.83 -1.70
CA ALA B 309 -7.34 21.29 -0.71
C ALA B 309 -6.75 20.24 0.22
N HIS B 310 -5.74 19.47 -0.24
CA HIS B 310 -5.17 18.37 0.54
C HIS B 310 -3.83 18.67 1.23
N THR B 311 -3.37 19.93 1.19
CA THR B 311 -2.11 20.33 1.82
C THR B 311 -2.26 21.69 2.51
N THR B 312 -1.26 22.05 3.33
CA THR B 312 -1.20 23.35 4.01
C THR B 312 0.08 24.08 3.59
N SER B 313 0.13 25.39 3.80
CA SER B 313 1.30 26.22 3.48
C SER B 313 2.48 25.92 4.42
N ASP B 314 2.18 25.49 5.65
CA ASP B 314 3.18 25.19 6.67
C ASP B 314 2.97 23.82 7.33
N PRO B 315 4.04 23.17 7.87
CA PRO B 315 3.83 21.89 8.57
C PRO B 315 2.98 22.07 9.82
N TRP B 316 2.16 21.07 10.16
CA TRP B 316 1.31 21.14 11.34
C TRP B 316 2.09 20.89 12.64
N HIS B 317 1.67 21.56 13.71
CA HIS B 317 2.21 21.39 15.06
C HIS B 317 1.07 21.45 16.09
N PRO B 318 1.16 20.74 17.24
CA PRO B 318 0.07 20.81 18.24
C PRO B 318 -0.16 22.22 18.80
N PRO B 319 -1.36 22.52 19.35
CA PRO B 319 -1.64 23.89 19.82
C PRO B 319 -0.90 24.37 21.06
N GLY B 320 -0.30 23.46 21.81
CA GLY B 320 0.38 23.81 23.05
C GLY B 320 -0.61 23.89 24.21
N PRO B 321 -0.34 24.71 25.27
CA PRO B 321 0.83 25.56 25.49
C PRO B 321 2.07 24.79 25.92
N LEU B 322 3.18 25.50 26.13
CA LEU B 322 4.42 24.92 26.61
C LEU B 322 4.48 25.16 28.12
N GLY B 323 4.99 24.18 28.85
CA GLY B 323 5.13 24.27 30.31
C GLY B 323 6.51 24.75 30.67
N LEU B 324 6.64 25.99 31.17
CA LEU B 324 7.94 26.55 31.54
C LEU B 324 8.27 26.27 33.00
N LYS B 325 9.25 25.38 33.24
CA LYS B 325 9.69 24.98 34.58
C LYS B 325 11.02 25.67 34.90
N PHE B 326 10.98 26.71 35.74
CA PHE B 326 12.15 27.49 36.15
C PHE B 326 12.80 26.88 37.39
N LYS B 327 14.08 26.53 37.28
CA LYS B 327 14.85 25.90 38.36
C LYS B 327 16.12 26.69 38.69
N THR B 328 16.58 26.58 39.95
CA THR B 328 17.81 27.22 40.45
C THR B 328 19.03 26.32 40.19
N VAL B 329 18.79 25.08 39.71
CA VAL B 329 19.82 24.08 39.39
C VAL B 329 20.73 24.51 38.24
N ARG B 330 22.06 24.39 38.44
CA ARG B 330 23.06 24.74 37.44
C ARG B 330 23.73 23.48 36.84
N PRO B 331 23.74 23.30 35.50
CA PRO B 331 24.36 22.09 34.91
C PRO B 331 25.86 21.97 35.19
N VAL B 332 26.32 20.72 35.43
CA VAL B 332 27.72 20.41 35.73
C VAL B 332 28.59 20.63 34.48
N ALA B 333 29.66 21.46 34.63
CA ALA B 333 30.57 21.79 33.54
C ALA B 333 31.45 20.59 33.16
N LEU B 334 31.22 20.05 31.95
CA LEU B 334 31.96 18.90 31.42
C LEU B 334 33.03 19.36 30.42
N PRO B 335 34.25 18.75 30.43
CA PRO B 335 35.27 19.17 29.45
C PRO B 335 34.96 18.71 28.02
N ARG B 336 35.11 19.62 27.05
CA ARG B 336 34.84 19.33 25.64
C ARG B 336 36.10 19.40 24.79
N ALA B 337 36.32 18.37 23.95
CA ALA B 337 37.43 18.32 23.01
C ALA B 337 37.04 19.20 21.82
N LEU B 338 37.86 20.21 21.51
CA LEU B 338 37.56 21.14 20.42
C LEU B 338 38.36 20.92 19.14
N ALA B 339 39.39 20.05 19.20
CA ALA B 339 40.20 19.70 18.03
C ALA B 339 39.34 18.89 17.04
N PRO B 340 39.58 18.98 15.70
CA PRO B 340 38.74 18.21 14.76
C PRO B 340 38.92 16.69 14.86
N PRO B 341 37.89 15.86 14.54
CA PRO B 341 38.10 14.41 14.59
C PRO B 341 39.02 13.96 13.45
N ARG B 342 39.72 12.83 13.64
CA ARG B 342 40.66 12.33 12.64
C ARG B 342 40.18 11.07 11.94
N ASN B 343 40.66 10.85 10.69
CA ASN B 343 40.39 9.68 9.85
C ASN B 343 38.90 9.34 9.70
N VAL B 344 38.05 10.37 9.64
CA VAL B 344 36.61 10.17 9.52
C VAL B 344 36.22 9.67 8.13
N ARG B 345 35.44 8.58 8.11
CA ARG B 345 34.89 7.94 6.92
C ARG B 345 33.37 7.90 7.05
N VAL B 346 32.65 8.28 5.98
CA VAL B 346 31.19 8.26 5.91
C VAL B 346 30.81 7.32 4.75
N THR B 347 29.98 6.28 5.03
CA THR B 347 29.55 5.29 4.03
CA THR B 347 29.56 5.29 4.03
C THR B 347 28.05 5.07 4.06
N GLY B 348 27.44 4.98 2.89
CA GLY B 348 26.01 4.73 2.73
C GLY B 348 25.33 5.69 1.78
N CYS B 349 24.23 6.28 2.24
CA CYS B 349 23.45 7.25 1.48
C CYS B 349 22.95 8.39 2.37
N TYR B 350 22.47 9.49 1.76
CA TYR B 350 21.89 10.63 2.46
C TYR B 350 20.45 10.82 1.94
N GLN B 351 19.56 11.41 2.76
CA GLN B 351 18.14 11.66 2.44
C GLN B 351 17.45 10.40 1.87
N CYS B 352 17.81 9.22 2.40
CA CYS B 352 17.37 7.91 1.92
C CYS B 352 16.56 7.08 2.91
N GLY B 353 16.71 7.35 4.20
CA GLY B 353 16.00 6.60 5.24
C GLY B 353 16.79 5.45 5.83
N THR B 354 18.01 5.19 5.30
CA THR B 354 18.91 4.18 5.84
C THR B 354 20.07 4.92 6.51
N PRO B 355 20.28 4.74 7.83
CA PRO B 355 21.41 5.41 8.50
C PRO B 355 22.76 5.09 7.86
N ALA B 356 23.57 6.11 7.64
CA ALA B 356 24.91 5.97 7.07
C ALA B 356 25.89 5.66 8.20
N LEU B 357 26.97 4.95 7.88
CA LEU B 357 27.99 4.61 8.87
C LEU B 357 29.03 5.74 8.95
N VAL B 358 29.24 6.28 10.16
CA VAL B 358 30.22 7.33 10.42
C VAL B 358 31.23 6.78 11.42
N GLU B 359 32.51 6.70 11.01
CA GLU B 359 33.58 6.17 11.83
C GLU B 359 34.82 7.06 11.77
N GLY B 360 35.54 7.14 12.89
CA GLY B 360 36.74 7.95 12.98
C GLY B 360 37.42 7.90 14.33
N LEU B 361 38.28 8.89 14.58
CA LEU B 361 39.05 9.00 15.82
C LEU B 361 38.77 10.34 16.50
N ALA B 362 38.12 10.28 17.68
CA ALA B 362 37.81 11.46 18.50
C ALA B 362 39.10 11.89 19.23
N PRO B 363 39.44 13.20 19.25
CA PRO B 363 40.70 13.62 19.91
C PRO B 363 40.61 13.68 21.44
N GLY B 364 41.75 13.93 22.08
CA GLY B 364 41.83 14.07 23.53
C GLY B 364 41.34 15.43 24.00
N GLY B 365 41.15 15.55 25.32
CA GLY B 365 40.71 16.79 25.96
C GLY B 365 39.26 16.84 26.39
N GLY B 366 38.52 15.78 26.14
CA GLY B 366 37.11 15.68 26.50
C GLY B 366 36.27 14.99 25.44
N ASN B 367 34.94 15.06 25.56
CA ASN B 367 34.04 14.44 24.59
C ASN B 367 33.92 15.26 23.32
N CYS B 368 33.91 14.58 22.17
CA CYS B 368 33.77 15.22 20.87
C CYS B 368 32.30 15.28 20.50
N HIS B 369 31.72 16.50 20.50
CA HIS B 369 30.33 16.71 20.09
C HIS B 369 30.36 16.79 18.58
N LEU B 370 30.32 15.61 17.95
CA LEU B 370 30.45 15.42 16.52
C LEU B 370 29.35 15.98 15.64
N THR B 371 29.75 16.76 14.63
CA THR B 371 28.85 17.32 13.61
C THR B 371 29.34 16.90 12.23
N VAL B 372 28.40 16.55 11.35
CA VAL B 372 28.67 16.15 9.96
C VAL B 372 27.92 17.19 9.14
N ASN B 373 28.64 18.15 8.53
CA ASN B 373 28.08 19.30 7.79
C ASN B 373 27.06 20.07 8.68
N GLY B 374 27.43 20.25 9.95
CA GLY B 374 26.62 20.94 10.95
C GLY B 374 25.54 20.10 11.61
N GLU B 375 25.33 18.86 11.13
CA GLU B 375 24.30 17.96 11.70
C GLU B 375 24.86 17.22 12.91
N ASP B 376 24.14 17.31 14.06
CA ASP B 376 24.55 16.63 15.29
CA ASP B 376 24.52 16.64 15.31
C ASP B 376 24.33 15.12 15.18
N VAL B 377 25.41 14.36 15.40
CA VAL B 377 25.37 12.89 15.32
C VAL B 377 25.73 12.21 16.67
N GLY B 378 25.86 13.02 17.72
CA GLY B 378 26.17 12.56 19.07
C GLY B 378 27.54 12.95 19.57
N ALA B 379 27.79 12.69 20.86
CA ALA B 379 29.06 12.98 21.52
C ALA B 379 29.82 11.68 21.78
N PHE B 380 31.15 11.71 21.58
CA PHE B 380 32.00 10.52 21.69
C PHE B 380 33.22 10.76 22.57
N PRO B 381 33.58 9.80 23.47
CA PRO B 381 34.80 9.98 24.28
C PRO B 381 36.06 9.88 23.41
N PRO B 382 37.24 10.40 23.85
CA PRO B 382 38.46 10.28 23.01
C PRO B 382 38.74 8.84 22.57
N GLY B 383 39.11 8.68 21.31
CA GLY B 383 39.42 7.38 20.72
C GLY B 383 38.51 7.04 19.56
N LYS B 384 38.62 5.77 19.10
CA LYS B 384 37.84 5.25 17.98
C LYS B 384 36.35 5.28 18.27
N PHE B 385 35.56 5.68 17.27
CA PHE B 385 34.10 5.71 17.38
C PHE B 385 33.46 5.21 16.10
N VAL B 386 32.23 4.72 16.24
CA VAL B 386 31.41 4.22 15.14
C VAL B 386 29.95 4.54 15.44
N THR B 387 29.24 5.18 14.50
CA THR B 387 27.84 5.54 14.67
C THR B 387 27.04 5.39 13.37
N ALA B 388 25.74 5.12 13.51
CA ALA B 388 24.81 5.00 12.39
C ALA B 388 23.94 6.26 12.44
N ALA B 389 24.16 7.17 11.49
CA ALA B 389 23.45 8.44 11.45
C ALA B 389 22.66 8.67 10.18
N LEU B 390 21.44 9.22 10.32
CA LEU B 390 20.60 9.56 9.19
C LEU B 390 21.05 10.94 8.72
N LEU B 391 21.67 11.00 7.54
CA LEU B 391 22.20 12.24 6.99
C LEU B 391 21.25 12.94 6.04
N ASN B 392 21.12 14.27 6.21
CA ASN B 392 20.27 15.13 5.37
C ASN B 392 21.05 15.91 4.31
N THR B 393 22.39 15.96 4.45
CA THR B 393 23.24 16.73 3.52
C THR B 393 24.02 15.84 2.57
N PRO B 394 24.33 16.30 1.35
CA PRO B 394 25.12 15.48 0.42
C PRO B 394 26.63 15.58 0.70
N PRO B 395 27.49 14.70 0.11
CA PRO B 395 28.94 14.89 0.26
C PRO B 395 29.42 16.13 -0.53
N PRO B 396 30.59 16.75 -0.25
CA PRO B 396 31.60 16.40 0.76
C PRO B 396 31.17 16.68 2.18
N TYR B 397 31.74 15.95 3.14
CA TYR B 397 31.40 16.08 4.55
C TYR B 397 32.49 16.74 5.38
N GLN B 398 32.13 17.88 6.00
CA GLN B 398 33.00 18.63 6.90
C GLN B 398 32.67 18.14 8.31
N VAL B 399 33.67 17.59 9.00
CA VAL B 399 33.51 17.03 10.35
C VAL B 399 34.19 17.88 11.42
N SER B 400 33.48 18.12 12.54
CA SER B 400 33.97 18.96 13.64
C SER B 400 33.54 18.44 15.01
N CYS B 401 34.28 18.82 16.07
CA CYS B 401 33.96 18.49 17.47
C CYS B 401 33.43 19.74 18.18
N GLY B 402 33.25 20.83 17.42
CA GLY B 402 32.78 22.11 17.94
C GLY B 402 33.70 23.28 17.66
N GLY B 403 34.91 22.98 17.18
CA GLY B 403 35.90 23.98 16.83
C GLY B 403 36.16 24.00 15.34
N GLU B 404 37.42 23.77 14.94
CA GLU B 404 37.82 23.72 13.52
C GLU B 404 37.30 22.45 12.85
N SER B 405 37.02 22.54 11.53
CA SER B 405 36.51 21.42 10.75
C SER B 405 37.57 20.79 9.86
N ASP B 406 37.37 19.50 9.53
CA ASP B 406 38.23 18.73 8.65
C ASP B 406 37.39 17.99 7.61
N ARG B 407 37.98 17.67 6.45
CA ARG B 407 37.31 16.97 5.36
C ARG B 407 37.35 15.47 5.61
N ALA B 408 36.17 14.84 5.69
CA ALA B 408 36.05 13.39 5.89
C ALA B 408 36.12 12.69 4.52
N SER B 409 36.47 11.40 4.51
CA SER B 409 36.48 10.60 3.28
C SER B 409 35.07 10.04 3.13
N ALA B 410 34.50 10.08 1.93
CA ALA B 410 33.13 9.61 1.76
C ALA B 410 32.86 8.72 0.56
N ARG B 411 31.98 7.73 0.77
CA ARG B 411 31.45 6.81 -0.22
C ARG B 411 29.94 6.84 0.05
N VAL B 412 29.32 7.98 -0.30
CA VAL B 412 27.91 8.25 -0.06
C VAL B 412 27.18 8.53 -1.37
N ILE B 413 26.07 7.81 -1.61
CA ILE B 413 25.25 7.93 -2.82
C ILE B 413 23.98 8.75 -2.54
N ASP B 414 23.37 9.32 -3.59
CA ASP B 414 22.18 10.14 -3.45
C ASP B 414 20.87 9.30 -3.36
N PRO B 415 19.70 9.89 -2.97
CA PRO B 415 18.47 9.09 -2.85
C PRO B 415 18.04 8.36 -4.13
N ALA B 416 18.24 8.98 -5.31
CA ALA B 416 17.90 8.34 -6.61
C ALA B 416 18.78 7.11 -6.84
N ALA B 417 20.10 7.21 -6.54
CA ALA B 417 21.04 6.08 -6.68
C ALA B 417 20.68 4.96 -5.71
N GLN B 418 20.29 5.29 -4.46
CA GLN B 418 19.87 4.34 -3.43
C GLN B 418 18.64 3.54 -3.89
N SER B 419 17.68 4.24 -4.53
CA SER B 419 16.44 3.64 -5.05
C SER B 419 16.72 2.58 -6.12
N PHE B 420 17.86 2.69 -6.82
CA PHE B 420 18.27 1.74 -7.85
C PHE B 420 19.37 0.77 -7.38
N THR B 421 19.78 0.86 -6.11
CA THR B 421 20.80 -0.02 -5.53
C THR B 421 20.10 -1.29 -5.05
N GLY B 422 20.67 -2.44 -5.41
CA GLY B 422 20.13 -3.75 -5.06
C GLY B 422 19.14 -4.27 -6.07
N VAL B 423 19.02 -3.59 -7.23
CA VAL B 423 18.14 -3.97 -8.35
C VAL B 423 18.86 -3.85 -9.69
N VAL B 424 18.45 -4.66 -10.68
CA VAL B 424 18.93 -4.60 -12.06
C VAL B 424 17.72 -4.11 -12.86
N TYR B 425 17.78 -2.87 -13.33
CA TYR B 425 16.68 -2.23 -14.04
C TYR B 425 16.46 -2.75 -15.46
N GLY B 426 15.18 -2.79 -15.86
CA GLY B 426 14.77 -3.08 -17.22
C GLY B 426 14.53 -4.52 -17.61
N THR B 427 14.32 -4.71 -18.92
CA THR B 427 14.05 -5.99 -19.58
C THR B 427 15.07 -7.06 -19.20
N HIS B 428 14.58 -8.26 -18.86
CA HIS B 428 15.43 -9.40 -18.57
C HIS B 428 15.39 -10.28 -19.81
N THR B 429 16.54 -10.45 -20.47
CA THR B 429 16.62 -11.25 -21.69
C THR B 429 17.30 -12.58 -21.49
N THR B 430 16.78 -13.62 -22.15
CA THR B 430 17.34 -14.96 -22.13
C THR B 430 17.24 -15.63 -23.50
N ALA B 431 18.23 -16.45 -23.84
CA ALA B 431 18.26 -17.15 -25.11
C ALA B 431 18.20 -18.65 -24.88
N VAL B 432 17.33 -19.33 -25.65
CA VAL B 432 17.22 -20.78 -25.63
C VAL B 432 17.88 -21.24 -26.92
N SER B 433 19.00 -21.96 -26.80
CA SER B 433 19.74 -22.42 -27.96
C SER B 433 19.18 -23.73 -28.51
N GLU B 434 19.49 -24.03 -29.78
CA GLU B 434 19.11 -25.29 -30.44
C GLU B 434 19.95 -26.38 -29.77
N THR B 435 19.46 -27.63 -29.74
CA THR B 435 20.22 -28.75 -29.16
C THR B 435 21.45 -29.10 -30.01
N GLU C 2 19.51 19.01 44.52
CA GLU C 2 19.13 19.08 43.11
C GLU C 2 20.37 19.31 42.22
N ALA C 3 20.63 18.40 41.27
CA ALA C 3 21.76 18.46 40.36
C ALA C 3 21.40 18.03 38.94
N PHE C 4 22.13 18.56 37.93
CA PHE C 4 21.89 18.24 36.52
C PHE C 4 23.18 18.07 35.71
N THR C 5 23.18 17.08 34.79
CA THR C 5 24.27 16.80 33.87
C THR C 5 23.79 16.09 32.60
N TYR C 6 24.49 16.28 31.48
CA TYR C 6 24.19 15.60 30.22
C TYR C 6 25.06 14.35 30.12
N LEU C 7 24.47 13.24 29.69
CA LEU C 7 25.20 11.99 29.51
C LEU C 7 25.15 11.60 28.04
N CYS C 8 26.34 11.49 27.38
CA CYS C 8 26.37 11.05 25.98
C CYS C 8 25.97 9.57 25.86
N THR C 9 25.56 9.16 24.65
CA THR C 9 24.99 7.83 24.41
C THR C 9 25.93 6.80 23.78
N ALA C 10 27.20 7.15 23.58
CA ALA C 10 28.20 6.27 22.99
C ALA C 10 28.80 5.28 24.01
N PRO C 11 29.33 4.11 23.59
CA PRO C 11 29.96 3.19 24.56
C PRO C 11 31.14 3.88 25.25
N GLY C 12 31.17 3.80 26.57
CA GLY C 12 32.20 4.41 27.39
C GLY C 12 31.77 5.71 28.07
N CYS C 13 30.70 6.35 27.56
CA CYS C 13 30.16 7.60 28.10
C CYS C 13 29.80 7.45 29.56
N ALA C 14 30.24 8.39 30.38
CA ALA C 14 30.02 8.36 31.83
C ALA C 14 30.16 9.73 32.46
N THR C 15 29.44 9.92 33.56
CA THR C 15 29.50 11.12 34.41
C THR C 15 29.90 10.64 35.79
N GLN C 16 30.63 11.46 36.55
CA GLN C 16 31.10 11.07 37.87
C GLN C 16 30.37 11.75 39.01
N THR C 17 29.86 12.97 38.78
CA THR C 17 29.19 13.75 39.81
C THR C 17 27.73 14.12 39.49
N PRO C 18 26.83 14.21 40.49
CA PRO C 18 27.03 13.99 41.94
C PRO C 18 27.08 12.50 42.31
N VAL C 19 26.55 11.64 41.40
CA VAL C 19 26.48 10.18 41.50
C VAL C 19 27.08 9.57 40.19
N PRO C 20 28.06 8.62 40.27
CA PRO C 20 28.61 8.04 39.03
C PRO C 20 27.54 7.32 38.22
N VAL C 21 27.41 7.71 36.94
CA VAL C 21 26.43 7.14 35.99
C VAL C 21 27.22 6.74 34.75
N ARG C 22 27.10 5.48 34.35
CA ARG C 22 27.81 4.95 33.20
C ARG C 22 26.82 4.38 32.17
N LEU C 23 27.03 4.70 30.89
CA LEU C 23 26.21 4.17 29.80
C LEU C 23 26.74 2.76 29.52
N ALA C 24 26.00 1.73 29.96
CA ALA C 24 26.39 0.33 29.81
C ALA C 24 26.11 -0.22 28.41
N GLY C 25 25.05 0.27 27.78
CA GLY C 25 24.65 -0.17 26.45
C GLY C 25 23.32 0.40 25.99
N VAL C 26 22.96 0.11 24.74
CA VAL C 26 21.72 0.58 24.13
C VAL C 26 21.02 -0.60 23.46
N ARG C 27 19.77 -0.85 23.84
CA ARG C 27 18.95 -1.89 23.23
C ARG C 27 17.54 -1.37 23.01
N PHE C 28 16.55 -2.23 22.73
CA PHE C 28 15.18 -1.77 22.52
C PHE C 28 14.14 -2.79 22.94
N GLU C 29 12.94 -2.30 23.25
CA GLU C 29 11.76 -3.09 23.58
C GLU C 29 10.74 -2.79 22.47
N SER C 30 9.87 -3.74 22.16
CA SER C 30 8.84 -3.55 21.13
C SER C 30 7.73 -4.57 21.27
N LYS C 31 6.65 -4.36 20.51
CA LYS C 31 5.55 -5.31 20.40
C LYS C 31 5.68 -5.85 18.98
N ILE C 32 6.16 -7.09 18.89
CA ILE C 32 6.47 -7.77 17.64
C ILE C 32 5.20 -8.15 16.86
N VAL C 33 5.25 -7.97 15.54
CA VAL C 33 4.21 -8.34 14.58
C VAL C 33 4.94 -9.19 13.54
N ASP C 34 4.82 -10.53 13.65
CA ASP C 34 5.48 -11.45 12.74
C ASP C 34 4.68 -11.59 11.44
N GLY C 35 5.24 -11.09 10.34
CA GLY C 35 4.62 -11.14 9.02
C GLY C 35 4.84 -12.42 8.24
N GLY C 36 5.71 -13.28 8.75
CA GLY C 36 6.05 -14.53 8.08
C GLY C 36 7.11 -14.34 7.03
N CYS C 37 6.89 -14.92 5.84
CA CYS C 37 7.85 -14.88 4.72
C CYS C 37 7.51 -13.85 3.66
N PHE C 38 8.56 -13.20 3.14
CA PHE C 38 8.46 -12.21 2.07
C PHE C 38 9.53 -12.48 1.03
N ALA C 39 9.21 -12.20 -0.24
CA ALA C 39 10.13 -12.42 -1.36
C ALA C 39 9.79 -11.49 -2.52
N PRO C 40 10.74 -11.19 -3.44
CA PRO C 40 10.37 -10.36 -4.60
C PRO C 40 9.48 -11.14 -5.56
N TRP C 41 8.73 -10.42 -6.41
CA TRP C 41 7.94 -11.05 -7.46
C TRP C 41 8.97 -11.29 -8.57
N ASP C 42 9.43 -12.54 -8.70
CA ASP C 42 10.47 -12.91 -9.65
CA ASP C 42 10.46 -12.91 -9.67
C ASP C 42 9.94 -13.63 -10.89
N LEU C 43 9.69 -12.87 -11.96
CA LEU C 43 9.19 -13.41 -13.22
C LEU C 43 10.33 -14.17 -13.92
N GLU C 44 10.09 -15.43 -14.23
CA GLU C 44 11.06 -16.28 -14.93
C GLU C 44 10.37 -16.89 -16.14
N ALA C 45 11.07 -16.90 -17.28
CA ALA C 45 10.50 -17.45 -18.51
C ALA C 45 11.44 -18.39 -19.23
N THR C 46 10.85 -19.37 -19.92
CA THR C 46 11.56 -20.33 -20.76
C THR C 46 10.67 -20.69 -21.95
N GLY C 47 11.18 -21.56 -22.80
CA GLY C 47 10.45 -22.03 -23.97
C GLY C 47 11.36 -22.69 -24.97
N ALA C 48 10.84 -22.86 -26.19
CA ALA C 48 11.57 -23.45 -27.30
C ALA C 48 10.90 -23.15 -28.61
N CYS C 49 11.72 -23.07 -29.65
CA CYS C 49 11.30 -22.94 -31.03
C CYS C 49 11.44 -24.39 -31.52
N ILE C 50 10.34 -24.96 -32.03
CA ILE C 50 10.29 -26.37 -32.40
C ILE C 50 9.93 -26.59 -33.87
N CYS C 51 10.79 -27.29 -34.62
CA CYS C 51 10.51 -27.59 -36.03
C CYS C 51 9.78 -28.93 -36.12
N GLU C 52 8.61 -28.98 -35.46
CA GLU C 52 7.75 -30.15 -35.30
C GLU C 52 6.43 -29.68 -34.68
N ILE C 53 5.42 -30.56 -34.63
CA ILE C 53 4.14 -30.30 -33.97
C ILE C 53 4.06 -31.33 -32.82
N PRO C 54 4.65 -31.02 -31.63
CA PRO C 54 4.61 -31.97 -30.51
C PRO C 54 3.19 -32.34 -30.08
N THR C 55 3.03 -33.59 -29.65
CA THR C 55 1.74 -34.16 -29.22
C THR C 55 1.56 -34.12 -27.69
N ASP C 56 2.60 -33.71 -26.96
CA ASP C 56 2.55 -33.62 -25.50
C ASP C 56 3.18 -32.31 -25.05
N VAL C 57 2.34 -31.30 -24.77
CA VAL C 57 2.75 -29.98 -24.32
C VAL C 57 2.85 -29.97 -22.79
N SER C 58 4.01 -30.40 -22.28
CA SER C 58 4.40 -30.51 -20.88
C SER C 58 5.93 -30.53 -20.84
N CYS C 59 6.54 -30.38 -19.66
CA CYS C 59 8.01 -30.40 -19.54
C CYS C 59 8.64 -31.70 -20.04
N GLU C 60 8.02 -32.86 -19.73
CA GLU C 60 8.50 -34.16 -20.17
C GLU C 60 8.29 -34.37 -21.68
N GLY C 61 7.11 -34.01 -22.19
CA GLY C 61 6.76 -34.14 -23.60
C GLY C 61 7.55 -33.24 -24.54
N LEU C 62 8.06 -32.11 -24.01
CA LEU C 62 8.86 -31.15 -24.77
C LEU C 62 10.36 -31.22 -24.41
N GLY C 63 10.75 -32.29 -23.72
CA GLY C 63 12.11 -32.55 -23.26
C GLY C 63 13.20 -32.49 -24.32
N ALA C 64 12.85 -32.81 -25.58
CA ALA C 64 13.79 -32.78 -26.71
C ALA C 64 14.15 -31.34 -27.17
N TRP C 65 13.40 -30.32 -26.69
CA TRP C 65 13.62 -28.92 -27.11
C TRP C 65 13.74 -27.91 -25.96
N VAL C 66 12.86 -27.99 -24.95
CA VAL C 66 12.80 -27.05 -23.82
C VAL C 66 13.87 -27.38 -22.76
N PRO C 67 14.66 -26.37 -22.24
CA PRO C 67 15.64 -26.67 -21.18
C PRO C 67 14.97 -27.31 -19.97
N THR C 68 15.46 -28.50 -19.56
CA THR C 68 14.93 -29.34 -18.48
C THR C 68 14.73 -28.68 -17.11
N ALA C 69 15.83 -28.22 -16.46
CA ALA C 69 15.78 -27.57 -15.14
C ALA C 69 14.92 -26.29 -15.15
N PRO C 70 15.07 -25.31 -16.10
CA PRO C 70 14.19 -24.15 -16.10
C PRO C 70 12.70 -24.49 -16.28
N CYS C 71 12.35 -25.46 -17.15
CA CYS C 71 10.96 -25.88 -17.36
C CYS C 71 10.31 -26.37 -16.07
N ALA C 72 10.95 -27.33 -15.37
CA ALA C 72 10.45 -27.91 -14.11
C ALA C 72 10.26 -26.85 -13.03
N ARG C 73 11.24 -25.94 -12.86
CA ARG C 73 11.20 -24.86 -11.88
C ARG C 73 10.08 -23.85 -12.19
N ILE C 74 9.98 -23.40 -13.46
CA ILE C 74 8.97 -22.42 -13.87
C ILE C 74 7.54 -23.02 -13.85
N TRP C 75 7.41 -24.32 -14.19
CA TRP C 75 6.13 -25.04 -14.16
C TRP C 75 5.51 -25.05 -12.75
N ASN C 76 6.37 -25.13 -11.71
CA ASN C 76 5.98 -25.16 -10.30
C ASN C 76 5.80 -23.77 -9.66
N GLY C 77 5.97 -22.71 -10.46
CA GLY C 77 5.85 -21.33 -10.01
C GLY C 77 4.44 -20.82 -9.79
N THR C 78 4.33 -19.59 -9.29
CA THR C 78 3.07 -18.90 -9.00
C THR C 78 2.54 -18.19 -10.25
N GLN C 79 1.21 -18.26 -10.47
CA GLN C 79 0.51 -17.62 -11.59
C GLN C 79 1.10 -18.04 -12.94
N ARG C 80 1.31 -19.36 -13.12
CA ARG C 80 1.89 -19.92 -14.34
C ARG C 80 1.05 -19.62 -15.58
N ALA C 81 1.74 -19.27 -16.67
CA ALA C 81 1.15 -19.06 -17.98
C ALA C 81 2.03 -19.79 -18.99
N CYS C 82 1.38 -20.51 -19.93
CA CYS C 82 2.06 -21.21 -21.01
C CYS C 82 1.24 -21.29 -22.26
N THR C 83 1.88 -21.04 -23.40
CA THR C 83 1.23 -21.04 -24.69
C THR C 83 2.03 -21.86 -25.68
N PHE C 84 1.32 -22.63 -26.50
CA PHE C 84 1.87 -23.42 -27.58
C PHE C 84 1.25 -22.88 -28.87
N TRP C 85 2.10 -22.31 -29.74
CA TRP C 85 1.66 -21.73 -31.02
C TRP C 85 2.04 -22.61 -32.19
N ALA C 86 1.07 -22.92 -33.07
CA ALA C 86 1.36 -23.69 -34.28
C ALA C 86 1.62 -22.66 -35.39
N VAL C 87 2.89 -22.52 -35.80
CA VAL C 87 3.30 -21.56 -36.83
C VAL C 87 3.03 -22.14 -38.23
N ASN C 88 3.43 -23.41 -38.43
CA ASN C 88 3.21 -24.14 -39.67
C ASN C 88 2.94 -25.59 -39.30
N ALA C 89 1.69 -26.03 -39.49
CA ALA C 89 1.26 -27.37 -39.12
C ALA C 89 1.55 -28.40 -40.21
N TYR C 90 1.14 -29.67 -39.98
CA TYR C 90 1.31 -30.77 -40.93
C TYR C 90 0.40 -30.51 -42.13
N SER C 91 0.91 -30.72 -43.36
CA SER C 91 0.12 -30.53 -44.57
C SER C 91 -0.75 -31.77 -44.83
N SER C 92 -0.26 -32.95 -44.41
CA SER C 92 -0.92 -34.25 -44.53
C SER C 92 -0.44 -35.21 -43.43
N GLY C 93 -1.18 -36.29 -43.22
CA GLY C 93 -0.88 -37.31 -42.23
C GLY C 93 -0.91 -36.83 -40.80
N GLY C 94 -0.08 -37.43 -39.96
CA GLY C 94 0.02 -37.11 -38.54
C GLY C 94 -1.18 -37.57 -37.73
N TYR C 95 -1.25 -37.14 -36.47
CA TYR C 95 -2.34 -37.46 -35.54
C TYR C 95 -2.73 -36.18 -34.81
N ALA C 96 -3.83 -35.54 -35.27
CA ALA C 96 -4.37 -34.26 -34.79
C ALA C 96 -3.29 -33.15 -34.86
N GLN C 97 -2.54 -33.14 -35.98
CA GLN C 97 -1.43 -32.21 -36.23
C GLN C 97 -1.62 -31.31 -37.46
N LEU C 98 -2.76 -31.44 -38.16
CA LEU C 98 -3.09 -30.61 -39.32
C LEU C 98 -3.48 -29.20 -38.85
N ALA C 99 -3.48 -28.20 -39.76
CA ALA C 99 -3.83 -26.80 -39.47
C ALA C 99 -5.26 -26.65 -38.92
N SER C 100 -6.17 -27.54 -39.34
CA SER C 100 -7.59 -27.58 -38.93
C SER C 100 -7.78 -27.88 -37.43
N TYR C 101 -6.79 -28.53 -36.78
CA TYR C 101 -6.83 -28.84 -35.35
C TYR C 101 -6.46 -27.63 -34.49
N PHE C 102 -5.89 -26.60 -35.12
CA PHE C 102 -5.48 -25.36 -34.46
C PHE C 102 -6.45 -24.23 -34.68
N ASN C 103 -7.67 -24.41 -34.17
CA ASN C 103 -8.73 -23.39 -34.17
C ASN C 103 -8.38 -22.44 -33.01
N PRO C 104 -8.90 -21.18 -32.94
CA PRO C 104 -8.56 -20.34 -31.77
C PRO C 104 -8.91 -21.04 -30.45
N GLY C 105 -7.92 -21.16 -29.58
CA GLY C 105 -8.06 -21.86 -28.30
C GLY C 105 -7.62 -23.31 -28.36
N GLY C 106 -7.40 -23.83 -29.58
CA GLY C 106 -6.93 -25.18 -29.87
C GLY C 106 -7.69 -26.34 -29.28
N SER C 107 -9.03 -26.23 -29.16
CA SER C 107 -9.89 -27.28 -28.61
C SER C 107 -9.82 -28.60 -29.38
N TYR C 108 -9.71 -28.54 -30.73
CA TYR C 108 -9.61 -29.73 -31.57
C TYR C 108 -8.31 -30.50 -31.32
N TYR C 109 -7.18 -29.78 -31.18
CA TYR C 109 -5.87 -30.37 -30.88
C TYR C 109 -5.89 -30.98 -29.47
N LYS C 110 -6.41 -30.22 -28.47
CA LYS C 110 -6.52 -30.60 -27.05
C LYS C 110 -7.34 -31.86 -26.79
N GLN C 111 -8.35 -32.14 -27.66
CA GLN C 111 -9.22 -33.31 -27.60
C GLN C 111 -8.39 -34.59 -27.66
N TYR C 112 -7.37 -34.60 -28.54
CA TYR C 112 -6.49 -35.75 -28.75
C TYR C 112 -5.18 -35.60 -27.99
N HIS C 113 -4.73 -34.34 -27.77
CA HIS C 113 -3.48 -34.05 -27.08
C HIS C 113 -3.70 -33.09 -25.90
N PRO C 114 -4.19 -33.63 -24.75
CA PRO C 114 -4.44 -32.75 -23.59
C PRO C 114 -3.19 -32.05 -23.04
N THR C 115 -3.37 -30.81 -22.59
CA THR C 115 -2.33 -29.96 -22.01
C THR C 115 -2.92 -28.88 -21.12
N ALA C 116 -2.18 -28.50 -20.06
CA ALA C 116 -2.57 -27.45 -19.13
C ALA C 116 -2.28 -26.06 -19.73
N CYS C 117 -1.59 -26.03 -20.88
CA CYS C 117 -1.19 -24.82 -21.61
C CYS C 117 -2.22 -24.38 -22.62
N GLU C 118 -2.18 -23.08 -22.97
CA GLU C 118 -3.03 -22.52 -24.01
C GLU C 118 -2.46 -22.95 -25.36
N VAL C 119 -3.34 -23.26 -26.32
CA VAL C 119 -2.96 -23.70 -27.66
C VAL C 119 -3.57 -22.71 -28.64
N GLU C 120 -2.76 -22.09 -29.50
CA GLU C 120 -3.24 -21.09 -30.43
C GLU C 120 -2.68 -21.23 -31.83
N PRO C 121 -3.46 -20.89 -32.89
CA PRO C 121 -2.87 -20.88 -34.24
C PRO C 121 -1.94 -19.66 -34.37
N ALA C 122 -0.87 -19.78 -35.14
CA ALA C 122 0.06 -18.68 -35.38
C ALA C 122 0.48 -18.66 -36.85
N PHE C 123 -0.47 -19.05 -37.73
CA PHE C 123 -0.27 -19.07 -39.18
C PHE C 123 -0.19 -17.63 -39.66
N GLY C 124 0.82 -17.35 -40.49
CA GLY C 124 1.08 -15.99 -40.96
C GLY C 124 2.37 -15.45 -40.38
N HIS C 125 2.77 -15.97 -39.19
CA HIS C 125 4.03 -15.60 -38.54
C HIS C 125 5.16 -16.23 -39.35
N SER C 126 6.37 -15.63 -39.31
CA SER C 126 7.53 -16.13 -40.06
C SER C 126 7.93 -17.54 -39.61
N ASP C 127 8.06 -18.46 -40.58
CA ASP C 127 8.49 -19.83 -40.34
C ASP C 127 9.92 -20.07 -40.87
N ALA C 128 10.63 -18.97 -41.17
CA ALA C 128 12.00 -18.94 -41.72
C ALA C 128 13.03 -19.67 -40.86
N ALA C 129 12.84 -19.70 -39.53
CA ALA C 129 13.74 -20.33 -38.57
C ALA C 129 13.83 -21.85 -38.74
N CYS C 130 12.79 -22.48 -39.32
CA CYS C 130 12.72 -23.91 -39.58
C CYS C 130 12.91 -24.21 -41.06
N TRP C 131 14.05 -24.83 -41.40
CA TRP C 131 14.41 -25.20 -42.76
C TRP C 131 15.01 -26.61 -42.80
N GLY C 132 15.20 -27.15 -44.00
CA GLY C 132 15.75 -28.48 -44.21
C GLY C 132 14.72 -29.58 -44.36
N PHE C 133 13.47 -29.20 -44.72
N PHE C 133 13.46 -29.20 -44.67
CA PHE C 133 12.38 -30.13 -44.95
CA PHE C 133 12.35 -30.13 -44.86
C PHE C 133 12.24 -30.45 -46.44
C PHE C 133 12.25 -30.54 -46.34
N PRO C 134 12.03 -31.73 -46.84
N PRO C 134 11.88 -31.80 -46.67
CA PRO C 134 11.91 -32.04 -48.28
CA PRO C 134 11.79 -32.20 -48.09
C PRO C 134 10.66 -31.48 -48.95
C PRO C 134 10.70 -31.45 -48.88
N THR C 135 9.49 -31.57 -48.28
N THR C 135 9.59 -31.10 -48.22
CA THR C 135 8.22 -31.07 -48.81
CA THR C 135 8.46 -30.38 -48.82
C THR C 135 7.41 -30.23 -47.81
C THR C 135 8.15 -29.10 -48.02
N ASP C 136 7.16 -30.78 -46.62
N ASP C 136 6.97 -29.07 -47.34
CA ASP C 136 6.34 -30.13 -45.59
CA ASP C 136 6.51 -27.94 -46.53
C ASP C 136 7.13 -29.47 -44.45
C ASP C 136 7.19 -27.92 -45.16
N THR C 137 7.13 -28.12 -44.44
N THR C 137 7.36 -26.71 -44.62
CA THR C 137 7.78 -27.33 -43.39
CA THR C 137 7.95 -26.46 -43.31
C THR C 137 6.85 -27.34 -42.17
C THR C 137 6.94 -26.85 -42.21
N VAL C 138 7.38 -27.76 -41.02
N VAL C 138 7.45 -27.35 -41.08
CA VAL C 138 6.63 -27.81 -39.76
CA VAL C 138 6.67 -27.71 -39.89
C VAL C 138 7.30 -26.94 -38.70
C VAL C 138 7.30 -26.92 -38.73
N MET C 139 6.50 -26.12 -38.00
CA MET C 139 7.00 -25.23 -36.94
C MET C 139 5.98 -24.90 -35.88
N SER C 140 6.45 -24.90 -34.61
CA SER C 140 5.68 -24.53 -33.44
C SER C 140 6.59 -23.81 -32.45
N VAL C 141 5.99 -23.03 -31.56
CA VAL C 141 6.72 -22.26 -30.54
C VAL C 141 6.05 -22.49 -29.19
N PHE C 142 6.85 -22.73 -28.15
CA PHE C 142 6.38 -22.90 -26.79
C PHE C 142 6.99 -21.84 -25.91
N ALA C 143 6.17 -21.22 -25.06
CA ALA C 143 6.60 -20.21 -24.09
C ALA C 143 5.98 -20.56 -22.75
N LEU C 144 6.75 -20.41 -21.68
CA LEU C 144 6.31 -20.74 -20.33
C LEU C 144 6.89 -19.72 -19.38
N ALA C 145 6.04 -19.13 -18.51
CA ALA C 145 6.46 -18.14 -17.53
C ALA C 145 5.61 -18.18 -16.26
N SER C 146 6.23 -17.84 -15.12
CA SER C 146 5.59 -17.78 -13.80
C SER C 146 6.45 -16.97 -12.84
N TYR C 147 5.91 -16.73 -11.63
CA TYR C 147 6.62 -16.04 -10.56
C TYR C 147 7.22 -17.11 -9.66
N VAL C 148 8.54 -17.29 -9.79
CA VAL C 148 9.31 -18.33 -9.09
C VAL C 148 9.78 -17.83 -7.72
N GLN C 149 9.75 -18.71 -6.72
CA GLN C 149 10.21 -18.40 -5.37
C GLN C 149 11.57 -19.04 -5.11
N HIS C 150 12.64 -18.24 -5.26
CA HIS C 150 14.00 -18.70 -5.02
C HIS C 150 14.28 -18.65 -3.52
N PRO C 151 14.70 -19.77 -2.87
CA PRO C 151 14.93 -19.74 -1.42
C PRO C 151 15.89 -18.65 -0.91
N HIS C 152 16.94 -18.31 -1.69
CA HIS C 152 17.93 -17.29 -1.31
C HIS C 152 17.35 -15.86 -1.31
N LYS C 153 16.20 -15.66 -1.98
CA LYS C 153 15.52 -14.36 -2.07
C LYS C 153 14.40 -14.19 -1.02
N THR C 154 14.06 -15.28 -0.32
CA THR C 154 13.03 -15.29 0.71
C THR C 154 13.60 -14.83 2.03
N VAL C 155 12.90 -13.90 2.70
CA VAL C 155 13.31 -13.36 4.00
C VAL C 155 12.16 -13.43 5.00
N ARG C 156 12.48 -13.72 6.27
CA ARG C 156 11.50 -13.72 7.35
C ARG C 156 11.46 -12.28 7.86
N VAL C 157 10.25 -11.71 8.03
CA VAL C 157 10.14 -10.32 8.48
C VAL C 157 9.27 -10.17 9.71
N LYS C 158 9.82 -9.47 10.72
CA LYS C 158 9.11 -9.12 11.93
C LYS C 158 9.03 -7.61 12.01
N PHE C 159 7.81 -7.08 12.14
CA PHE C 159 7.58 -5.65 12.29
C PHE C 159 7.62 -5.35 13.78
N HIS C 160 8.33 -4.28 14.16
CA HIS C 160 8.46 -3.90 15.56
C HIS C 160 7.65 -2.63 15.78
N THR C 161 6.60 -2.73 16.60
CA THR C 161 5.70 -1.62 16.91
C THR C 161 5.89 -1.22 18.37
N GLU C 162 5.36 -0.03 18.77
CA GLU C 162 5.47 0.49 20.14
C GLU C 162 6.93 0.40 20.63
N THR C 163 7.88 0.70 19.72
CA THR C 163 9.32 0.63 19.97
CA THR C 163 9.31 0.62 20.00
C THR C 163 9.73 1.58 21.09
N ARG C 164 10.55 1.08 22.02
CA ARG C 164 11.06 1.87 23.12
C ARG C 164 12.56 1.66 23.18
N THR C 165 13.35 2.73 22.99
CA THR C 165 14.81 2.61 23.09
C THR C 165 15.12 2.39 24.58
N VAL C 166 16.00 1.42 24.87
CA VAL C 166 16.41 1.10 26.23
C VAL C 166 17.83 1.62 26.44
N TRP C 167 17.98 2.61 27.31
CA TRP C 167 19.28 3.16 27.65
C TRP C 167 19.71 2.42 28.91
N GLN C 168 20.67 1.50 28.76
CA GLN C 168 21.15 0.67 29.87
C GLN C 168 22.19 1.44 30.66
N LEU C 169 21.85 1.78 31.91
CA LEU C 169 22.74 2.54 32.77
C LEU C 169 23.19 1.77 34.00
N SER C 170 24.33 2.18 34.55
CA SER C 170 24.85 1.68 35.81
C SER C 170 24.91 2.95 36.69
N VAL C 171 23.97 3.05 37.64
CA VAL C 171 23.83 4.21 38.53
C VAL C 171 24.39 3.82 39.89
N ALA C 172 25.60 4.34 40.21
CA ALA C 172 26.36 4.03 41.42
C ALA C 172 26.51 2.49 41.56
N GLY C 173 26.83 1.85 40.43
CA GLY C 173 27.02 0.40 40.32
C GLY C 173 25.76 -0.43 40.21
N VAL C 174 24.57 0.22 40.21
CA VAL C 174 23.28 -0.45 40.15
C VAL C 174 22.66 -0.32 38.74
N SER C 175 22.28 -1.47 38.15
CA SER C 175 21.65 -1.56 36.84
C SER C 175 20.30 -0.85 36.81
N CYS C 176 20.10 0.00 35.80
CA CYS C 176 18.86 0.73 35.56
C CYS C 176 18.64 0.83 34.06
N ASN C 177 17.51 0.29 33.58
CA ASN C 177 17.16 0.32 32.17
C ASN C 177 16.10 1.38 31.98
N VAL C 178 16.53 2.52 31.40
CA VAL C 178 15.71 3.71 31.18
CA VAL C 178 15.64 3.66 31.18
C VAL C 178 15.02 3.70 29.81
N THR C 179 13.72 4.02 29.78
CA THR C 179 12.90 4.17 28.58
C THR C 179 11.97 5.36 28.83
N THR C 180 11.24 5.77 27.79
CA THR C 180 10.22 6.81 27.83
C THR C 180 9.08 6.37 28.79
N GLU C 181 8.88 5.05 28.94
CA GLU C 181 7.86 4.48 29.84
C GLU C 181 8.35 4.45 31.29
N HIS C 182 9.64 4.11 31.51
CA HIS C 182 10.23 3.98 32.84
C HIS C 182 11.54 4.80 32.93
N PRO C 183 11.44 6.14 33.12
CA PRO C 183 12.65 6.96 33.11
C PRO C 183 13.32 7.22 34.47
N PHE C 184 12.86 6.55 35.55
CA PHE C 184 13.41 6.75 36.90
C PHE C 184 14.37 5.68 37.37
N CYS C 185 15.43 6.10 38.10
CA CYS C 185 16.45 5.24 38.70
C CYS C 185 16.63 5.64 40.16
N ASN C 186 16.86 4.65 41.02
CA ASN C 186 17.17 4.94 42.42
C ASN C 186 18.66 5.28 42.52
N THR C 187 18.99 6.29 43.32
CA THR C 187 20.38 6.66 43.60
C THR C 187 20.63 6.31 45.09
N PRO C 188 21.89 6.26 45.60
CA PRO C 188 22.09 5.88 47.02
C PRO C 188 21.15 6.49 48.05
N HIS C 189 20.87 7.81 47.97
CA HIS C 189 19.93 8.49 48.87
C HIS C 189 18.98 9.47 48.17
N GLY C 190 18.56 9.11 46.96
CA GLY C 190 17.64 9.92 46.19
C GLY C 190 17.06 9.21 44.98
N GLN C 191 16.74 10.00 43.96
CA GLN C 191 16.16 9.52 42.71
C GLN C 191 16.76 10.26 41.53
N LEU C 192 17.00 9.52 40.45
CA LEU C 192 17.48 10.05 39.19
C LEU C 192 16.34 9.95 38.19
N GLU C 193 15.96 11.08 37.60
CA GLU C 193 14.95 11.13 36.54
C GLU C 193 15.74 11.39 35.26
N VAL C 194 15.61 10.49 34.27
CA VAL C 194 16.34 10.63 33.03
C VAL C 194 15.47 11.20 31.92
N GLN C 195 15.86 12.36 31.37
CA GLN C 195 15.18 12.98 30.23
C GLN C 195 15.75 12.23 29.02
N VAL C 196 14.87 11.60 28.24
CA VAL C 196 15.27 10.81 27.08
C VAL C 196 14.69 11.36 25.78
N PRO C 197 15.37 11.17 24.61
CA PRO C 197 14.77 11.63 23.36
C PRO C 197 13.56 10.76 22.98
N PRO C 198 12.69 11.17 22.02
CA PRO C 198 11.56 10.28 21.66
C PRO C 198 12.04 8.97 21.07
N ASP C 199 11.15 7.97 21.09
CA ASP C 199 11.41 6.65 20.54
C ASP C 199 11.49 6.75 19.00
N PRO C 200 12.15 5.81 18.30
CA PRO C 200 12.33 5.98 16.84
C PRO C 200 11.16 5.62 15.94
N GLY C 201 10.05 5.17 16.51
CA GLY C 201 8.91 4.75 15.72
C GLY C 201 9.08 3.28 15.32
N ASP C 202 8.25 2.79 14.40
CA ASP C 202 8.30 1.40 13.96
C ASP C 202 9.62 0.97 13.29
N LEU C 203 10.02 -0.29 13.50
CA LEU C 203 11.22 -0.88 12.91
C LEU C 203 10.83 -2.09 12.07
N VAL C 204 11.68 -2.44 11.10
CA VAL C 204 11.49 -3.64 10.27
C VAL C 204 12.71 -4.53 10.51
N GLU C 205 12.48 -5.78 10.95
CA GLU C 205 13.54 -6.73 11.18
C GLU C 205 13.53 -7.75 10.04
N TYR C 206 14.59 -7.72 9.20
CA TYR C 206 14.76 -8.65 8.09
C TYR C 206 15.63 -9.78 8.59
N ILE C 207 15.08 -11.00 8.62
CA ILE C 207 15.79 -12.17 9.12
C ILE C 207 16.34 -13.02 7.97
N MET C 208 17.65 -13.04 7.84
CA MET C 208 18.28 -13.77 6.78
C MET C 208 18.67 -15.13 7.27
N ASN C 209 18.62 -16.11 6.39
CA ASN C 209 18.99 -17.46 6.76
C ASN C 209 19.91 -18.15 5.75
N ASN C 213 24.73 -18.40 11.47
CA ASN C 213 23.58 -18.87 10.70
C ASN C 213 22.51 -17.77 10.56
N GLN C 214 21.58 -17.66 11.54
CA GLN C 214 20.50 -16.68 11.52
C GLN C 214 21.01 -15.30 11.87
N GLN C 215 20.77 -14.32 10.98
CA GLN C 215 21.21 -12.93 11.15
C GLN C 215 20.07 -11.96 10.89
N SER C 216 19.97 -10.92 11.72
CA SER C 216 18.96 -9.89 11.61
C SER C 216 19.53 -8.60 11.06
N ARG C 217 18.80 -7.98 10.13
CA ARG C 217 19.13 -6.70 9.52
C ARG C 217 17.97 -5.75 9.79
N TRP C 218 18.24 -4.47 9.94
CA TRP C 218 17.23 -3.50 10.38
C TRP C 218 16.86 -2.37 9.45
N GLY C 219 15.56 -2.15 9.33
CA GLY C 219 14.96 -1.06 8.59
C GLY C 219 14.25 -0.14 9.57
N LEU C 220 14.22 1.15 9.28
CA LEU C 220 13.55 2.15 10.10
C LEU C 220 12.29 2.60 9.34
N GLY C 221 11.12 2.33 9.91
CA GLY C 221 9.84 2.67 9.29
C GLY C 221 8.84 1.53 9.16
N SER C 222 7.85 1.68 8.25
CA SER C 222 6.73 0.75 8.03
C SER C 222 6.90 -0.56 7.23
N PRO C 223 7.65 -0.68 6.11
CA PRO C 223 8.48 0.33 5.43
C PRO C 223 7.69 1.23 4.50
N ASN C 224 8.38 2.20 3.89
CA ASN C 224 7.77 3.11 2.94
C ASN C 224 7.97 2.54 1.54
N CYS C 225 6.91 1.92 0.98
CA CYS C 225 6.93 1.31 -0.35
C CYS C 225 6.93 2.36 -1.49
N HIS C 226 6.77 3.65 -1.14
CA HIS C 226 6.74 4.75 -2.09
C HIS C 226 8.06 5.54 -2.16
N GLY C 227 9.07 5.13 -1.41
CA GLY C 227 10.36 5.82 -1.40
C GLY C 227 11.52 4.97 -1.91
N PRO C 228 12.77 5.27 -1.46
CA PRO C 228 13.93 4.49 -1.94
C PRO C 228 13.91 2.99 -1.59
N ASP C 229 13.08 2.58 -0.62
CA ASP C 229 12.96 1.17 -0.22
C ASP C 229 11.79 0.46 -0.93
N TRP C 230 11.33 1.01 -2.07
CA TRP C 230 10.22 0.48 -2.87
C TRP C 230 10.37 -1.01 -3.25
N ALA C 231 11.62 -1.48 -3.48
CA ALA C 231 11.93 -2.84 -3.88
C ALA C 231 12.05 -3.85 -2.75
N SER C 232 11.71 -3.42 -1.51
CA SER C 232 11.71 -4.31 -0.34
C SER C 232 10.82 -5.52 -0.61
N PRO C 233 11.24 -6.75 -0.22
CA PRO C 233 10.36 -7.91 -0.39
C PRO C 233 9.04 -7.76 0.37
N VAL C 234 9.01 -6.90 1.42
CA VAL C 234 7.80 -6.57 2.20
C VAL C 234 6.73 -5.93 1.29
N CYS C 235 7.18 -5.14 0.31
CA CYS C 235 6.31 -4.47 -0.68
C CYS C 235 5.84 -5.45 -1.76
N GLN C 236 6.33 -6.70 -1.73
CA GLN C 236 6.06 -7.69 -2.77
C GLN C 236 5.26 -8.94 -2.37
N ARG C 237 5.84 -10.15 -2.50
CA ARG C 237 5.18 -11.44 -2.23
C ARG C 237 5.10 -11.76 -0.74
N HIS C 238 3.88 -11.88 -0.19
CA HIS C 238 3.63 -12.17 1.22
C HIS C 238 3.07 -13.57 1.47
N SER C 239 3.81 -14.37 2.26
CA SER C 239 3.40 -15.71 2.69
C SER C 239 3.46 -15.79 4.24
N PRO C 240 2.30 -15.62 4.92
CA PRO C 240 2.31 -15.61 6.39
C PRO C 240 2.81 -16.87 7.07
N ASP C 241 2.56 -18.04 6.47
CA ASP C 241 2.95 -19.34 7.00
C ASP C 241 4.15 -19.94 6.25
N CYS C 242 4.82 -19.14 5.39
CA CYS C 242 5.97 -19.55 4.56
C CYS C 242 5.62 -20.76 3.67
N SER C 243 4.36 -20.78 3.16
CA SER C 243 3.82 -21.86 2.33
C SER C 243 2.72 -21.34 1.39
N ARG C 244 1.72 -20.64 1.93
CA ARG C 244 0.59 -20.12 1.17
C ARG C 244 0.66 -18.62 0.95
N LEU C 245 0.37 -18.20 -0.27
CA LEU C 245 0.38 -16.79 -0.68
C LEU C 245 -0.94 -16.10 -0.32
N VAL C 246 -0.86 -14.83 0.11
CA VAL C 246 -2.04 -14.00 0.44
C VAL C 246 -1.90 -12.61 -0.20
N GLY C 247 -3.02 -11.89 -0.29
CA GLY C 247 -3.10 -10.51 -0.75
C GLY C 247 -2.76 -10.25 -2.19
N ALA C 248 -2.24 -9.03 -2.46
CA ALA C 248 -1.85 -8.51 -3.79
C ALA C 248 -0.95 -9.47 -4.54
N THR C 249 -1.36 -9.82 -5.76
CA THR C 249 -0.66 -10.77 -6.63
C THR C 249 -0.69 -10.27 -8.08
N PRO C 250 0.43 -10.36 -8.84
CA PRO C 250 0.40 -9.94 -10.25
C PRO C 250 -0.50 -10.88 -11.06
N GLU C 251 -0.96 -10.43 -12.22
CA GLU C 251 -1.77 -11.22 -13.13
C GLU C 251 -0.88 -12.31 -13.73
N ARG C 252 -1.48 -13.32 -14.38
CA ARG C 252 -0.69 -14.36 -15.04
C ARG C 252 0.11 -13.66 -16.16
N PRO C 253 1.40 -14.01 -16.38
CA PRO C 253 2.18 -13.35 -17.44
C PRO C 253 1.49 -13.37 -18.81
N ARG C 254 1.68 -12.30 -19.59
CA ARG C 254 1.08 -12.19 -20.92
C ARG C 254 2.12 -12.60 -21.96
N LEU C 255 1.98 -13.81 -22.51
CA LEU C 255 2.94 -14.36 -23.47
C LEU C 255 2.55 -13.97 -24.88
N ARG C 256 3.53 -13.49 -25.64
CA ARG C 256 3.31 -13.05 -27.01
C ARG C 256 4.41 -13.57 -27.93
N LEU C 257 4.01 -14.09 -29.11
CA LEU C 257 4.92 -14.54 -30.15
C LEU C 257 5.19 -13.30 -31.01
N VAL C 258 6.44 -12.81 -31.00
CA VAL C 258 6.81 -11.57 -31.72
C VAL C 258 7.91 -11.89 -32.74
N ASP C 259 7.61 -11.67 -34.04
CA ASP C 259 8.58 -11.91 -35.13
C ASP C 259 9.77 -10.95 -35.03
N ALA C 260 10.96 -11.40 -35.46
CA ALA C 260 12.23 -10.65 -35.40
C ALA C 260 12.19 -9.22 -35.94
N ASP C 261 11.41 -9.00 -37.01
CA ASP C 261 11.29 -7.68 -37.64
C ASP C 261 10.02 -6.91 -37.26
N ASP C 262 9.29 -7.36 -36.22
CA ASP C 262 8.06 -6.68 -35.76
C ASP C 262 8.44 -5.33 -35.11
N PRO C 263 7.81 -4.20 -35.52
CA PRO C 263 8.15 -2.89 -34.90
C PRO C 263 7.94 -2.82 -33.38
N LEU C 264 7.18 -3.77 -32.79
CA LEU C 264 6.94 -3.84 -31.34
C LEU C 264 8.26 -4.01 -30.57
N LEU C 265 9.26 -4.69 -31.19
CA LEU C 265 10.59 -4.92 -30.61
C LEU C 265 11.43 -3.64 -30.41
N ARG C 266 10.96 -2.49 -30.93
CA ARG C 266 11.61 -1.19 -30.75
C ARG C 266 11.26 -0.63 -29.35
N THR C 267 10.27 -1.26 -28.68
CA THR C 267 9.83 -0.90 -27.33
C THR C 267 10.15 -2.06 -26.38
N ALA C 268 10.12 -1.78 -25.07
CA ALA C 268 10.40 -2.78 -24.05
C ALA C 268 9.10 -3.43 -23.56
N PRO C 269 9.10 -4.75 -23.23
CA PRO C 269 7.87 -5.34 -22.67
C PRO C 269 7.53 -4.72 -21.32
N GLY C 270 6.23 -4.63 -21.03
CA GLY C 270 5.75 -4.09 -19.76
C GLY C 270 5.87 -5.10 -18.64
N PRO C 271 5.58 -4.72 -17.37
CA PRO C 271 5.68 -5.70 -16.27
C PRO C 271 4.77 -6.90 -16.48
N GLY C 272 5.35 -8.09 -16.36
CA GLY C 272 4.62 -9.35 -16.55
C GLY C 272 4.48 -9.79 -18.00
N GLU C 273 5.00 -9.00 -18.95
CA GLU C 273 4.91 -9.37 -20.36
C GLU C 273 6.13 -10.16 -20.78
N VAL C 274 5.90 -11.22 -21.57
CA VAL C 274 6.97 -12.09 -22.07
C VAL C 274 6.83 -12.17 -23.59
N TRP C 275 7.83 -11.67 -24.31
CA TRP C 275 7.85 -11.69 -25.77
C TRP C 275 8.87 -12.70 -26.25
N VAL C 276 8.44 -13.66 -27.08
CA VAL C 276 9.31 -14.71 -27.60
C VAL C 276 9.54 -14.56 -29.10
N THR C 277 10.80 -14.69 -29.52
CA THR C 277 11.19 -14.51 -30.92
C THR C 277 12.01 -15.70 -31.43
N PRO C 278 11.55 -16.40 -32.49
CA PRO C 278 12.34 -17.51 -33.03
C PRO C 278 13.64 -17.03 -33.65
N VAL C 279 14.73 -17.79 -33.43
CA VAL C 279 16.07 -17.50 -33.94
C VAL C 279 16.39 -18.55 -35.01
N ILE C 280 16.74 -18.09 -36.22
CA ILE C 280 17.08 -18.95 -37.36
C ILE C 280 18.15 -19.96 -36.98
N GLY C 281 17.84 -21.24 -37.17
CA GLY C 281 18.75 -22.33 -36.85
C GLY C 281 19.95 -22.43 -37.78
N SER C 282 21.11 -22.81 -37.21
CA SER C 282 22.35 -23.03 -37.96
C SER C 282 22.36 -24.48 -38.46
N GLN C 283 21.52 -25.31 -37.84
CA GLN C 283 21.30 -26.73 -38.13
C GLN C 283 19.92 -26.91 -38.78
N ALA C 284 19.77 -27.93 -39.63
CA ALA C 284 18.51 -28.24 -40.30
C ALA C 284 17.48 -28.74 -39.28
N ARG C 285 16.20 -28.34 -39.46
CA ARG C 285 15.05 -28.73 -38.61
C ARG C 285 15.23 -28.38 -37.11
N LYS C 286 15.95 -27.27 -36.84
CA LYS C 286 16.21 -26.77 -35.49
C LYS C 286 16.18 -25.25 -35.49
N CYS C 287 15.81 -24.65 -34.35
CA CYS C 287 15.75 -23.19 -34.18
C CYS C 287 15.87 -22.80 -32.73
N GLY C 288 16.40 -21.61 -32.50
CA GLY C 288 16.58 -21.04 -31.18
C GLY C 288 15.43 -20.14 -30.80
N LEU C 289 15.41 -19.66 -29.55
CA LEU C 289 14.36 -18.77 -29.09
C LEU C 289 14.93 -17.64 -28.24
N HIS C 290 14.58 -16.39 -28.59
CA HIS C 290 15.02 -15.22 -27.85
C HIS C 290 13.83 -14.75 -27.00
N ILE C 291 14.05 -14.61 -25.70
CA ILE C 291 12.99 -14.24 -24.74
C ILE C 291 13.26 -12.89 -24.10
N ARG C 292 12.28 -11.98 -24.17
CA ARG C 292 12.32 -10.65 -23.55
C ARG C 292 11.22 -10.60 -22.51
N ALA C 293 11.59 -10.40 -21.24
CA ALA C 293 10.62 -10.35 -20.14
C ALA C 293 10.68 -9.05 -19.37
N GLY C 294 9.50 -8.49 -19.09
CA GLY C 294 9.36 -7.26 -18.31
C GLY C 294 9.19 -7.61 -16.85
N PRO C 295 10.22 -7.41 -15.99
CA PRO C 295 10.06 -7.80 -14.57
C PRO C 295 9.02 -6.97 -13.83
N TYR C 296 8.42 -7.56 -12.77
CA TYR C 296 7.46 -6.84 -11.92
C TYR C 296 8.21 -5.68 -11.27
N GLY C 297 7.59 -4.52 -11.24
CA GLY C 297 8.18 -3.33 -10.64
C GLY C 297 9.29 -2.68 -11.44
N HIS C 298 9.49 -3.14 -12.70
CA HIS C 298 10.46 -2.63 -13.69
C HIS C 298 11.94 -2.96 -13.42
N ALA C 299 12.21 -3.79 -12.41
CA ALA C 299 13.58 -4.19 -12.06
C ALA C 299 13.63 -5.55 -11.35
N THR C 300 14.76 -6.25 -11.50
CA THR C 300 15.00 -7.56 -10.86
C THR C 300 15.77 -7.28 -9.55
N VAL C 301 15.21 -7.76 -8.43
CA VAL C 301 15.81 -7.55 -7.10
C VAL C 301 17.00 -8.51 -6.89
N GLU C 302 18.14 -7.96 -6.45
CA GLU C 302 19.34 -8.72 -6.08
C GLU C 302 19.32 -8.71 -4.56
N MET C 303 18.88 -9.82 -3.95
CA MET C 303 18.70 -9.93 -2.50
C MET C 303 19.88 -9.56 -1.58
N PRO C 304 21.09 -10.19 -1.64
CA PRO C 304 22.16 -9.77 -0.73
C PRO C 304 22.53 -8.29 -0.88
N GLU C 305 22.52 -7.79 -2.13
CA GLU C 305 22.82 -6.41 -2.48
C GLU C 305 21.78 -5.43 -1.94
N TRP C 306 20.47 -5.77 -2.06
CA TRP C 306 19.40 -4.90 -1.55
C TRP C 306 19.51 -4.76 -0.03
N ILE C 307 19.62 -5.90 0.66
CA ILE C 307 19.75 -5.96 2.13
C ILE C 307 20.96 -5.16 2.63
N HIS C 308 22.14 -5.33 1.99
CA HIS C 308 23.37 -4.62 2.39
C HIS C 308 23.23 -3.09 2.35
N ALA C 309 22.55 -2.55 1.33
CA ALA C 309 22.38 -1.11 1.15
C ALA C 309 21.16 -0.49 1.83
N HIS C 310 20.06 -1.26 1.98
CA HIS C 310 18.80 -0.76 2.54
C HIS C 310 18.53 -1.09 4.00
N THR C 311 19.50 -1.69 4.70
CA THR C 311 19.36 -2.05 6.12
C THR C 311 20.64 -1.76 6.89
N THR C 312 20.56 -1.81 8.22
CA THR C 312 21.71 -1.64 9.11
C THR C 312 21.89 -2.90 9.96
N SER C 313 23.08 -3.07 10.57
CA SER C 313 23.37 -4.21 11.42
C SER C 313 22.61 -4.12 12.75
N ASP C 314 22.30 -2.90 13.20
CA ASP C 314 21.61 -2.65 14.46
C ASP C 314 20.42 -1.69 14.31
N PRO C 315 19.39 -1.74 15.19
CA PRO C 315 18.28 -0.77 15.09
C PRO C 315 18.78 0.64 15.36
N TRP C 316 18.19 1.63 14.69
CA TRP C 316 18.56 3.03 14.86
C TRP C 316 17.99 3.63 16.14
N HIS C 317 18.75 4.54 16.77
CA HIS C 317 18.35 5.29 17.95
C HIS C 317 18.84 6.74 17.82
N PRO C 318 18.13 7.76 18.40
CA PRO C 318 18.60 9.15 18.29
C PRO C 318 19.98 9.37 18.94
N PRO C 319 20.72 10.43 18.56
CA PRO C 319 22.07 10.64 19.11
C PRO C 319 22.20 11.04 20.57
N GLY C 320 21.09 11.50 21.18
CA GLY C 320 21.11 11.98 22.55
C GLY C 320 21.56 13.43 22.63
N PRO C 321 22.17 13.89 23.75
CA PRO C 321 22.46 13.16 24.99
C PRO C 321 21.23 12.95 25.87
N LEU C 322 21.42 12.29 27.01
CA LEU C 322 20.36 12.07 28.00
C LEU C 322 20.52 13.13 29.08
N GLY C 323 19.40 13.65 29.57
CA GLY C 323 19.39 14.67 30.62
C GLY C 323 19.24 14.01 31.99
N LEU C 324 20.32 14.03 32.79
CA LEU C 324 20.30 13.43 34.12
C LEU C 324 19.87 14.42 35.18
N LYS C 325 18.65 14.23 35.72
CA LYS C 325 18.08 15.09 36.77
C LYS C 325 18.17 14.37 38.12
N PHE C 326 19.12 14.80 38.97
CA PHE C 326 19.36 14.21 40.28
C PHE C 326 18.53 14.91 41.34
N LYS C 327 17.70 14.14 42.06
CA LYS C 327 16.81 14.65 43.11
C LYS C 327 17.07 13.97 44.45
N THR C 328 16.78 14.66 45.56
CA THR C 328 16.92 14.14 46.93
C THR C 328 15.65 13.39 47.36
N VAL C 329 14.63 13.38 46.48
CA VAL C 329 13.33 12.72 46.64
C VAL C 329 13.50 11.19 46.68
N ARG C 330 12.69 10.52 47.50
CA ARG C 330 12.67 9.06 47.62
C ARG C 330 11.24 8.56 47.37
N PRO C 331 11.01 7.62 46.42
CA PRO C 331 9.63 7.14 46.17
C PRO C 331 8.99 6.46 47.37
N VAL C 332 7.66 6.68 47.56
CA VAL C 332 6.88 6.12 48.67
C VAL C 332 6.77 4.60 48.53
N ALA C 333 7.17 3.86 49.59
CA ALA C 333 7.14 2.39 49.62
C ALA C 333 5.70 1.88 49.74
N LEU C 334 5.21 1.24 48.67
CA LEU C 334 3.86 0.69 48.58
C LEU C 334 3.88 -0.83 48.81
N PRO C 335 2.94 -1.39 49.61
CA PRO C 335 2.95 -2.86 49.81
C PRO C 335 2.43 -3.59 48.57
N ARG C 336 3.14 -4.67 48.17
CA ARG C 336 2.76 -5.46 47.00
C ARG C 336 2.52 -6.93 47.28
N ALA C 337 1.51 -7.51 46.60
CA ALA C 337 1.15 -8.92 46.72
C ALA C 337 2.17 -9.75 45.94
N LEU C 338 2.84 -10.70 46.61
CA LEU C 338 3.85 -11.55 46.00
C LEU C 338 3.36 -12.96 45.64
N ALA C 339 2.15 -13.33 46.11
CA ALA C 339 1.51 -14.62 45.83
C ALA C 339 1.13 -14.70 44.33
N PRO C 340 1.16 -15.89 43.67
CA PRO C 340 0.81 -15.93 42.24
C PRO C 340 -0.67 -15.61 41.95
N PRO C 341 -1.01 -15.05 40.77
CA PRO C 341 -2.44 -14.81 40.48
C PRO C 341 -3.16 -16.13 40.18
N ARG C 342 -4.48 -16.19 40.41
CA ARG C 342 -5.23 -17.42 40.18
C ARG C 342 -6.31 -17.32 39.11
N ASN C 343 -6.67 -18.48 38.52
CA ASN C 343 -7.66 -18.66 37.44
C ASN C 343 -7.36 -17.76 36.24
N VAL C 344 -6.07 -17.55 35.95
CA VAL C 344 -5.62 -16.71 34.82
C VAL C 344 -5.89 -17.43 33.50
N ARG C 345 -6.55 -16.71 32.59
CA ARG C 345 -6.91 -17.14 31.24
C ARG C 345 -6.36 -16.13 30.23
N VAL C 346 -5.65 -16.63 29.20
CA VAL C 346 -5.07 -15.82 28.13
C VAL C 346 -5.74 -16.25 26.81
N THR C 347 -6.37 -15.30 26.09
CA THR C 347 -7.08 -15.57 24.83
CA THR C 347 -7.08 -15.56 24.82
C THR C 347 -6.68 -14.58 23.72
N GLY C 348 -6.50 -15.11 22.51
CA GLY C 348 -6.15 -14.32 21.34
C GLY C 348 -4.98 -14.88 20.57
N CYS C 349 -3.99 -14.02 20.30
CA CYS C 349 -2.77 -14.37 19.58
C CYS C 349 -1.56 -13.66 20.16
N TYR C 350 -0.35 -14.12 19.79
CA TYR C 350 0.92 -13.51 20.19
C TYR C 350 1.68 -13.12 18.92
N GLN C 351 2.56 -12.08 19.01
CA GLN C 351 3.36 -11.56 17.90
C GLN C 351 2.50 -11.27 16.64
N CYS C 352 1.25 -10.79 16.86
CA CYS C 352 0.25 -10.58 15.82
C CYS C 352 -0.22 -9.14 15.62
N GLY C 353 -0.06 -8.29 16.64
CA GLY C 353 -0.50 -6.90 16.55
C GLY C 353 -1.87 -6.63 17.13
N THR C 354 -2.59 -7.69 17.54
CA THR C 354 -3.89 -7.58 18.19
C THR C 354 -3.70 -7.95 19.67
N PRO C 355 -3.97 -7.01 20.62
CA PRO C 355 -3.80 -7.33 22.05
C PRO C 355 -4.63 -8.54 22.47
N ALA C 356 -3.99 -9.44 23.22
CA ALA C 356 -4.64 -10.64 23.76
C ALA C 356 -5.34 -10.28 25.05
N LEU C 357 -6.42 -11.00 25.39
CA LEU C 357 -7.15 -10.75 26.62
C LEU C 357 -6.54 -11.58 27.75
N VAL C 358 -6.17 -10.91 28.85
CA VAL C 358 -5.60 -11.55 30.04
C VAL C 358 -6.54 -11.24 31.21
N GLU C 359 -7.13 -12.29 31.80
CA GLU C 359 -8.06 -12.17 32.91
C GLU C 359 -7.77 -13.16 34.02
N GLY C 360 -7.99 -12.74 35.26
CA GLY C 360 -7.76 -13.58 36.43
C GLY C 360 -8.07 -12.92 37.75
N LEU C 361 -7.58 -13.52 38.84
CA LEU C 361 -7.77 -13.02 40.19
C LEU C 361 -6.44 -12.66 40.84
N ALA C 362 -6.25 -11.37 41.14
CA ALA C 362 -5.06 -10.86 41.81
C ALA C 362 -5.20 -11.14 43.32
N PRO C 363 -4.13 -11.61 44.02
CA PRO C 363 -4.27 -11.91 45.45
C PRO C 363 -4.32 -10.67 46.34
N GLY C 364 -4.66 -10.87 47.61
CA GLY C 364 -4.74 -9.80 48.61
C GLY C 364 -3.36 -9.36 49.09
N GLY C 365 -3.34 -8.27 49.85
CA GLY C 365 -2.13 -7.72 50.44
C GLY C 365 -1.30 -6.79 49.56
N GLY C 366 -1.95 -6.12 48.62
CA GLY C 366 -1.28 -5.17 47.72
C GLY C 366 -1.53 -5.38 46.25
N ASN C 367 -0.91 -4.53 45.42
CA ASN C 367 -1.04 -4.60 43.97
C ASN C 367 -0.18 -5.71 43.38
N CYS C 368 -0.74 -6.47 42.44
CA CYS C 368 -0.04 -7.54 41.74
C CYS C 368 0.64 -6.98 40.50
N HIS C 369 1.98 -6.94 40.50
CA HIS C 369 2.76 -6.47 39.34
C HIS C 369 2.85 -7.69 38.42
N LEU C 370 1.80 -7.86 37.60
CA LEU C 370 1.60 -8.99 36.71
C LEU C 370 2.59 -9.13 35.56
N THR C 371 3.15 -10.35 35.45
CA THR C 371 4.04 -10.74 34.36
C THR C 371 3.48 -11.99 33.68
N VAL C 372 3.55 -12.02 32.36
CA VAL C 372 3.10 -13.14 31.52
C VAL C 372 4.37 -13.58 30.79
N ASN C 373 4.97 -14.71 31.22
CA ASN C 373 6.26 -15.23 30.71
C ASN C 373 7.36 -14.15 30.83
N GLY C 374 7.36 -13.45 31.96
CA GLY C 374 8.30 -12.38 32.25
C GLY C 374 7.96 -11.02 31.66
N GLU C 375 6.93 -10.96 30.78
CA GLU C 375 6.51 -9.70 30.14
C GLU C 375 5.60 -8.91 31.08
N ASP C 376 5.94 -7.64 31.31
CA ASP C 376 5.18 -6.73 32.17
C ASP C 376 3.86 -6.34 31.47
N VAL C 377 2.73 -6.60 32.13
CA VAL C 377 1.40 -6.28 31.57
C VAL C 377 0.62 -5.29 32.45
N GLY C 378 1.29 -4.75 33.48
CA GLY C 378 0.72 -3.78 34.41
C GLY C 378 0.51 -4.30 35.81
N ALA C 379 0.13 -3.40 36.73
CA ALA C 379 -0.15 -3.71 38.13
C ALA C 379 -1.64 -3.65 38.39
N PHE C 380 -2.17 -4.61 39.18
CA PHE C 380 -3.60 -4.71 39.45
C PHE C 380 -3.93 -4.81 40.93
N PRO C 381 -4.99 -4.11 41.40
CA PRO C 381 -5.37 -4.22 42.82
C PRO C 381 -5.96 -5.61 43.12
N PRO C 382 -6.02 -6.06 44.41
CA PRO C 382 -6.59 -7.39 44.69
C PRO C 382 -7.97 -7.66 44.08
N GLY C 383 -8.19 -8.89 43.66
CA GLY C 383 -9.44 -9.33 43.07
C GLY C 383 -9.40 -9.51 41.56
N LYS C 384 -10.58 -9.50 40.95
CA LYS C 384 -10.78 -9.68 39.51
C LYS C 384 -10.10 -8.59 38.68
N PHE C 385 -9.37 -9.00 37.63
CA PHE C 385 -8.71 -8.08 36.69
C PHE C 385 -8.93 -8.56 35.27
N VAL C 386 -8.89 -7.62 34.32
CA VAL C 386 -9.01 -7.85 32.89
C VAL C 386 -8.12 -6.83 32.16
N THR C 387 -7.24 -7.31 31.27
CA THR C 387 -6.34 -6.44 30.51
C THR C 387 -6.14 -6.93 29.08
N ALA C 388 -5.88 -5.98 28.17
CA ALA C 388 -5.60 -6.26 26.77
C ALA C 388 -4.11 -6.01 26.59
N ALA C 389 -3.33 -7.10 26.43
CA ALA C 389 -1.88 -7.02 26.33
C ALA C 389 -1.34 -7.58 25.02
N LEU C 390 -0.35 -6.87 24.44
CA LEU C 390 0.32 -7.32 23.22
C LEU C 390 1.42 -8.28 23.68
N LEU C 391 1.24 -9.58 23.40
CA LEU C 391 2.18 -10.60 23.83
C LEU C 391 3.22 -10.95 22.78
N ASN C 392 4.49 -11.07 23.21
CA ASN C 392 5.63 -11.40 22.36
C ASN C 392 6.06 -12.87 22.49
N THR C 393 5.58 -13.57 23.53
CA THR C 393 5.95 -14.96 23.78
C THR C 393 4.84 -15.94 23.43
N PRO C 394 5.17 -17.18 23.01
CA PRO C 394 4.12 -18.17 22.71
C PRO C 394 3.58 -18.88 23.97
N PRO C 395 2.45 -19.63 23.89
CA PRO C 395 2.02 -20.41 25.06
C PRO C 395 2.99 -21.61 25.28
N PRO C 396 3.06 -22.25 26.47
CA PRO C 396 2.30 -21.99 27.71
C PRO C 396 2.72 -20.70 28.42
N TYR C 397 1.79 -20.14 29.20
CA TYR C 397 2.03 -18.89 29.92
C TYR C 397 2.19 -19.06 31.42
N GLN C 398 3.35 -18.65 31.93
CA GLN C 398 3.67 -18.66 33.36
C GLN C 398 3.33 -17.27 33.87
N VAL C 399 2.41 -17.20 34.85
CA VAL C 399 1.94 -15.94 35.42
C VAL C 399 2.42 -15.72 36.85
N SER C 400 2.90 -14.50 37.16
CA SER C 400 3.44 -14.16 38.47
C SER C 400 3.14 -12.72 38.88
N CYS C 401 3.15 -12.44 40.20
CA CYS C 401 2.98 -11.10 40.79
C CYS C 401 4.33 -10.58 41.31
N GLY C 402 5.41 -11.28 40.97
CA GLY C 402 6.77 -10.93 41.39
C GLY C 402 7.46 -11.99 42.23
N GLY C 403 6.70 -13.00 42.67
CA GLY C 403 7.20 -14.11 43.47
C GLY C 403 7.14 -15.40 42.70
N GLU C 404 6.42 -16.39 43.25
CA GLU C 404 6.23 -17.70 42.62
C GLU C 404 5.30 -17.60 41.40
N SER C 405 5.52 -18.47 40.40
CA SER C 405 4.73 -18.49 39.17
C SER C 405 3.73 -19.65 39.13
N ASP C 406 2.65 -19.46 38.37
CA ASP C 406 1.59 -20.45 38.16
C ASP C 406 1.29 -20.57 36.66
N ARG C 407 0.80 -21.74 36.23
CA ARG C 407 0.44 -21.99 34.84
C ARG C 407 -0.96 -21.47 34.53
N ALA C 408 -1.06 -20.54 33.57
CA ALA C 408 -2.33 -19.97 33.14
C ALA C 408 -2.97 -20.88 32.10
N SER C 409 -4.30 -20.80 31.92
CA SER C 409 -5.00 -21.56 30.87
C SER C 409 -4.95 -20.69 29.62
N ALA C 410 -4.64 -21.28 28.46
CA ALA C 410 -4.52 -20.48 27.24
C ALA C 410 -5.19 -21.03 26.01
N ARG C 411 -5.76 -20.11 25.21
CA ARG C 411 -6.36 -20.33 23.90
C ARG C 411 -5.73 -19.23 23.04
N VAL C 412 -4.44 -19.40 22.76
CA VAL C 412 -3.62 -18.44 22.02
C VAL C 412 -3.04 -19.08 20.76
N ILE C 413 -3.26 -18.44 19.61
CA ILE C 413 -2.78 -18.91 18.30
C ILE C 413 -1.53 -18.14 17.86
N ASP C 414 -0.73 -18.72 16.95
CA ASP C 414 0.49 -18.10 16.46
C ASP C 414 0.24 -17.04 15.34
N PRO C 415 1.24 -16.20 14.97
CA PRO C 415 0.99 -15.19 13.92
C PRO C 415 0.52 -15.74 12.57
N ALA C 416 1.03 -16.92 12.14
CA ALA C 416 0.61 -17.55 10.89
C ALA C 416 -0.86 -17.96 10.96
N ALA C 417 -1.30 -18.53 12.10
CA ALA C 417 -2.71 -18.93 12.32
C ALA C 417 -3.62 -17.70 12.33
N GLN C 418 -3.17 -16.59 12.96
CA GLN C 418 -3.91 -15.30 13.01
C GLN C 418 -4.14 -14.75 11.61
N SER C 419 -3.11 -14.82 10.75
CA SER C 419 -3.15 -14.36 9.36
C SER C 419 -4.22 -15.10 8.53
N PHE C 420 -4.56 -16.34 8.94
CA PHE C 420 -5.58 -17.14 8.25
C PHE C 420 -6.91 -17.21 9.01
N THR C 421 -7.01 -16.48 10.15
CA THR C 421 -8.24 -16.42 10.95
C THR C 421 -9.13 -15.33 10.37
N GLY C 422 -10.40 -15.66 10.18
CA GLY C 422 -11.39 -14.74 9.60
C GLY C 422 -11.47 -14.81 8.09
N VAL C 423 -10.76 -15.79 7.49
CA VAL C 423 -10.75 -16.05 6.05
C VAL C 423 -10.90 -17.55 5.75
N VAL C 424 -11.46 -17.88 4.57
CA VAL C 424 -11.56 -19.25 4.08
C VAL C 424 -10.62 -19.28 2.88
N TYR C 425 -9.47 -19.96 3.01
CA TYR C 425 -8.45 -20.01 1.97
C TYR C 425 -8.82 -20.86 0.76
N GLY C 426 -8.35 -20.43 -0.41
CA GLY C 426 -8.46 -21.17 -1.67
C GLY C 426 -9.72 -20.99 -2.49
N THR C 427 -9.86 -21.87 -3.51
CA THR C 427 -10.94 -21.91 -4.48
C THR C 427 -12.32 -21.90 -3.83
N HIS C 428 -13.21 -21.04 -4.34
CA HIS C 428 -14.60 -20.99 -3.90
C HIS C 428 -15.40 -21.71 -4.99
N THR C 429 -16.06 -22.80 -4.62
CA THR C 429 -16.84 -23.58 -5.59
C THR C 429 -18.33 -23.44 -5.40
N THR C 430 -19.07 -23.39 -6.52
CA THR C 430 -20.53 -23.31 -6.53
C THR C 430 -21.11 -24.12 -7.67
N ALA C 431 -22.30 -24.68 -7.46
CA ALA C 431 -22.98 -25.48 -8.46
C ALA C 431 -24.30 -24.85 -8.85
N VAL C 432 -24.56 -24.77 -10.15
CA VAL C 432 -25.83 -24.29 -10.71
C VAL C 432 -26.52 -25.55 -11.20
N SER C 433 -27.67 -25.88 -10.58
CA SER C 433 -28.42 -27.08 -10.95
C SER C 433 -29.33 -26.82 -12.14
N GLU C 434 -29.72 -27.90 -12.83
CA GLU C 434 -30.68 -27.86 -13.94
C GLU C 434 -32.04 -27.47 -13.37
N THR C 435 -32.88 -26.86 -14.16
CA THR C 435 -34.19 -26.49 -13.67
C THR C 435 -35.05 -27.74 -13.48
N ARG C 436 -35.99 -27.66 -12.54
CA ARG C 436 -36.89 -28.77 -12.20
C ARG C 436 -37.64 -29.29 -13.41
C1 NAG D . -12.10 15.37 32.32
C2 NAG D . -12.73 16.74 32.59
C3 NAG D . -14.17 16.55 33.02
C4 NAG D . -14.95 15.73 31.98
C5 NAG D . -14.23 14.41 31.70
C6 NAG D . -14.85 13.60 30.59
C7 NAG D . -11.30 18.60 33.35
C8 NAG D . -10.58 19.20 34.52
N2 NAG D . -11.98 17.47 33.60
O3 NAG D . -14.79 17.82 33.19
O4 NAG D . -16.26 15.48 32.46
O5 NAG D . -12.86 14.66 31.34
O6 NAG D . -14.73 14.25 29.33
O7 NAG D . -11.28 19.12 32.24
C1 GOL E . -16.38 -0.83 -12.56
O1 GOL E . -16.13 0.52 -12.15
C2 GOL E . -17.85 -1.05 -12.85
O2 GOL E . -18.63 -0.67 -11.72
C3 GOL E . -18.33 -0.34 -14.09
O3 GOL E . -17.85 -0.97 -15.26
C1 GOL F . -16.30 -32.11 -10.74
O1 GOL F . -17.08 -32.19 -9.56
C2 GOL F . -16.81 -31.01 -11.65
O2 GOL F . -15.83 -30.72 -12.65
C3 GOL F . -18.12 -31.37 -12.31
O3 GOL F . -17.94 -32.37 -13.31
NA NA G . -25.84 -28.56 -33.62
CA CA H . -26.31 -28.72 -33.44
C ACT I . -31.64 -27.97 -35.18
O ACT I . -30.47 -28.35 -34.93
OXT ACT I . -32.49 -27.67 -34.32
CH3 ACT I . -32.04 -27.88 -36.66
C1 NAG J . 18.07 28.65 17.11
C2 NAG J . 19.57 28.91 17.28
C3 NAG J . 19.94 30.16 16.50
C4 NAG J . 19.52 30.01 15.03
C5 NAG J . 18.04 29.66 14.92
C6 NAG J . 17.58 29.36 13.51
C7 NAG J . 20.68 28.22 19.37
C8 NAG J . 20.92 28.55 20.81
N2 NAG J . 19.90 29.07 18.69
O3 NAG J . 21.34 30.38 16.57
O4 NAG J . 19.78 31.22 14.33
O5 NAG J . 17.75 28.50 15.72
O6 NAG J . 18.17 28.17 13.00
O7 NAG J . 21.19 27.23 18.84
C1 GOL K . -3.95 -16.46 -47.12
O1 GOL K . -2.99 -17.47 -46.87
C2 GOL K . -3.37 -15.09 -46.84
O2 GOL K . -2.22 -14.87 -47.65
C3 GOL K . -4.38 -13.99 -47.06
O3 GOL K . -4.69 -13.85 -48.44
CA CA L . -15.53 -3.66 -48.72
C ACT M . -19.25 -3.33 -49.77
O ACT M . -19.63 -2.52 -50.64
OXT ACT M . -18.10 -3.86 -49.71
CH3 ACT M . -20.26 -3.72 -48.68
C ACT N . -11.41 -1.05 -54.16
O ACT N . -12.28 -1.81 -54.62
OXT ACT N . -11.55 -0.32 -53.14
CH3 ACT N . -10.04 -1.00 -54.88
C1 NAG O . 18.25 -4.38 32.60
C2 NAG O . 17.80 -5.19 33.81
C3 NAG O . 18.74 -6.38 33.97
C4 NAG O . 18.81 -7.20 32.69
C5 NAG O . 19.18 -6.32 31.51
C6 NAG O . 19.15 -7.02 30.17
C7 NAG O . 16.69 -4.05 35.69
C8 NAG O . 16.89 -3.17 36.89
N2 NAG O . 17.80 -4.37 35.01
O3 NAG O . 18.28 -7.19 35.06
O4 NAG O . 19.77 -8.24 32.84
O5 NAG O . 18.28 -5.20 31.43
O6 NAG O . 17.82 -7.39 29.79
O7 NAG O . 15.58 -4.46 35.36
C1 GOL P . -10.94 -30.54 -37.75
O1 GOL P . -10.21 -31.39 -36.88
C2 GOL P . -12.19 -30.02 -37.06
O2 GOL P . -12.74 -28.95 -37.85
C3 GOL P . -13.21 -31.10 -36.88
O3 GOL P . -14.37 -30.60 -36.22
C ACT Q . 25.73 0.82 15.35
O ACT Q . 25.69 -0.06 14.46
OXT ACT Q . 24.80 1.06 16.16
CH3 ACT Q . 27.01 1.67 15.46
NA NA R . 3.26 -27.37 -43.06
CA CA S . 3.68 -27.66 -42.79
C1 NAG T . 7.34 -29.63 -8.50
C2 NAG T . 8.67 -30.22 -8.00
C3 NAG T . 8.49 -31.73 -7.84
C4 NAG T . 7.33 -32.03 -6.90
C5 NAG T . 6.05 -31.34 -7.40
C6 NAG T . 4.88 -31.46 -6.43
C7 NAG T . 10.65 -28.94 -8.74
C8 NAG T . 11.72 -28.82 -9.79
N2 NAG T . 9.75 -29.92 -8.92
O3 NAG T . 9.69 -32.30 -7.33
O4 NAG T . 7.11 -33.44 -6.84
O5 NAG T . 6.29 -29.93 -7.57
O6 NAG T . 5.11 -30.73 -5.22
O7 NAG T . 10.60 -28.18 -7.77
#